data_6QWS
#
_entry.id   6QWS
#
_cell.length_a   124.520
_cell.length_b   124.520
_cell.length_c   128.020
_cell.angle_alpha   90.00
_cell.angle_beta   90.00
_cell.angle_gamma   120.00
#
_symmetry.space_group_name_H-M   'P 31'
#
loop_
_entity.id
_entity.type
_entity.pdbx_description
1 polymer 'Pre-mRNA splicing helicase-like protein'
2 non-polymer 'SULFATE ION'
3 water water
#
_entity_poly.entity_id   1
_entity_poly.type   'polypeptide(L)'
_entity_poly.pdbx_seq_one_letter_code
;GAEFTNPRVRMPEGTTKRVFKGYEEIHVPPPKKRSDPTDQNIPVTELPEWARIPFNTTKTLNKIQSKCFPTAFLDDGNML
VCAPTGSGKTNVAMLTMLREIGKNRNEKGEIDLDAFKIVYIAPLKALVQEQVGNFGKRLEPYGIKVSELTGDRQLTKQQI
SETQVIVTTPEKWDVITRKATDISYTNLVRLIIIDEIHLLHDDRGPVLESIVSRTIRRTEQTGEPVRIIGLSATLPNYRD
VASFLRVDFEKGLFYFDGSYRPCPLRQEFIGVTDKKAIKQLKTMNDITYQKVLEHVGQNRNQMLIFVHSRKETAKTAKYI
RDKALEMDTINQILKHDAGTREVLQEAASSVNNTDLKDLLPYGFGIHHAGMSRADRTDVEDLFASGHIQVLVCTATLAWG
VNLPAHTVIIKGTQVYSPEKGSWVELSPQDVLQMLGRAGRPQYDTYGEGIIITTQGEIPYYLSLLNQQLPIESQLVSKLV
DSLNAEIVLGNVRNRDEGVEWLGYTYLFVRMLRSPGLYSVGAEYEDDVALEQKRVDLIHSAAMVLKKSNLIKYDEKTGKM
QATELGRIASHYYISHESMDTYNKLIHPAMNDVELFRVFAQSGEFKYIPVRQEEKLELAKLLARVPIPVKESIEEPTAKI
NVLLQAYISRLKLEGLALMADMVYVTQSAGRILRAIFEICLKKGWASVAKLALNMCKMAEKRMWPTMSPLRQYPTCPAEI
IKKAERMDVPWSSYFDLDPPRMGELLGMPKAGKTVCALVSKFPRVEIQGNVQPMTRSMLRIELTITPNFQWDVELHGVTE
SFWILVEDCDGEEILFHDVFILRKDLAEAEENEHTVEFTVPISEPMPPNYFISVISDRWMHSETRMPVSFQKLILPERFP
PHTELLDLQPLPVSALKAKDYAALYPNWQQFNKIQTQTFNSLYNTDNNVLVAAPTGSGKTVCAEFALLRHWAKKDAGRAV
YIAPFQELVDLRFQDWQKRLSHLRGGKEIVKLTGETTTDLKLLEQGDLILATPLQWDVLSRQWKRRKNVQTVELFIADDL
HMLGGQMGYIYEIVVSRMHFIRTQTELPMRIVGLSVSLANARDIGEWIDAKKHDIYNFSPHVRPVPLELHIQSYTIPHFP
SLMLAMAKPTYLAITQLSPDQPAIVFVPSRKQTRATARDLLTACLADDDEDRFLHVEVDQIRKLLDHVQEEALAEALSHG
VGYYHEALSQSDKRIVKHLYNNGAIQVLIASRDVCWELDFTAHLVVVMGTQFFEGKEHRYIDYPLSEVLQMFGKALQPSK
DGRSRGVLMLPAVKREYYKKFLNEALPVESHLHNFLPDAFVTEISTKMIESGEDAINWATFTYFYRRLLANPSYYGLQDP
THDGLSQYLSDLVETTLKQLSDARIIEMDEDEGTVAPLNAAMIAAYYNISYMTMEMFLLSLSHKSKLRTILEIVTAATEF
ESIQTRRHEEGILKRIYDHVPVKMNNPVWDSAHFKAFVLVQAHFSRMNLPIDLAKDQEVILQKILSLLSAIVDILSSEGH
LNALNAMEMSQMVVQAMWDRDSPLKQIPNFTPEVVKVANKYGINDIFDFMEQMNPEENPNYASLVKDLGLTQAQLAQAAN
FTNNKYPDITLEFEVDDPDNIRAGEPAYLKIHIERELEEDEEFDPTVHAPFYPGKKSENWWLVVGEESTKTLLAIKRVTV
GKELNVKLEFVVPSPGKHDLKLFLMSDSYVGVDQDPSFSVNVAEG
;
_entity_poly.pdbx_strand_id   A
#
# COMPACT_ATOMS: atom_id res chain seq x y z
N MET A 11 51.01 23.95 -2.54
CA MET A 11 52.11 23.46 -1.71
C MET A 11 52.45 22.00 -2.04
N PRO A 12 53.17 21.79 -3.14
CA PRO A 12 53.51 20.43 -3.55
C PRO A 12 54.83 19.95 -2.95
N GLU A 13 54.81 18.76 -2.35
CA GLU A 13 56.06 18.14 -1.90
C GLU A 13 56.93 17.75 -3.08
N GLY A 14 56.30 17.51 -4.24
CA GLY A 14 57.01 17.19 -5.47
C GLY A 14 58.18 18.10 -5.72
N THR A 15 59.35 17.51 -5.93
CA THR A 15 60.61 18.25 -5.98
C THR A 15 61.17 18.40 -7.39
N THR A 16 60.61 17.72 -8.38
CA THR A 16 61.22 17.62 -9.70
C THR A 16 60.40 18.40 -10.73
N LYS A 17 61.07 19.30 -11.46
CA LYS A 17 60.43 20.06 -12.54
C LYS A 17 61.45 20.20 -13.67
N ARG A 18 61.26 19.40 -14.72
CA ARG A 18 62.13 19.38 -15.89
C ARG A 18 61.40 20.03 -17.05
N VAL A 19 61.98 21.09 -17.61
CA VAL A 19 61.38 21.83 -18.71
C VAL A 19 61.99 21.34 -20.01
N PHE A 20 61.14 20.98 -20.97
CA PHE A 20 61.55 20.37 -22.23
C PHE A 20 61.17 21.29 -23.39
N LYS A 21 61.34 20.77 -24.61
CA LYS A 21 60.89 21.49 -25.80
C LYS A 21 59.37 21.59 -25.84
N GLY A 22 58.68 20.49 -25.60
CA GLY A 22 57.23 20.47 -25.73
C GLY A 22 56.47 20.32 -24.44
N TYR A 23 57.06 19.66 -23.44
CA TYR A 23 56.34 19.34 -22.21
C TYR A 23 57.12 19.84 -21.00
N GLU A 24 56.46 19.77 -19.84
CA GLU A 24 57.00 20.21 -18.56
C GLU A 24 56.77 19.07 -17.57
N GLU A 25 57.76 18.18 -17.45
CA GLU A 25 57.62 17.03 -16.55
C GLU A 25 57.76 17.47 -15.10
N ILE A 26 56.82 17.01 -14.27
CA ILE A 26 56.84 17.29 -12.83
C ILE A 26 56.65 15.96 -12.12
N HIS A 27 57.69 15.52 -11.41
CA HIS A 27 57.70 14.22 -10.75
C HIS A 27 57.67 14.41 -9.23
N VAL A 28 56.92 13.53 -8.56
CA VAL A 28 56.70 13.62 -7.13
C VAL A 28 57.08 12.29 -6.48
N PRO A 29 58.01 12.26 -5.52
CA PRO A 29 58.31 11.01 -4.84
C PRO A 29 57.15 10.60 -3.94
N PRO A 30 56.94 9.30 -3.74
CA PRO A 30 55.82 8.84 -2.92
C PRO A 30 56.17 8.90 -1.44
N PRO A 31 55.22 9.26 -0.58
CA PRO A 31 55.46 9.21 0.87
C PRO A 31 55.62 7.76 1.32
N LYS A 32 56.68 7.50 2.08
CA LYS A 32 57.14 6.13 2.24
C LYS A 32 57.56 5.75 3.66
N LYS A 33 57.14 6.49 4.68
CA LYS A 33 57.67 6.24 6.02
C LYS A 33 56.65 6.32 7.16
N ARG A 34 55.36 6.56 6.89
CA ARG A 34 54.38 6.70 7.96
C ARG A 34 53.68 5.36 8.20
N SER A 35 54.44 4.42 8.75
CA SER A 35 53.92 3.14 9.19
C SER A 35 54.28 2.79 10.62
N ASP A 36 55.29 3.42 11.21
CA ASP A 36 55.63 3.19 12.61
C ASP A 36 55.67 4.47 13.44
N PRO A 37 54.71 5.42 13.30
CA PRO A 37 54.50 6.38 14.40
C PRO A 37 53.80 5.72 15.56
N THR A 38 52.70 5.04 15.24
CA THR A 38 51.89 4.29 16.18
C THR A 38 51.91 2.81 15.78
N ASP A 39 51.66 1.95 16.76
CA ASP A 39 51.50 0.52 16.50
C ASP A 39 50.04 0.29 16.16
N GLN A 40 49.72 0.44 14.88
CA GLN A 40 48.35 0.35 14.37
C GLN A 40 48.02 -1.03 13.81
N ASN A 41 48.89 -2.03 14.04
CA ASN A 41 48.63 -3.36 13.53
C ASN A 41 47.39 -3.96 14.20
N ILE A 42 46.55 -4.57 13.40
CA ILE A 42 45.23 -5.06 13.82
C ILE A 42 45.31 -6.56 14.03
N PRO A 43 44.36 -7.19 14.73
CA PRO A 43 44.39 -8.64 14.87
C PRO A 43 43.91 -9.34 13.61
N VAL A 44 43.83 -10.67 13.71
CA VAL A 44 43.29 -11.54 12.67
C VAL A 44 41.78 -11.31 12.59
N THR A 45 41.14 -11.88 11.58
CA THR A 45 39.71 -11.64 11.35
C THR A 45 38.85 -12.18 12.48
N GLU A 46 39.47 -12.71 13.54
CA GLU A 46 38.72 -13.22 14.68
C GLU A 46 37.88 -12.12 15.31
N LEU A 47 36.57 -12.25 15.17
CA LEU A 47 35.54 -11.32 15.63
C LEU A 47 34.50 -12.13 16.40
N PRO A 48 33.42 -11.51 16.91
CA PRO A 48 32.23 -12.31 17.21
C PRO A 48 31.93 -13.22 16.03
N GLU A 49 31.97 -14.53 16.27
CA GLU A 49 32.13 -15.52 15.22
C GLU A 49 31.02 -15.48 14.16
N TRP A 50 29.95 -14.69 14.36
CA TRP A 50 28.94 -14.61 13.32
C TRP A 50 29.43 -13.78 12.14
N ALA A 51 30.36 -12.85 12.37
CA ALA A 51 30.76 -11.88 11.36
C ALA A 51 32.07 -12.24 10.68
N ARG A 52 32.50 -13.49 10.79
CA ARG A 52 33.77 -13.94 10.22
C ARG A 52 33.62 -14.44 8.79
N ILE A 53 32.40 -14.48 8.25
CA ILE A 53 32.15 -15.14 6.97
C ILE A 53 32.61 -14.29 5.79
N PRO A 54 32.25 -12.99 5.70
CA PRO A 54 32.70 -12.20 4.53
C PRO A 54 34.21 -12.02 4.45
N PHE A 55 34.95 -12.31 5.52
CA PHE A 55 36.40 -12.14 5.54
C PHE A 55 37.07 -13.51 5.36
N ASN A 56 37.07 -13.97 4.11
CA ASN A 56 37.63 -15.27 3.77
C ASN A 56 39.10 -15.19 3.37
N THR A 57 39.40 -14.43 2.32
CA THR A 57 40.76 -14.35 1.80
C THR A 57 41.68 -13.50 2.67
N THR A 58 41.12 -12.55 3.41
CA THR A 58 41.92 -11.65 4.22
C THR A 58 42.50 -12.39 5.43
N LYS A 59 43.84 -12.39 5.53
CA LYS A 59 44.49 -12.96 6.70
C LYS A 59 44.14 -12.14 7.95
N THR A 60 44.52 -10.86 7.94
CA THR A 60 44.22 -9.95 9.04
C THR A 60 43.66 -8.67 8.45
N LEU A 61 43.11 -7.83 9.31
CA LEU A 61 42.65 -6.51 8.88
C LEU A 61 43.85 -5.64 8.50
N ASN A 62 43.70 -4.89 7.41
CA ASN A 62 44.77 -4.00 6.96
C ASN A 62 44.71 -2.68 7.73
N LYS A 63 45.89 -2.14 8.04
CA LYS A 63 46.10 -1.06 9.00
C LYS A 63 45.03 0.01 8.99
N ILE A 64 44.49 0.35 7.81
CA ILE A 64 43.51 1.43 7.72
C ILE A 64 42.24 1.08 8.48
N GLN A 65 41.94 -0.21 8.63
CA GLN A 65 40.74 -0.63 9.32
C GLN A 65 40.92 -0.69 10.84
N SER A 66 42.15 -0.51 11.33
CA SER A 66 42.40 -0.57 12.76
C SER A 66 41.67 0.55 13.48
N LYS A 67 41.98 1.80 13.13
CA LYS A 67 41.34 2.93 13.79
C LYS A 67 39.85 2.93 13.56
N CYS A 68 39.39 2.29 12.48
CA CYS A 68 37.97 2.28 12.15
C CYS A 68 37.19 1.26 12.98
N PHE A 69 37.81 0.13 13.33
CA PHE A 69 37.05 -0.97 13.92
C PHE A 69 36.40 -0.63 15.26
N PRO A 70 37.08 0.01 16.22
CA PRO A 70 36.39 0.32 17.49
C PRO A 70 35.16 1.20 17.32
N THR A 71 35.17 2.09 16.34
CA THR A 71 34.03 2.94 16.08
C THR A 71 33.05 2.34 15.09
N ALA A 72 33.53 1.58 14.11
CA ALA A 72 32.63 1.02 13.09
C ALA A 72 31.82 -0.13 13.65
N PHE A 73 32.41 -0.94 14.53
CA PHE A 73 31.76 -2.15 15.00
C PHE A 73 31.10 -2.00 16.37
N LEU A 74 31.46 -0.99 17.15
CA LEU A 74 30.99 -0.88 18.53
C LEU A 74 30.41 0.49 18.87
N ASP A 75 30.13 1.33 17.87
CA ASP A 75 29.54 2.63 18.12
C ASP A 75 28.59 2.97 16.97
N ASP A 76 27.64 3.86 17.26
CA ASP A 76 26.58 4.18 16.32
C ASP A 76 26.70 5.57 15.69
N GLY A 77 27.66 6.39 16.12
CA GLY A 77 27.82 7.70 15.53
C GLY A 77 28.11 7.64 14.04
N ASN A 78 27.79 8.74 13.37
CA ASN A 78 28.12 8.88 11.97
C ASN A 78 29.63 8.99 11.80
N MET A 79 30.12 8.53 10.65
CA MET A 79 31.55 8.35 10.43
C MET A 79 31.94 8.91 9.07
N LEU A 80 33.10 9.54 9.03
CA LEU A 80 33.70 9.98 7.76
C LEU A 80 35.12 9.46 7.70
N VAL A 81 35.46 8.79 6.59
CA VAL A 81 36.76 8.17 6.40
C VAL A 81 37.33 8.65 5.07
N CYS A 82 38.41 9.42 5.12
CA CYS A 82 39.09 9.90 3.93
C CYS A 82 40.35 9.05 3.74
N ALA A 83 40.49 8.45 2.57
CA ALA A 83 41.54 7.48 2.32
C ALA A 83 41.82 7.44 0.82
N PRO A 84 42.91 6.79 0.40
CA PRO A 84 43.14 6.61 -1.04
C PRO A 84 42.15 5.63 -1.66
N THR A 85 42.30 5.40 -2.97
CA THR A 85 41.30 4.62 -3.70
C THR A 85 41.27 3.17 -3.23
N GLY A 86 42.38 2.47 -3.38
CA GLY A 86 42.44 1.05 -3.07
C GLY A 86 42.78 0.70 -1.64
N SER A 87 42.84 1.67 -0.73
CA SER A 87 43.28 1.43 0.63
C SER A 87 42.38 0.47 1.40
N GLY A 88 41.20 0.15 0.89
CA GLY A 88 40.35 -0.83 1.53
C GLY A 88 39.17 -0.23 2.29
N LYS A 89 38.59 0.84 1.78
CA LYS A 89 37.46 1.48 2.45
C LYS A 89 36.26 0.54 2.55
N THR A 90 36.07 -0.32 1.55
CA THR A 90 34.88 -1.17 1.51
C THR A 90 34.77 -2.04 2.75
N ASN A 91 35.90 -2.54 3.27
CA ASN A 91 35.87 -3.37 4.46
C ASN A 91 35.45 -2.59 5.70
N VAL A 92 35.79 -1.29 5.76
CA VAL A 92 35.29 -0.46 6.85
C VAL A 92 33.77 -0.31 6.75
N ALA A 93 33.26 -0.09 5.54
CA ALA A 93 31.81 -0.07 5.34
C ALA A 93 31.21 -1.43 5.66
N MET A 94 31.96 -2.51 5.47
CA MET A 94 31.48 -3.82 5.84
C MET A 94 31.27 -3.93 7.35
N LEU A 95 32.23 -3.45 8.13
CA LEU A 95 32.13 -3.51 9.59
C LEU A 95 30.90 -2.77 10.09
N THR A 96 30.59 -1.63 9.48
CA THR A 96 29.36 -0.91 9.86
C THR A 96 28.12 -1.72 9.51
N MET A 97 28.17 -2.49 8.42
CA MET A 97 27.07 -3.37 8.07
C MET A 97 27.04 -4.58 9.00
N LEU A 98 28.21 -5.12 9.36
CA LEU A 98 28.27 -6.21 10.32
C LEU A 98 27.79 -5.77 11.70
N ARG A 99 28.01 -4.51 12.05
CA ARG A 99 27.43 -4.01 13.29
C ARG A 99 25.92 -3.90 13.17
N GLU A 100 25.41 -3.67 11.97
CA GLU A 100 23.98 -3.50 11.80
C GLU A 100 23.25 -4.84 11.88
N ILE A 101 23.85 -5.91 11.36
CA ILE A 101 23.25 -7.23 11.55
C ILE A 101 23.46 -7.70 12.99
N GLY A 102 24.51 -7.21 13.65
CA GLY A 102 24.69 -7.49 15.06
C GLY A 102 23.62 -6.86 15.93
N LYS A 103 23.03 -5.76 15.46
CA LYS A 103 21.89 -5.16 16.14
C LYS A 103 20.62 -5.98 15.90
N ASN A 104 20.28 -6.21 14.64
CA ASN A 104 19.15 -7.04 14.27
C ASN A 104 19.62 -8.50 14.31
N ARG A 105 19.71 -9.04 15.52
CA ARG A 105 20.35 -10.32 15.74
C ARG A 105 19.67 -11.06 16.88
N ASN A 106 19.42 -12.35 16.66
CA ASN A 106 18.99 -13.27 17.69
C ASN A 106 20.19 -14.10 18.15
N GLU A 107 20.01 -14.84 19.25
CA GLU A 107 21.09 -15.71 19.71
C GLU A 107 21.43 -16.75 18.65
N LYS A 108 20.42 -17.44 18.12
CA LYS A 108 20.62 -18.25 16.94
C LYS A 108 21.01 -17.39 15.75
N GLY A 109 20.44 -16.20 15.66
CA GLY A 109 20.80 -15.24 14.65
C GLY A 109 19.78 -15.18 13.52
N GLU A 110 20.20 -14.51 12.45
CA GLU A 110 19.41 -14.33 11.24
C GLU A 110 18.00 -13.85 11.56
N ILE A 111 17.95 -12.63 12.10
CA ILE A 111 16.69 -12.00 12.47
C ILE A 111 15.84 -11.80 11.22
N ASP A 112 14.57 -11.48 11.40
CA ASP A 112 13.64 -11.24 10.30
C ASP A 112 14.26 -10.28 9.28
N LEU A 113 14.42 -10.79 8.05
CA LEU A 113 15.03 -10.00 6.98
C LEU A 113 14.24 -8.75 6.65
N ASP A 114 12.97 -8.69 7.08
CA ASP A 114 12.10 -7.54 6.85
C ASP A 114 12.20 -6.50 7.96
N ALA A 115 13.15 -6.64 8.88
CA ALA A 115 13.24 -5.75 10.03
C ALA A 115 14.21 -4.60 9.84
N PHE A 116 15.12 -4.70 8.86
CA PHE A 116 16.12 -3.66 8.65
C PHE A 116 16.69 -3.81 7.24
N LYS A 117 17.07 -2.67 6.65
CA LYS A 117 17.60 -2.63 5.30
C LYS A 117 18.67 -1.55 5.19
N ILE A 118 19.72 -1.85 4.44
CA ILE A 118 20.88 -0.97 4.30
C ILE A 118 20.93 -0.46 2.86
N VAL A 119 21.44 0.76 2.71
CA VAL A 119 21.55 1.39 1.40
C VAL A 119 23.00 1.84 1.19
N TYR A 120 23.54 1.58 -0.01
CA TYR A 120 24.90 1.95 -0.37
C TYR A 120 24.83 2.81 -1.62
N ILE A 121 25.18 4.09 -1.49
CA ILE A 121 25.13 5.04 -2.60
C ILE A 121 26.52 5.16 -3.20
N ALA A 122 26.64 4.86 -4.49
CA ALA A 122 27.89 5.00 -5.21
C ALA A 122 27.65 5.82 -6.47
N PRO A 123 28.65 6.61 -6.90
CA PRO A 123 28.40 7.64 -7.92
C PRO A 123 27.99 7.09 -9.28
N LEU A 124 28.78 6.19 -9.85
CA LEU A 124 28.51 5.67 -11.18
C LEU A 124 27.92 4.27 -11.11
N LYS A 125 27.29 3.86 -12.21
CA LYS A 125 26.58 2.60 -12.26
C LYS A 125 27.50 1.39 -12.37
N ALA A 126 28.79 1.60 -12.60
CA ALA A 126 29.72 0.48 -12.66
C ALA A 126 30.20 0.07 -11.28
N LEU A 127 30.37 1.04 -10.38
CA LEU A 127 30.78 0.74 -9.02
C LEU A 127 29.68 0.02 -8.24
N VAL A 128 28.41 0.27 -8.60
CA VAL A 128 27.32 -0.39 -7.88
C VAL A 128 27.12 -1.82 -8.38
N GLN A 129 27.39 -2.09 -9.66
CA GLN A 129 27.19 -3.44 -10.19
C GLN A 129 28.24 -4.40 -9.65
N GLU A 130 29.48 -3.93 -9.51
CA GLU A 130 30.49 -4.78 -8.90
C GLU A 130 30.31 -4.88 -7.39
N GLN A 131 29.54 -3.96 -6.80
CA GLN A 131 29.29 -4.03 -5.37
C GLN A 131 28.21 -5.05 -5.02
N VAL A 132 27.16 -5.15 -5.85
CA VAL A 132 26.17 -6.21 -5.64
C VAL A 132 26.76 -7.58 -5.91
N GLY A 133 27.88 -7.65 -6.63
CA GLY A 133 28.61 -8.89 -6.77
C GLY A 133 29.50 -9.14 -5.57
N ASN A 134 30.26 -8.11 -5.16
CA ASN A 134 31.17 -8.27 -4.03
C ASN A 134 30.40 -8.43 -2.72
N PHE A 135 29.42 -7.55 -2.48
CA PHE A 135 28.62 -7.67 -1.26
C PHE A 135 27.60 -8.80 -1.39
N GLY A 136 27.13 -9.10 -2.60
CA GLY A 136 26.19 -10.19 -2.76
C GLY A 136 26.80 -11.54 -2.41
N LYS A 137 28.01 -11.79 -2.88
CA LYS A 137 28.64 -13.08 -2.62
C LYS A 137 29.20 -13.18 -1.20
N ARG A 138 29.69 -12.08 -0.63
CA ARG A 138 30.17 -12.14 0.74
C ARG A 138 29.03 -12.32 1.73
N LEU A 139 27.84 -11.83 1.39
CA LEU A 139 26.70 -11.89 2.30
C LEU A 139 25.75 -13.04 2.00
N GLU A 140 25.90 -13.68 0.83
CA GLU A 140 25.13 -14.84 0.37
C GLU A 140 25.08 -15.95 1.41
N PRO A 141 26.14 -16.18 2.19
CA PRO A 141 26.01 -17.10 3.33
C PRO A 141 24.83 -16.78 4.25
N TYR A 142 24.70 -15.53 4.67
CA TYR A 142 23.48 -15.14 5.35
C TYR A 142 22.31 -15.11 4.36
N GLY A 143 21.09 -15.19 4.90
CA GLY A 143 19.91 -15.15 4.05
C GLY A 143 19.71 -13.84 3.30
N ILE A 144 20.56 -12.85 3.57
CA ILE A 144 20.42 -11.52 2.99
C ILE A 144 20.61 -11.59 1.48
N LYS A 145 19.83 -10.80 0.75
CA LYS A 145 19.96 -10.63 -0.69
C LYS A 145 20.33 -9.20 -1.00
N VAL A 146 21.41 -9.01 -1.75
CA VAL A 146 21.81 -7.71 -2.27
C VAL A 146 21.32 -7.61 -3.71
N SER A 147 20.72 -6.48 -4.07
CA SER A 147 20.16 -6.30 -5.39
C SER A 147 20.34 -4.86 -5.85
N GLU A 148 20.71 -4.69 -7.11
CA GLU A 148 20.86 -3.35 -7.69
C GLU A 148 19.48 -2.72 -7.88
N LEU A 149 19.44 -1.39 -7.79
CA LEU A 149 18.20 -0.63 -7.93
C LEU A 149 18.08 -0.12 -9.38
N THR A 150 17.66 -1.02 -10.26
CA THR A 150 17.53 -0.73 -11.69
C THR A 150 16.06 -0.62 -12.08
N GLY A 151 15.83 -0.38 -13.36
CA GLY A 151 14.50 -0.34 -13.92
C GLY A 151 13.82 1.00 -13.70
N ASP A 152 13.28 1.58 -14.77
CA ASP A 152 12.49 2.80 -14.67
C ASP A 152 11.02 2.53 -14.45
N ARG A 153 10.59 1.27 -14.56
CA ARG A 153 9.27 0.88 -14.08
C ARG A 153 9.17 1.17 -12.59
N GLN A 154 8.14 1.92 -12.21
CA GLN A 154 7.96 2.27 -10.79
C GLN A 154 7.83 1.02 -9.92
N LEU A 155 7.26 -0.05 -10.46
CA LEU A 155 7.06 -1.28 -9.69
C LEU A 155 8.32 -2.15 -9.64
N THR A 156 9.22 -2.01 -10.61
CA THR A 156 10.52 -2.69 -10.50
C THR A 156 11.32 -2.12 -9.33
N LYS A 157 11.30 -0.81 -9.17
CA LYS A 157 11.89 -0.19 -7.98
C LYS A 157 11.10 -0.53 -6.73
N GLN A 158 9.88 -1.04 -6.86
CA GLN A 158 9.08 -1.44 -5.71
C GLN A 158 9.34 -2.89 -5.32
N GLN A 159 9.55 -3.78 -6.29
CA GLN A 159 9.80 -5.19 -5.99
C GLN A 159 11.26 -5.47 -5.68
N ILE A 160 12.19 -4.70 -6.26
CA ILE A 160 13.59 -4.83 -5.90
C ILE A 160 13.82 -4.38 -4.46
N SER A 161 13.11 -3.32 -4.04
CA SER A 161 13.23 -2.82 -2.67
C SER A 161 12.66 -3.78 -1.63
N GLU A 162 12.09 -4.90 -2.05
CA GLU A 162 11.64 -5.95 -1.14
C GLU A 162 12.77 -6.89 -0.73
N THR A 163 14.01 -6.58 -1.10
CA THR A 163 15.19 -7.32 -0.69
C THR A 163 15.92 -6.51 0.39
N GLN A 164 17.04 -7.06 0.88
CA GLN A 164 17.55 -6.61 2.17
C GLN A 164 18.55 -5.46 2.09
N VAL A 165 19.57 -5.58 1.23
CA VAL A 165 20.61 -4.55 1.08
C VAL A 165 20.63 -4.10 -0.37
N ILE A 166 20.33 -2.83 -0.59
CA ILE A 166 20.25 -2.28 -1.94
C ILE A 166 21.36 -1.24 -2.13
N VAL A 167 21.94 -1.22 -3.32
CA VAL A 167 22.92 -0.21 -3.69
C VAL A 167 22.40 0.51 -4.93
N THR A 168 22.77 1.78 -5.06
CA THR A 168 22.20 2.61 -6.13
C THR A 168 23.01 3.89 -6.24
N THR A 169 22.63 4.71 -7.20
CA THR A 169 23.26 6.00 -7.44
C THR A 169 22.60 7.08 -6.61
N PRO A 170 23.22 8.25 -6.47
CA PRO A 170 22.55 9.33 -5.74
C PRO A 170 21.27 9.84 -6.42
N GLU A 171 21.23 9.89 -7.75
CA GLU A 171 20.04 10.39 -8.43
C GLU A 171 18.84 9.47 -8.23
N LYS A 172 19.03 8.17 -8.46
CA LYS A 172 17.92 7.22 -8.36
C LYS A 172 17.35 7.19 -6.94
N TRP A 173 18.21 7.14 -5.93
CA TRP A 173 17.71 7.06 -4.56
C TRP A 173 17.05 8.36 -4.12
N ASP A 174 17.49 9.50 -4.66
CA ASP A 174 16.77 10.74 -4.41
C ASP A 174 15.35 10.64 -4.94
N VAL A 175 15.21 10.24 -6.21
CA VAL A 175 13.90 10.13 -6.84
C VAL A 175 12.99 9.19 -6.06
N ILE A 176 13.55 8.08 -5.56
CA ILE A 176 12.75 7.13 -4.78
C ILE A 176 12.05 7.84 -3.63
N THR A 177 12.75 8.75 -2.96
CA THR A 177 12.19 9.44 -1.81
C THR A 177 11.38 10.67 -2.20
N ARG A 178 11.74 11.34 -3.29
CA ARG A 178 11.01 12.54 -3.70
C ARG A 178 9.54 12.23 -3.98
N LYS A 179 9.27 11.11 -4.67
CA LYS A 179 7.90 10.72 -4.98
C LYS A 179 7.23 9.97 -3.85
N ALA A 180 8.01 9.39 -2.93
CA ALA A 180 7.47 8.80 -1.70
C ALA A 180 6.43 7.72 -1.99
N THR A 181 6.68 6.92 -3.01
CA THR A 181 5.82 5.78 -3.29
C THR A 181 6.18 4.56 -2.46
N ASP A 182 7.28 4.61 -1.72
CA ASP A 182 7.78 3.46 -0.97
C ASP A 182 8.22 3.89 0.42
N ILE A 183 7.39 4.70 1.09
CA ILE A 183 7.76 5.20 2.41
C ILE A 183 7.77 4.08 3.44
N SER A 184 6.92 3.08 3.26
CA SER A 184 6.86 1.97 4.21
C SER A 184 8.18 1.21 4.32
N TYR A 185 9.03 1.30 3.29
CA TYR A 185 10.30 0.60 3.27
C TYR A 185 11.50 1.50 3.51
N THR A 186 11.42 2.78 3.16
CA THR A 186 12.50 3.70 3.51
C THR A 186 12.60 3.91 5.02
N ASN A 187 11.53 3.59 5.76
CA ASN A 187 11.59 3.65 7.21
C ASN A 187 12.35 2.46 7.80
N LEU A 188 12.38 1.33 7.08
CA LEU A 188 13.19 0.20 7.52
C LEU A 188 14.68 0.48 7.39
N VAL A 189 15.07 1.51 6.63
CA VAL A 189 16.47 1.83 6.45
C VAL A 189 17.05 2.34 7.77
N ARG A 190 18.20 1.81 8.15
CA ARG A 190 18.86 2.18 9.40
C ARG A 190 20.30 2.57 9.14
N LEU A 191 20.89 2.01 8.08
CA LEU A 191 22.28 2.27 7.73
C LEU A 191 22.37 2.70 6.27
N ILE A 192 23.10 3.78 6.01
CA ILE A 192 23.32 4.29 4.66
C ILE A 192 24.79 4.64 4.51
N ILE A 193 25.42 4.15 3.45
CA ILE A 193 26.84 4.35 3.20
C ILE A 193 27.01 5.01 1.85
N ILE A 194 27.63 6.19 1.84
CA ILE A 194 27.79 7.01 0.65
C ILE A 194 29.25 6.95 0.23
N ASP A 195 29.55 6.21 -0.83
CA ASP A 195 30.90 6.12 -1.34
C ASP A 195 31.21 7.32 -2.23
N GLU A 196 32.45 7.79 -2.18
CA GLU A 196 32.91 8.94 -2.96
C GLU A 196 32.05 10.17 -2.67
N ILE A 197 31.94 10.51 -1.39
CA ILE A 197 31.12 11.63 -0.95
C ILE A 197 31.73 12.97 -1.33
N HIS A 198 33.02 13.01 -1.69
CA HIS A 198 33.60 14.23 -2.23
C HIS A 198 32.97 14.66 -3.54
N LEU A 199 32.09 13.84 -4.11
CA LEU A 199 31.28 14.29 -5.24
C LEU A 199 30.45 15.54 -4.91
N LEU A 200 30.38 15.94 -3.64
CA LEU A 200 29.72 17.20 -3.27
C LEU A 200 30.26 18.37 -4.08
N HIS A 201 31.54 18.33 -4.45
CA HIS A 201 32.11 19.38 -5.29
C HIS A 201 31.51 19.37 -6.70
N ASP A 202 31.18 18.19 -7.22
CA ASP A 202 30.63 18.06 -8.56
C ASP A 202 29.24 18.73 -8.64
N ASP A 203 28.82 19.00 -9.87
CA ASP A 203 27.49 19.57 -10.11
C ASP A 203 26.38 18.66 -9.61
N ARG A 204 26.66 17.38 -9.41
CA ARG A 204 25.70 16.46 -8.80
C ARG A 204 25.77 16.48 -7.27
N GLY A 205 26.68 17.26 -6.70
CA GLY A 205 26.78 17.44 -5.27
C GLY A 205 25.46 17.71 -4.56
N PRO A 206 24.66 18.65 -5.07
CA PRO A 206 23.34 18.89 -4.46
C PRO A 206 22.47 17.64 -4.35
N VAL A 207 22.55 16.74 -5.33
CA VAL A 207 21.76 15.50 -5.27
C VAL A 207 22.11 14.69 -4.04
N LEU A 208 23.36 14.76 -3.58
CA LEU A 208 23.72 14.15 -2.30
C LEU A 208 23.26 15.00 -1.13
N GLU A 209 23.39 16.33 -1.27
CA GLU A 209 22.98 17.21 -0.18
C GLU A 209 21.49 17.09 0.10
N SER A 210 20.68 16.89 -0.94
CA SER A 210 19.25 16.66 -0.73
C SER A 210 19.01 15.39 0.07
N ILE A 211 19.85 14.37 -0.10
CA ILE A 211 19.63 13.08 0.53
C ILE A 211 20.06 13.12 1.99
N VAL A 212 21.29 13.57 2.25
CA VAL A 212 21.79 13.61 3.62
C VAL A 212 20.93 14.52 4.48
N SER A 213 20.53 15.67 3.93
CA SER A 213 19.79 16.66 4.70
C SER A 213 18.49 16.08 5.24
N ARG A 214 17.61 15.64 4.34
CA ARG A 214 16.27 15.22 4.76
C ARG A 214 16.33 14.02 5.70
N THR A 215 17.28 13.11 5.49
CA THR A 215 17.40 11.95 6.37
C THR A 215 17.90 12.37 7.74
N ILE A 216 18.95 13.18 7.80
CA ILE A 216 19.46 13.64 9.09
C ILE A 216 18.51 14.64 9.73
N ARG A 217 17.80 15.43 8.92
CA ARG A 217 16.83 16.36 9.49
C ARG A 217 15.71 15.62 10.22
N ARG A 218 15.11 14.63 9.56
CA ARG A 218 14.00 13.92 10.19
C ARG A 218 14.46 13.12 11.40
N THR A 219 15.57 12.39 11.26
CA THR A 219 16.07 11.58 12.38
C THR A 219 16.33 12.43 13.61
N GLU A 220 16.83 13.65 13.42
CA GLU A 220 17.03 14.55 14.55
C GLU A 220 15.72 15.13 15.05
N GLN A 221 14.62 14.98 14.30
CA GLN A 221 13.29 15.36 14.75
C GLN A 221 12.50 14.15 15.26
N THR A 222 12.35 13.12 14.41
CA THR A 222 11.50 11.98 14.77
C THR A 222 12.13 11.12 15.87
N GLY A 223 13.41 11.29 16.15
CA GLY A 223 14.12 10.45 17.09
C GLY A 223 14.48 9.08 16.57
N GLU A 224 13.87 8.63 15.47
CA GLU A 224 14.24 7.37 14.84
C GLU A 224 15.61 7.52 14.22
N PRO A 225 16.63 6.80 14.71
CA PRO A 225 17.99 7.04 14.23
C PRO A 225 18.29 6.31 12.93
N VAL A 226 19.11 6.94 12.09
CA VAL A 226 19.57 6.36 10.83
C VAL A 226 21.06 6.63 10.71
N ARG A 227 21.86 5.57 10.78
CA ARG A 227 23.32 5.69 10.76
C ARG A 227 23.83 5.99 9.36
N ILE A 228 24.84 6.86 9.27
CA ILE A 228 25.38 7.30 7.99
C ILE A 228 26.90 7.17 8.03
N ILE A 229 27.47 6.57 6.99
CA ILE A 229 28.91 6.31 6.90
C ILE A 229 29.41 6.98 5.62
N GLY A 230 30.29 7.98 5.79
CA GLY A 230 30.84 8.71 4.66
C GLY A 230 32.22 8.21 4.30
N LEU A 231 32.40 7.90 3.02
CA LEU A 231 33.67 7.43 2.48
C LEU A 231 34.13 8.42 1.42
N SER A 232 35.17 9.18 1.72
CA SER A 232 35.62 10.28 0.88
C SER A 232 37.03 10.00 0.37
N ALA A 233 37.61 11.01 -0.28
CA ALA A 233 39.01 11.01 -0.67
C ALA A 233 39.78 11.96 0.23
N THR A 234 41.10 11.81 0.22
CA THR A 234 41.96 12.70 1.00
C THR A 234 42.01 14.08 0.37
N LEU A 235 41.14 14.98 0.81
CA LEU A 235 40.99 16.31 0.24
C LEU A 235 40.74 17.31 1.35
N PRO A 236 41.12 18.58 1.15
CA PRO A 236 40.98 19.58 2.22
C PRO A 236 39.53 19.82 2.58
N ASN A 237 39.35 20.61 3.64
CA ASN A 237 38.06 20.87 4.29
C ASN A 237 37.22 19.58 4.39
N TYR A 238 37.88 18.46 4.67
CA TYR A 238 37.17 17.22 4.97
C TYR A 238 36.37 17.35 6.26
N ARG A 239 36.87 18.14 7.22
CA ARG A 239 36.15 18.39 8.46
C ARG A 239 34.87 19.19 8.24
N ASP A 240 34.63 19.68 7.02
CA ASP A 240 33.39 20.38 6.73
C ASP A 240 32.28 19.38 6.38
N VAL A 241 32.56 18.46 5.45
CA VAL A 241 31.63 17.37 5.20
C VAL A 241 31.52 16.46 6.41
N ALA A 242 32.45 16.56 7.36
CA ALA A 242 32.37 15.76 8.58
C ALA A 242 31.28 16.27 9.51
N SER A 243 31.36 17.56 9.88
CA SER A 243 30.28 18.18 10.64
C SER A 243 28.99 18.27 9.85
N PHE A 244 29.07 18.28 8.51
CA PHE A 244 27.87 18.20 7.69
C PHE A 244 27.18 16.85 7.85
N LEU A 245 27.96 15.76 7.91
CA LEU A 245 27.41 14.44 8.19
C LEU A 245 27.13 14.20 9.67
N ARG A 246 27.36 15.20 10.52
CA ARG A 246 27.10 15.12 11.96
C ARG A 246 27.88 13.98 12.60
N VAL A 247 29.20 14.10 12.56
CA VAL A 247 30.09 13.11 13.16
C VAL A 247 30.81 13.76 14.35
N ASP A 248 31.11 12.95 15.36
CA ASP A 248 31.91 13.41 16.49
C ASP A 248 33.38 13.25 16.14
N PHE A 249 34.11 14.36 16.18
CA PHE A 249 35.51 14.32 15.78
C PHE A 249 36.35 13.48 16.73
N GLU A 250 35.85 13.23 17.94
CA GLU A 250 36.56 12.42 18.92
C GLU A 250 36.43 10.93 18.65
N LYS A 251 35.44 10.51 17.89
CA LYS A 251 35.17 9.09 17.77
C LYS A 251 35.13 8.59 16.33
N GLY A 252 34.58 9.36 15.40
CA GLY A 252 34.35 8.85 14.06
C GLY A 252 34.89 9.67 12.90
N LEU A 253 36.06 10.30 13.09
CA LEU A 253 36.72 11.05 12.02
C LEU A 253 38.11 10.47 11.81
N PHE A 254 38.40 10.08 10.57
CA PHE A 254 39.66 9.45 10.21
C PHE A 254 40.22 10.09 8.95
N TYR A 255 41.51 10.39 8.97
CA TYR A 255 42.19 11.05 7.87
C TYR A 255 43.57 10.42 7.72
N PHE A 256 43.95 10.11 6.48
CA PHE A 256 45.16 9.33 6.26
C PHE A 256 45.92 9.88 5.06
N ASP A 257 47.22 10.09 5.24
CA ASP A 257 48.09 10.61 4.19
C ASP A 257 48.21 9.62 3.03
N GLY A 258 48.92 10.01 1.98
CA GLY A 258 49.28 9.07 0.93
C GLY A 258 50.14 7.92 1.40
N SER A 259 50.62 7.97 2.65
CA SER A 259 51.41 6.91 3.25
C SER A 259 50.56 5.74 3.74
N TYR A 260 49.29 5.70 3.39
CA TYR A 260 48.43 4.57 3.72
C TYR A 260 47.88 3.86 2.49
N ARG A 261 48.32 4.26 1.29
CA ARG A 261 48.04 3.46 0.10
C ARG A 261 48.63 2.07 0.29
N PRO A 262 47.92 1.01 -0.12
CA PRO A 262 48.53 -0.32 -0.08
C PRO A 262 49.74 -0.41 -0.98
N CYS A 263 49.71 0.26 -2.12
CA CYS A 263 50.81 0.29 -3.06
C CYS A 263 51.25 1.74 -3.25
N PRO A 264 52.53 2.07 -3.04
CA PRO A 264 52.97 3.45 -3.20
C PRO A 264 52.72 3.95 -4.62
N LEU A 265 52.37 5.22 -4.74
CA LEU A 265 52.00 5.83 -6.00
C LEU A 265 52.95 6.98 -6.31
N ARG A 266 53.76 6.82 -7.35
CA ARG A 266 54.54 7.92 -7.90
C ARG A 266 53.68 8.70 -8.89
N GLN A 267 53.85 10.02 -8.90
CA GLN A 267 53.06 10.89 -9.76
C GLN A 267 53.99 11.56 -10.76
N GLU A 268 53.69 11.41 -12.05
CA GLU A 268 54.45 12.01 -13.13
C GLU A 268 53.52 12.93 -13.93
N PHE A 269 53.63 14.23 -13.70
CA PHE A 269 52.82 15.21 -14.39
C PHE A 269 53.53 15.70 -15.64
N ILE A 270 52.78 15.85 -16.73
CA ILE A 270 53.33 16.25 -18.02
C ILE A 270 52.42 17.29 -18.66
N GLY A 271 52.84 18.55 -18.59
CA GLY A 271 52.07 19.65 -19.16
C GLY A 271 52.63 20.04 -20.52
N VAL A 272 51.78 19.93 -21.54
CA VAL A 272 52.20 20.21 -22.90
C VAL A 272 52.23 21.71 -23.14
N THR A 273 53.03 22.12 -24.13
CA THR A 273 53.11 23.52 -24.55
C THR A 273 51.71 24.11 -24.73
N ASP A 274 51.49 25.28 -24.13
CA ASP A 274 50.20 25.94 -24.16
C ASP A 274 49.82 26.44 -25.55
N LYS A 275 50.59 26.15 -26.59
CA LYS A 275 50.21 26.48 -27.96
C LYS A 275 49.07 25.56 -28.37
N LYS A 276 47.87 25.95 -27.99
CA LYS A 276 46.68 25.09 -28.14
C LYS A 276 46.35 24.88 -29.60
N ALA A 277 46.44 23.62 -30.05
CA ALA A 277 46.09 23.22 -31.40
C ALA A 277 46.01 21.70 -31.41
N ILE A 278 45.74 21.13 -32.59
CA ILE A 278 45.88 19.69 -32.75
C ILE A 278 47.33 19.27 -32.79
N LYS A 279 48.24 20.22 -33.00
CA LYS A 279 49.66 19.96 -32.80
C LYS A 279 49.98 19.70 -31.33
N GLN A 280 49.10 20.13 -30.42
CA GLN A 280 49.23 19.73 -29.03
C GLN A 280 48.73 18.31 -28.81
N LEU A 281 47.82 17.83 -29.65
CA LEU A 281 47.44 16.43 -29.64
C LEU A 281 48.54 15.55 -30.21
N LYS A 282 49.29 16.06 -31.19
CA LYS A 282 50.40 15.31 -31.75
C LYS A 282 51.49 15.08 -30.72
N THR A 283 51.82 16.12 -29.95
CA THR A 283 52.82 15.95 -28.88
C THR A 283 52.29 15.07 -27.76
N MET A 284 50.98 15.09 -27.50
CA MET A 284 50.41 14.15 -26.55
C MET A 284 50.52 12.72 -27.06
N ASN A 285 50.29 12.52 -28.36
CA ASN A 285 50.39 11.18 -28.92
C ASN A 285 51.83 10.69 -28.96
N ASP A 286 52.79 11.59 -29.15
CA ASP A 286 54.19 11.19 -29.16
C ASP A 286 54.67 10.82 -27.76
N ILE A 287 54.30 11.62 -26.76
CA ILE A 287 54.71 11.35 -25.38
C ILE A 287 54.21 9.97 -24.95
N THR A 288 52.99 9.61 -25.36
CA THR A 288 52.47 8.29 -25.03
C THR A 288 53.24 7.19 -25.75
N TYR A 289 53.67 7.43 -26.99
CA TYR A 289 54.48 6.45 -27.70
C TYR A 289 55.84 6.26 -27.03
N GLN A 290 56.49 7.35 -26.61
CA GLN A 290 57.76 7.23 -25.91
C GLN A 290 57.60 6.55 -24.57
N LYS A 291 56.53 6.89 -23.83
CA LYS A 291 56.26 6.25 -22.56
C LYS A 291 55.83 4.80 -22.70
N VAL A 292 55.50 4.35 -23.91
CA VAL A 292 55.25 2.93 -24.14
C VAL A 292 56.56 2.17 -24.30
N LEU A 293 57.44 2.66 -25.17
CA LEU A 293 58.76 2.05 -25.31
C LEU A 293 59.52 2.05 -23.99
N GLU A 294 59.21 2.99 -23.09
CA GLU A 294 59.95 3.12 -21.84
C GLU A 294 59.45 2.16 -20.77
N HIS A 295 58.16 1.87 -20.75
CA HIS A 295 57.56 1.12 -19.64
C HIS A 295 57.30 -0.34 -19.96
N VAL A 296 56.75 -0.66 -21.13
CA VAL A 296 56.53 -2.07 -21.47
C VAL A 296 57.74 -2.65 -22.21
N GLY A 297 58.38 -1.86 -23.06
CA GLY A 297 59.52 -2.36 -23.82
C GLY A 297 60.79 -2.51 -23.00
N GLN A 298 60.97 -1.67 -22.00
CA GLN A 298 62.20 -1.66 -21.21
C GLN A 298 62.01 -2.12 -19.77
N ASN A 299 60.90 -1.75 -19.12
CA ASN A 299 60.70 -2.03 -17.71
C ASN A 299 59.95 -3.32 -17.43
N ARG A 300 59.51 -4.04 -18.46
CA ARG A 300 58.70 -5.27 -18.30
C ARG A 300 57.43 -4.96 -17.51
N ASN A 301 56.62 -4.08 -18.07
CA ASN A 301 55.36 -3.68 -17.44
C ASN A 301 54.23 -3.80 -18.44
N GLN A 302 53.02 -3.90 -17.92
CA GLN A 302 51.81 -3.79 -18.72
C GLN A 302 51.04 -2.59 -18.20
N MET A 303 50.76 -1.64 -19.08
CA MET A 303 50.13 -0.38 -18.74
C MET A 303 48.73 -0.34 -19.34
N LEU A 304 47.94 0.62 -18.85
CA LEU A 304 46.63 0.87 -19.45
C LEU A 304 46.44 2.37 -19.58
N ILE A 305 46.03 2.79 -20.78
CA ILE A 305 45.92 4.20 -21.14
C ILE A 305 44.47 4.62 -21.06
N PHE A 306 44.19 5.68 -20.31
CA PHE A 306 42.84 6.18 -20.11
C PHE A 306 42.56 7.31 -21.09
N VAL A 307 41.56 7.10 -21.97
CA VAL A 307 41.04 8.15 -22.84
C VAL A 307 39.60 8.39 -22.45
N HIS A 308 38.96 9.38 -23.08
CA HIS A 308 37.62 9.79 -22.68
C HIS A 308 36.58 9.66 -23.78
N SER A 309 36.98 9.24 -24.97
CA SER A 309 36.05 8.95 -26.05
C SER A 309 36.03 7.44 -26.27
N ARG A 310 34.83 6.90 -26.51
CA ARG A 310 34.71 5.49 -26.85
C ARG A 310 35.39 5.14 -28.16
N LYS A 311 35.88 6.13 -28.91
CA LYS A 311 36.59 5.90 -30.15
C LYS A 311 38.02 6.42 -30.14
N GLU A 312 38.34 7.43 -29.33
CA GLU A 312 39.73 7.84 -29.17
C GLU A 312 40.57 6.72 -28.58
N THR A 313 39.95 5.73 -27.95
CA THR A 313 40.66 4.50 -27.60
C THR A 313 41.11 3.77 -28.85
N ALA A 314 40.29 3.79 -29.91
CA ALA A 314 40.67 3.15 -31.16
C ALA A 314 41.82 3.90 -31.82
N LYS A 315 41.70 5.23 -31.94
CA LYS A 315 42.73 6.02 -32.59
C LYS A 315 44.06 5.94 -31.83
N THR A 316 43.98 5.92 -30.49
CA THR A 316 45.21 5.90 -29.69
C THR A 316 45.92 4.55 -29.79
N ALA A 317 45.16 3.45 -29.75
CA ALA A 317 45.79 2.13 -29.83
C ALA A 317 46.50 1.95 -31.17
N LYS A 318 45.78 2.17 -32.27
CA LYS A 318 46.39 2.01 -33.59
C LYS A 318 47.55 2.97 -33.79
N TYR A 319 47.47 4.19 -33.23
CA TYR A 319 48.55 5.15 -33.42
C TYR A 319 49.85 4.65 -32.82
N ILE A 320 49.79 4.06 -31.63
CA ILE A 320 51.02 3.63 -30.96
C ILE A 320 51.65 2.45 -31.69
N ARG A 321 50.83 1.52 -32.19
CA ARG A 321 51.37 0.39 -32.93
C ARG A 321 51.82 0.80 -34.34
N ASP A 322 51.07 1.70 -34.98
CA ASP A 322 51.49 2.19 -36.29
C ASP A 322 52.76 3.02 -36.18
N LYS A 323 52.88 3.85 -35.13
CA LYS A 323 54.13 4.55 -34.89
C LYS A 323 55.23 3.59 -34.48
N ALA A 324 54.87 2.46 -33.87
CA ALA A 324 55.84 1.41 -33.58
C ALA A 324 56.15 0.57 -34.81
N LEU A 325 55.25 0.55 -35.80
CA LEU A 325 55.59 -0.05 -37.08
C LEU A 325 56.72 0.72 -37.75
N GLU A 326 56.59 2.04 -37.84
CA GLU A 326 57.74 2.88 -38.11
C GLU A 326 58.72 2.79 -36.94
N MET A 327 59.94 3.29 -37.16
CA MET A 327 60.98 3.33 -36.14
C MET A 327 61.42 1.92 -35.75
N ASP A 328 60.78 0.91 -36.32
CA ASP A 328 61.08 -0.50 -36.08
C ASP A 328 61.24 -0.77 -34.58
N THR A 329 60.17 -0.54 -33.83
CA THR A 329 60.20 -0.70 -32.37
C THR A 329 59.15 -1.67 -31.85
N ILE A 330 58.40 -2.35 -32.70
CA ILE A 330 57.33 -3.23 -32.24
C ILE A 330 57.91 -4.39 -31.45
N ASN A 331 59.00 -4.98 -31.93
CA ASN A 331 59.59 -6.15 -31.30
C ASN A 331 60.12 -5.87 -29.90
N GLN A 332 60.17 -4.61 -29.48
CA GLN A 332 60.51 -4.31 -28.09
C GLN A 332 59.31 -4.48 -27.16
N ILE A 333 58.10 -4.27 -27.68
CA ILE A 333 56.91 -4.38 -26.84
C ILE A 333 56.43 -5.82 -26.77
N LEU A 334 56.68 -6.61 -27.82
CA LEU A 334 56.15 -7.96 -27.90
C LEU A 334 56.85 -8.89 -26.91
N LYS A 335 56.15 -9.96 -26.55
CA LYS A 335 56.70 -11.09 -25.80
C LYS A 335 56.84 -12.24 -26.79
N HIS A 336 58.08 -12.53 -27.18
CA HIS A 336 58.34 -13.34 -28.37
C HIS A 336 58.27 -14.85 -28.11
N ASP A 337 57.86 -15.28 -26.92
CA ASP A 337 57.68 -16.70 -26.69
C ASP A 337 56.46 -17.21 -27.46
N ALA A 338 56.48 -18.50 -27.80
CA ALA A 338 55.35 -19.10 -28.49
C ALA A 338 54.16 -19.34 -27.57
N GLY A 339 54.35 -19.31 -26.26
CA GLY A 339 53.23 -19.57 -25.35
C GLY A 339 52.19 -18.48 -25.41
N THR A 340 52.61 -17.23 -25.22
CA THR A 340 51.68 -16.11 -25.29
C THR A 340 51.27 -15.80 -26.72
N ARG A 341 52.13 -16.15 -27.69
CA ARG A 341 51.79 -15.90 -29.08
C ARG A 341 50.65 -16.81 -29.56
N GLU A 342 50.54 -18.00 -28.98
CA GLU A 342 49.44 -18.89 -29.35
C GLU A 342 48.11 -18.39 -28.79
N VAL A 343 48.08 -18.10 -27.48
CA VAL A 343 46.83 -17.69 -26.84
C VAL A 343 46.35 -16.36 -27.39
N LEU A 344 47.27 -15.38 -27.49
CA LEU A 344 46.87 -14.04 -27.90
C LEU A 344 46.34 -14.02 -29.33
N GLN A 345 46.99 -14.75 -30.24
CA GLN A 345 46.63 -14.66 -31.65
C GLN A 345 45.36 -15.45 -31.96
N GLU A 346 45.40 -16.76 -31.75
CA GLU A 346 44.32 -17.62 -32.22
C GLU A 346 43.03 -17.40 -31.43
N ALA A 347 43.13 -17.30 -30.11
CA ALA A 347 41.93 -17.10 -29.31
C ALA A 347 41.30 -15.73 -29.57
N ALA A 348 42.09 -14.67 -29.38
CA ALA A 348 41.51 -13.33 -29.35
C ALA A 348 41.00 -12.88 -30.71
N SER A 349 41.80 -13.07 -31.77
CA SER A 349 41.44 -12.50 -33.06
C SER A 349 40.24 -13.20 -33.69
N SER A 350 40.03 -14.47 -33.38
CA SER A 350 38.98 -15.25 -34.04
C SER A 350 37.69 -15.35 -33.23
N VAL A 351 37.78 -15.33 -31.90
CA VAL A 351 36.59 -15.59 -31.08
C VAL A 351 35.67 -14.37 -31.07
N ASN A 352 36.17 -13.22 -30.63
CA ASN A 352 35.30 -12.08 -30.37
C ASN A 352 34.74 -11.51 -31.67
N ASN A 353 33.61 -10.81 -31.55
CA ASN A 353 32.96 -10.20 -32.69
C ASN A 353 33.43 -8.77 -32.93
N THR A 354 33.82 -8.05 -31.88
CA THR A 354 34.30 -6.67 -32.02
C THR A 354 35.54 -6.65 -32.90
N ASP A 355 35.42 -6.06 -34.09
CA ASP A 355 36.42 -6.22 -35.13
C ASP A 355 37.59 -5.24 -35.03
N LEU A 356 37.36 -4.07 -34.44
CA LEU A 356 38.44 -3.08 -34.38
C LEU A 356 39.60 -3.56 -33.54
N LYS A 357 39.34 -4.45 -32.58
CA LYS A 357 40.39 -5.06 -31.77
C LYS A 357 40.97 -6.32 -32.39
N ASP A 358 40.61 -6.63 -33.64
CA ASP A 358 41.31 -7.70 -34.34
C ASP A 358 42.75 -7.32 -34.69
N LEU A 359 43.15 -6.09 -34.36
CA LEU A 359 44.52 -5.64 -34.49
C LEU A 359 45.24 -5.65 -33.13
N LEU A 360 44.73 -6.41 -32.17
CA LEU A 360 45.33 -6.62 -30.86
C LEU A 360 46.56 -7.55 -30.84
N PRO A 361 46.73 -8.55 -31.77
CA PRO A 361 47.84 -9.52 -31.60
C PRO A 361 49.22 -8.91 -31.40
N TYR A 362 49.33 -7.60 -31.55
CA TYR A 362 50.56 -6.86 -31.27
C TYR A 362 50.67 -6.49 -29.79
N GLY A 363 50.01 -7.24 -28.91
CA GLY A 363 49.98 -6.94 -27.50
C GLY A 363 48.98 -5.90 -27.08
N PHE A 364 48.48 -5.09 -28.00
CA PHE A 364 47.58 -4.01 -27.67
C PHE A 364 46.22 -4.56 -27.24
N GLY A 365 45.41 -3.67 -26.66
CA GLY A 365 44.08 -4.04 -26.21
C GLY A 365 43.13 -2.87 -26.14
N ILE A 366 41.87 -3.09 -26.47
CA ILE A 366 40.85 -2.05 -26.46
C ILE A 366 39.83 -2.39 -25.39
N HIS A 367 39.19 -1.35 -24.84
CA HIS A 367 38.15 -1.56 -23.84
C HIS A 367 37.32 -0.30 -23.74
N HIS A 368 36.00 -0.45 -23.84
CA HIS A 368 35.07 0.66 -23.65
C HIS A 368 33.68 0.06 -23.51
N ALA A 369 32.71 0.93 -23.19
CA ALA A 369 31.36 0.46 -22.95
C ALA A 369 30.73 -0.13 -24.21
N GLY A 370 30.98 0.48 -25.36
CA GLY A 370 30.38 0.03 -26.61
C GLY A 370 31.00 -1.23 -27.18
N MET A 371 31.09 -2.28 -26.37
CA MET A 371 31.67 -3.55 -26.79
C MET A 371 30.90 -4.69 -26.16
N SER A 372 30.97 -5.86 -26.82
CA SER A 372 30.32 -7.05 -26.30
C SER A 372 30.78 -7.34 -24.88
N ARG A 373 29.81 -7.56 -23.98
CA ARG A 373 30.14 -7.78 -22.58
C ARG A 373 31.06 -8.98 -22.40
N ALA A 374 30.98 -9.96 -23.28
CA ALA A 374 31.92 -11.08 -23.25
C ALA A 374 33.28 -10.71 -23.84
N ASP A 375 33.33 -9.68 -24.69
CA ASP A 375 34.61 -9.20 -25.20
C ASP A 375 35.32 -8.33 -24.18
N ARG A 376 34.57 -7.59 -23.36
CA ARG A 376 35.15 -6.79 -22.29
C ARG A 376 35.57 -7.63 -21.09
N THR A 377 35.14 -8.88 -21.03
CA THR A 377 35.67 -9.82 -20.05
C THR A 377 36.84 -10.63 -20.60
N ASP A 378 37.00 -10.67 -21.92
CA ASP A 378 38.16 -11.33 -22.50
C ASP A 378 39.42 -10.51 -22.28
N VAL A 379 39.43 -9.26 -22.76
CA VAL A 379 40.56 -8.36 -22.49
C VAL A 379 40.80 -8.24 -21.00
N GLU A 380 39.72 -8.24 -20.22
CA GLU A 380 39.83 -8.23 -18.77
C GLU A 380 40.62 -9.44 -18.27
N ASP A 381 40.33 -10.63 -18.81
CA ASP A 381 40.99 -11.84 -18.36
C ASP A 381 42.35 -12.03 -19.02
N LEU A 382 42.55 -11.48 -20.21
CA LEU A 382 43.86 -11.56 -20.85
C LEU A 382 44.86 -10.64 -20.16
N PHE A 383 44.42 -9.43 -19.80
CA PHE A 383 45.27 -8.50 -19.08
C PHE A 383 45.72 -9.07 -17.73
N ALA A 384 44.91 -9.96 -17.15
CA ALA A 384 45.25 -10.54 -15.85
C ALA A 384 46.38 -11.53 -15.96
N SER A 385 46.32 -12.43 -16.95
CA SER A 385 47.35 -13.44 -17.13
C SER A 385 48.65 -12.86 -17.70
N GLY A 386 48.65 -11.61 -18.13
CA GLY A 386 49.84 -11.00 -18.70
C GLY A 386 49.97 -11.26 -20.19
N HIS A 387 48.86 -11.15 -20.92
CA HIS A 387 48.83 -11.40 -22.36
C HIS A 387 48.82 -10.12 -23.18
N ILE A 388 47.97 -9.17 -22.84
CA ILE A 388 48.00 -7.86 -23.47
C ILE A 388 48.87 -6.93 -22.62
N GLN A 389 49.68 -6.13 -23.28
CA GLN A 389 50.62 -5.25 -22.59
C GLN A 389 50.05 -3.84 -22.40
N VAL A 390 49.70 -3.18 -23.49
CA VAL A 390 49.08 -1.85 -23.43
C VAL A 390 47.59 -2.01 -23.65
N LEU A 391 46.81 -1.16 -22.98
CA LEU A 391 45.36 -1.31 -22.96
C LEU A 391 44.73 0.08 -22.87
N VAL A 392 44.33 0.63 -24.00
CA VAL A 392 43.61 1.89 -24.04
C VAL A 392 42.15 1.65 -23.68
N CYS A 393 41.57 2.54 -22.89
CA CYS A 393 40.25 2.29 -22.31
C CYS A 393 39.64 3.60 -21.83
N THR A 394 38.31 3.58 -21.69
CA THR A 394 37.57 4.69 -21.15
C THR A 394 37.35 4.48 -19.64
N ALA A 395 36.72 5.48 -19.01
CA ALA A 395 36.58 5.53 -17.56
C ALA A 395 35.68 4.41 -17.04
N THR A 396 35.11 3.62 -17.93
CA THR A 396 34.14 2.61 -17.53
C THR A 396 34.76 1.52 -16.65
N LEU A 397 36.04 1.21 -16.85
CA LEU A 397 36.68 0.15 -16.06
C LEU A 397 37.51 0.68 -14.90
N ALA A 398 37.83 1.97 -14.90
CA ALA A 398 38.36 2.59 -13.68
C ALA A 398 37.39 2.39 -12.53
N TRP A 399 36.10 2.49 -12.80
CA TRP A 399 35.05 2.24 -11.82
C TRP A 399 34.60 0.78 -11.93
N GLY A 400 34.72 0.04 -10.84
CA GLY A 400 34.02 -1.23 -10.72
C GLY A 400 34.64 -2.43 -11.39
N VAL A 401 35.96 -2.55 -11.37
CA VAL A 401 36.66 -3.80 -11.67
C VAL A 401 38.04 -3.71 -11.05
N ASN A 402 38.45 -4.76 -10.34
CA ASN A 402 39.78 -4.80 -9.72
C ASN A 402 40.75 -5.40 -10.74
N LEU A 403 41.35 -4.53 -11.55
CA LEU A 403 42.31 -4.93 -12.58
C LEU A 403 43.41 -3.88 -12.63
N PRO A 404 44.40 -3.99 -11.78
CA PRO A 404 45.43 -2.96 -11.70
C PRO A 404 46.52 -3.16 -12.74
N ALA A 405 47.34 -2.11 -12.88
CA ALA A 405 48.51 -2.15 -13.75
C ALA A 405 49.64 -1.36 -13.09
N HIS A 406 50.87 -1.66 -13.51
CA HIS A 406 52.03 -0.99 -12.95
C HIS A 406 51.94 0.52 -13.18
N THR A 407 51.72 0.94 -14.42
CA THR A 407 51.60 2.34 -14.76
C THR A 407 50.25 2.60 -15.42
N VAL A 408 49.77 3.84 -15.29
CA VAL A 408 48.55 4.28 -15.96
C VAL A 408 48.80 5.65 -16.56
N ILE A 409 48.17 5.91 -17.70
CA ILE A 409 48.37 7.15 -18.45
C ILE A 409 47.00 7.78 -18.69
N ILE A 410 46.73 8.89 -18.04
CA ILE A 410 45.61 9.74 -18.43
C ILE A 410 46.07 10.49 -19.68
N LYS A 411 45.66 9.98 -20.84
CA LYS A 411 46.05 10.54 -22.14
C LYS A 411 44.97 11.52 -22.58
N GLY A 412 45.29 12.82 -22.52
CA GLY A 412 44.33 13.88 -22.74
C GLY A 412 43.58 14.12 -21.44
N THR A 413 43.07 15.34 -21.20
CA THR A 413 42.49 15.68 -19.91
C THR A 413 41.17 16.43 -20.00
N GLN A 414 40.75 16.87 -21.18
CA GLN A 414 39.51 17.61 -21.36
C GLN A 414 38.49 16.73 -22.06
N VAL A 415 37.27 16.72 -21.54
CA VAL A 415 36.17 15.98 -22.12
C VAL A 415 35.06 16.96 -22.44
N TYR A 416 34.13 16.51 -23.29
CA TYR A 416 33.02 17.35 -23.74
C TYR A 416 31.77 16.99 -22.93
N SER A 417 31.34 17.92 -22.07
CA SER A 417 30.12 17.71 -21.31
C SER A 417 28.96 18.30 -22.10
N PRO A 418 28.05 17.48 -22.65
CA PRO A 418 26.91 18.05 -23.38
C PRO A 418 26.02 18.92 -22.50
N GLU A 419 26.11 18.79 -21.18
CA GLU A 419 25.37 19.68 -20.28
C GLU A 419 25.79 21.13 -20.50
N LYS A 420 27.09 21.37 -20.58
CA LYS A 420 27.62 22.71 -20.77
C LYS A 420 27.92 23.04 -22.24
N GLY A 421 27.63 22.12 -23.16
CA GLY A 421 27.82 22.35 -24.58
C GLY A 421 29.22 22.81 -24.96
N SER A 422 30.19 22.54 -24.10
CA SER A 422 31.55 23.00 -24.30
C SER A 422 32.50 22.03 -23.62
N TRP A 423 33.72 21.95 -24.15
CA TRP A 423 34.72 21.07 -23.56
C TRP A 423 35.15 21.60 -22.20
N VAL A 424 35.25 20.70 -21.22
CA VAL A 424 35.62 21.04 -19.87
C VAL A 424 36.57 19.98 -19.33
N GLU A 425 37.39 20.37 -18.37
CA GLU A 425 38.43 19.50 -17.85
C GLU A 425 37.81 18.30 -17.10
N LEU A 426 38.67 17.37 -16.72
CA LEU A 426 38.23 16.15 -16.06
C LEU A 426 37.65 16.44 -14.68
N SER A 427 36.73 15.58 -14.25
CA SER A 427 36.21 15.68 -12.90
C SER A 427 37.21 15.11 -11.90
N PRO A 428 37.25 15.65 -10.68
CA PRO A 428 38.15 15.07 -9.67
C PRO A 428 37.89 13.60 -9.38
N GLN A 429 36.63 13.15 -9.47
CA GLN A 429 36.29 11.78 -9.09
C GLN A 429 36.83 10.77 -10.10
N ASP A 430 36.99 11.17 -11.36
CA ASP A 430 37.48 10.25 -12.37
C ASP A 430 38.99 10.01 -12.24
N VAL A 431 39.77 11.08 -12.04
CA VAL A 431 41.22 10.94 -12.06
C VAL A 431 41.71 10.19 -10.82
N LEU A 432 41.00 10.32 -9.69
CA LEU A 432 41.41 9.59 -8.49
C LEU A 432 41.06 8.11 -8.58
N GLN A 433 39.97 7.78 -9.29
CA GLN A 433 39.63 6.38 -9.48
C GLN A 433 40.55 5.71 -10.49
N MET A 434 40.99 6.47 -11.50
CA MET A 434 41.92 5.93 -12.49
C MET A 434 43.27 5.62 -11.88
N LEU A 435 43.87 6.61 -11.21
CA LEU A 435 45.16 6.40 -10.57
C LEU A 435 45.10 5.37 -9.45
N GLY A 436 43.90 5.11 -8.91
CA GLY A 436 43.75 4.00 -7.99
C GLY A 436 44.05 2.66 -8.63
N ARG A 437 43.89 2.56 -9.95
CA ARG A 437 44.23 1.37 -10.71
C ARG A 437 45.71 1.28 -11.05
N ALA A 438 46.55 2.09 -10.42
CA ALA A 438 47.98 2.14 -10.70
C ALA A 438 48.71 1.49 -9.53
N GLY A 439 49.33 0.33 -9.79
CA GLY A 439 50.12 -0.34 -8.78
C GLY A 439 49.50 -1.61 -8.23
N ARG A 440 49.97 -2.75 -8.70
CA ARG A 440 49.52 -4.02 -8.14
C ARG A 440 50.02 -4.14 -6.71
N PRO A 441 49.13 -4.39 -5.73
CA PRO A 441 49.56 -4.30 -4.33
C PRO A 441 50.55 -5.37 -3.91
N GLN A 442 50.35 -6.62 -4.33
CA GLN A 442 51.21 -7.71 -3.90
C GLN A 442 52.41 -7.92 -4.82
N TYR A 443 52.30 -7.55 -6.09
CA TYR A 443 53.36 -7.83 -7.04
C TYR A 443 54.33 -6.66 -7.17
N ASP A 444 53.83 -5.46 -7.47
CA ASP A 444 54.68 -4.32 -7.75
C ASP A 444 55.18 -3.67 -6.45
N THR A 445 56.40 -3.14 -6.52
CA THR A 445 56.96 -2.39 -5.40
C THR A 445 56.39 -0.97 -5.34
N TYR A 446 55.95 -0.44 -6.49
CA TYR A 446 55.37 0.90 -6.55
C TYR A 446 54.47 0.99 -7.77
N GLY A 447 53.79 2.11 -7.89
CA GLY A 447 52.92 2.37 -9.03
C GLY A 447 53.18 3.75 -9.58
N GLU A 448 53.23 3.86 -10.90
CA GLU A 448 53.55 5.10 -11.58
C GLU A 448 52.29 5.63 -12.24
N GLY A 449 51.74 6.72 -11.69
CA GLY A 449 50.60 7.38 -12.27
C GLY A 449 51.04 8.61 -13.03
N ILE A 450 50.77 8.61 -14.33
CA ILE A 450 51.22 9.66 -15.24
C ILE A 450 50.01 10.34 -15.85
N ILE A 451 50.00 11.67 -15.80
CA ILE A 451 48.95 12.48 -16.41
C ILE A 451 49.60 13.40 -17.44
N ILE A 452 48.95 13.56 -18.59
CA ILE A 452 49.37 14.53 -19.60
C ILE A 452 48.21 15.47 -19.86
N THR A 453 48.50 16.77 -19.87
CA THR A 453 47.48 17.80 -19.97
C THR A 453 48.09 19.01 -20.65
N THR A 454 47.42 20.15 -20.54
CA THR A 454 47.96 21.43 -21.02
C THR A 454 48.74 22.10 -19.90
N GLN A 455 49.64 23.02 -20.30
CA GLN A 455 50.46 23.71 -19.31
C GLN A 455 49.61 24.59 -18.40
N GLY A 456 48.60 25.27 -18.96
CA GLY A 456 47.78 26.16 -18.16
C GLY A 456 47.00 25.46 -17.07
N GLU A 457 46.72 24.17 -17.25
CA GLU A 457 45.90 23.39 -16.32
C GLU A 457 46.74 22.40 -15.51
N ILE A 458 48.02 22.70 -15.34
CA ILE A 458 48.91 21.87 -14.53
C ILE A 458 48.60 22.05 -13.04
N PRO A 459 48.58 23.27 -12.49
CA PRO A 459 48.39 23.40 -11.03
C PRO A 459 47.06 22.85 -10.55
N TYR A 460 46.07 22.68 -11.42
CA TYR A 460 44.81 22.08 -11.00
C TYR A 460 44.99 20.62 -10.64
N TYR A 461 45.76 19.88 -11.43
CA TYR A 461 45.88 18.44 -11.21
C TYR A 461 46.93 18.11 -10.14
N LEU A 462 48.01 18.89 -10.08
CA LEU A 462 49.00 18.71 -9.02
C LEU A 462 48.36 18.93 -7.65
N SER A 463 47.53 19.97 -7.53
CA SER A 463 46.85 20.24 -6.28
C SER A 463 45.79 19.19 -5.96
N LEU A 464 45.26 18.51 -6.98
CA LEU A 464 44.26 17.49 -6.76
C LEU A 464 44.84 16.30 -6.02
N LEU A 465 46.01 15.82 -6.46
CA LEU A 465 46.61 14.62 -5.89
C LEU A 465 47.41 14.91 -4.62
N ASN A 466 47.58 16.17 -4.25
CA ASN A 466 48.32 16.55 -3.05
C ASN A 466 47.41 17.29 -2.07
N GLN A 467 46.14 16.88 -2.01
CA GLN A 467 45.22 17.29 -0.96
C GLN A 467 45.05 18.81 -0.90
N GLN A 468 44.92 19.44 -2.06
CA GLN A 468 44.76 20.89 -2.13
C GLN A 468 43.47 21.33 -2.80
N LEU A 469 42.81 20.48 -3.57
CA LEU A 469 41.57 20.86 -4.23
C LEU A 469 40.43 20.94 -3.21
N PRO A 470 39.84 22.11 -2.99
CA PRO A 470 38.79 22.22 -1.97
C PRO A 470 37.47 21.66 -2.47
N ILE A 471 36.68 21.19 -1.51
CA ILE A 471 35.34 20.67 -1.78
C ILE A 471 34.35 21.78 -1.42
N GLU A 472 33.64 22.30 -2.42
CA GLU A 472 32.63 23.31 -2.21
C GLU A 472 31.24 22.71 -2.42
N SER A 473 30.23 23.51 -2.14
CA SER A 473 28.83 23.10 -2.24
C SER A 473 28.20 23.76 -3.46
N GLN A 474 27.66 22.94 -4.37
CA GLN A 474 26.99 23.44 -5.55
C GLN A 474 25.47 23.47 -5.38
N LEU A 475 24.99 23.58 -4.14
CA LEU A 475 23.55 23.53 -3.90
C LEU A 475 22.85 24.74 -4.47
N VAL A 476 23.51 25.92 -4.44
CA VAL A 476 22.86 27.15 -4.86
C VAL A 476 22.33 27.05 -6.29
N SER A 477 23.00 26.27 -7.14
CA SER A 477 22.58 26.10 -8.51
C SER A 477 21.39 25.16 -8.66
N LYS A 478 21.04 24.43 -7.60
CA LYS A 478 19.83 23.61 -7.59
C LYS A 478 19.02 23.87 -6.32
N LEU A 479 19.05 25.10 -5.83
CA LEU A 479 18.40 25.39 -4.55
C LEU A 479 16.88 25.44 -4.70
N VAL A 480 16.39 26.15 -5.71
CA VAL A 480 14.95 26.30 -5.89
C VAL A 480 14.31 24.94 -6.14
N ASP A 481 14.94 24.10 -6.96
CA ASP A 481 14.39 22.77 -7.23
C ASP A 481 14.41 21.89 -5.98
N SER A 482 15.55 21.85 -5.29
CA SER A 482 15.67 20.99 -4.12
C SER A 482 14.75 21.45 -2.99
N LEU A 483 14.47 22.75 -2.90
CA LEU A 483 13.49 23.25 -1.93
C LEU A 483 12.10 22.76 -2.28
N ASN A 484 11.74 22.86 -3.56
CA ASN A 484 10.45 22.35 -4.03
C ASN A 484 10.28 20.88 -3.68
N ALA A 485 11.37 20.13 -3.64
CA ALA A 485 11.29 18.71 -3.31
C ALA A 485 10.84 18.50 -1.86
N GLU A 486 11.39 19.28 -0.92
CA GLU A 486 11.00 19.14 0.47
C GLU A 486 9.58 19.64 0.71
N ILE A 487 9.15 20.66 -0.04
CA ILE A 487 7.79 21.18 0.12
C ILE A 487 6.78 20.16 -0.41
N VAL A 488 7.12 19.47 -1.50
CA VAL A 488 6.23 18.44 -2.03
C VAL A 488 6.09 17.29 -1.04
N LEU A 489 7.19 16.89 -0.40
CA LEU A 489 7.14 15.82 0.58
C LEU A 489 6.46 16.21 1.89
N GLY A 490 6.12 17.49 2.06
CA GLY A 490 5.60 17.96 3.33
C GLY A 490 6.65 18.17 4.39
N ASN A 491 7.93 18.07 4.04
CA ASN A 491 8.99 18.28 5.02
C ASN A 491 9.22 19.76 5.31
N VAL A 492 8.97 20.62 4.33
CA VAL A 492 8.98 22.07 4.52
C VAL A 492 7.56 22.57 4.24
N ARG A 493 6.91 23.11 5.27
CA ARG A 493 5.57 23.64 5.13
C ARG A 493 5.48 25.13 5.42
N ASN A 494 6.60 25.79 5.71
CA ASN A 494 6.61 27.21 6.00
C ASN A 494 8.05 27.72 5.88
N ARG A 495 8.26 28.98 6.24
CA ARG A 495 9.60 29.56 6.16
C ARG A 495 10.54 28.98 7.21
N ASP A 496 9.99 28.65 8.39
CA ASP A 496 10.84 28.13 9.46
C ASP A 496 11.34 26.72 9.15
N GLU A 497 10.46 25.86 8.64
CA GLU A 497 10.89 24.51 8.28
C GLU A 497 11.87 24.52 7.10
N GLY A 498 11.94 25.62 6.35
CA GLY A 498 12.87 25.74 5.26
C GLY A 498 14.27 26.09 5.74
N VAL A 499 14.37 27.09 6.63
CA VAL A 499 15.66 27.45 7.18
C VAL A 499 16.19 26.34 8.09
N GLU A 500 15.29 25.63 8.78
CA GLU A 500 15.71 24.48 9.56
C GLU A 500 16.17 23.35 8.65
N TRP A 501 15.64 23.31 7.41
CA TRP A 501 16.11 22.32 6.45
C TRP A 501 17.49 22.68 5.91
N LEU A 502 17.68 23.95 5.54
CA LEU A 502 18.99 24.39 5.05
C LEU A 502 20.09 24.11 6.07
N GLY A 503 19.76 24.17 7.36
CA GLY A 503 20.72 23.92 8.42
C GLY A 503 21.39 22.56 8.34
N TYR A 504 20.91 21.69 7.45
CA TYR A 504 21.47 20.36 7.31
C TYR A 504 22.18 20.13 5.98
N THR A 505 22.19 21.11 5.09
CA THR A 505 22.87 20.92 3.83
C THR A 505 24.37 21.18 3.97
N TYR A 506 25.12 20.75 2.96
CA TYR A 506 26.55 21.02 2.92
C TYR A 506 26.82 22.50 2.65
N LEU A 507 25.88 23.19 2.02
CA LEU A 507 26.06 24.62 1.74
C LEU A 507 26.07 25.45 3.00
N PHE A 508 25.18 25.13 3.95
CA PHE A 508 25.08 25.91 5.18
C PHE A 508 26.37 25.85 5.99
N VAL A 509 26.94 24.64 6.12
CA VAL A 509 28.17 24.50 6.89
C VAL A 509 29.36 25.13 6.16
N ARG A 510 29.25 25.33 4.85
CA ARG A 510 30.30 26.01 4.10
C ARG A 510 30.12 27.52 4.05
N MET A 511 28.91 28.02 4.32
CA MET A 511 28.71 29.46 4.44
C MET A 511 29.13 29.99 5.81
N LEU A 512 29.36 29.11 6.77
CA LEU A 512 29.92 29.51 8.06
C LEU A 512 31.45 29.58 8.04
N ARG A 513 32.10 29.08 6.99
CA ARG A 513 33.54 29.16 6.83
C ARG A 513 33.84 30.02 5.60
N SER A 514 34.60 31.10 5.81
CA SER A 514 34.91 32.10 4.80
C SER A 514 33.66 32.47 4.00
N PRO A 515 32.71 33.16 4.63
CA PRO A 515 31.48 33.55 3.89
C PRO A 515 31.75 34.42 2.68
N GLY A 516 32.92 35.05 2.60
CA GLY A 516 33.26 35.80 1.42
C GLY A 516 33.34 34.95 0.17
N LEU A 517 33.61 33.66 0.33
CA LEU A 517 33.63 32.74 -0.82
C LEU A 517 32.23 32.60 -1.42
N TYR A 518 31.22 32.49 -0.56
CA TYR A 518 29.85 32.25 -1.00
C TYR A 518 29.04 33.54 -1.10
N SER A 519 29.70 34.66 -1.38
CA SER A 519 29.05 35.96 -1.60
C SER A 519 28.04 36.29 -0.48
N VAL A 520 28.33 35.84 0.74
CA VAL A 520 27.46 36.15 1.87
C VAL A 520 27.68 37.62 2.22
N GLY A 521 26.62 38.42 2.07
CA GLY A 521 26.77 39.85 2.25
C GLY A 521 27.21 40.21 3.66
N ALA A 522 28.02 41.27 3.77
CA ALA A 522 28.45 41.75 5.07
C ALA A 522 27.29 42.15 5.97
N GLU A 523 26.09 42.29 5.40
CA GLU A 523 24.91 42.62 6.19
C GLU A 523 24.60 41.57 7.24
N TYR A 524 25.08 40.34 7.06
CA TYR A 524 24.81 39.24 7.98
C TYR A 524 25.96 39.06 8.96
N GLU A 525 26.24 40.14 9.71
CA GLU A 525 27.28 40.15 10.72
C GLU A 525 26.75 39.86 12.12
N ASP A 526 25.56 40.39 12.47
CA ASP A 526 25.02 40.21 13.81
C ASP A 526 24.23 38.92 13.98
N ASP A 527 23.81 38.28 12.90
CA ASP A 527 22.93 37.12 13.01
C ASP A 527 23.72 35.89 13.45
N VAL A 528 23.22 35.19 14.46
CA VAL A 528 23.87 33.97 14.94
C VAL A 528 23.46 32.81 14.05
N ALA A 529 24.43 31.98 13.69
CA ALA A 529 24.19 30.76 12.91
C ALA A 529 23.49 31.04 11.58
N LEU A 530 23.68 32.24 11.05
CA LEU A 530 23.13 32.64 9.75
C LEU A 530 21.63 32.35 9.66
N GLU A 531 20.89 32.77 10.69
CA GLU A 531 19.44 32.53 10.70
C GLU A 531 18.74 33.41 9.67
N GLN A 532 18.95 34.72 9.75
CA GLN A 532 18.27 35.65 8.85
C GLN A 532 18.74 35.47 7.40
N LYS A 533 19.91 34.89 7.18
CA LYS A 533 20.34 34.60 5.82
C LYS A 533 19.53 33.46 5.22
N ARG A 534 19.37 32.36 5.97
CA ARG A 534 18.55 31.26 5.50
C ARG A 534 17.11 31.70 5.27
N VAL A 535 16.61 32.60 6.13
CA VAL A 535 15.28 33.17 5.92
C VAL A 535 15.23 33.97 4.63
N ASP A 536 16.20 34.87 4.44
CA ASP A 536 16.31 35.59 3.19
C ASP A 536 16.52 34.65 2.01
N LEU A 537 17.12 33.49 2.25
CA LEU A 537 17.37 32.54 1.17
C LEU A 537 16.14 31.73 0.82
N ILE A 538 15.44 31.21 1.84
CA ILE A 538 14.25 30.42 1.59
C ILE A 538 13.17 31.26 0.91
N HIS A 539 13.00 32.50 1.35
CA HIS A 539 11.97 33.36 0.78
C HIS A 539 12.24 33.64 -0.69
N SER A 540 13.43 34.15 -1.00
CA SER A 540 13.77 34.47 -2.38
C SER A 540 13.64 33.25 -3.29
N ALA A 541 13.90 32.05 -2.78
CA ALA A 541 13.73 30.84 -3.56
C ALA A 541 12.26 30.44 -3.65
N ALA A 542 11.52 30.55 -2.54
CA ALA A 542 10.11 30.21 -2.56
C ALA A 542 9.30 31.17 -3.42
N MET A 543 9.73 32.43 -3.52
CA MET A 543 9.04 33.38 -4.40
C MET A 543 9.13 32.95 -5.86
N VAL A 544 10.28 32.41 -6.26
CA VAL A 544 10.41 31.84 -7.60
C VAL A 544 9.43 30.69 -7.78
N LEU A 545 9.21 29.91 -6.72
CA LEU A 545 8.27 28.80 -6.78
C LEU A 545 6.83 29.27 -6.84
N LYS A 546 6.54 30.49 -6.39
CA LYS A 546 5.16 30.99 -6.44
C LYS A 546 4.86 31.59 -7.80
N LYS A 547 5.84 32.29 -8.39
CA LYS A 547 5.62 32.95 -9.67
C LYS A 547 5.41 31.94 -10.79
N SER A 548 6.10 30.81 -10.74
CA SER A 548 5.93 29.76 -11.73
C SER A 548 4.74 28.86 -11.44
N ASN A 549 4.02 29.10 -10.35
CA ASN A 549 2.82 28.37 -9.95
C ASN A 549 3.11 26.95 -9.50
N LEU A 550 4.37 26.65 -9.17
CA LEU A 550 4.73 25.37 -8.59
C LEU A 550 4.41 25.28 -7.11
N ILE A 551 4.17 26.40 -6.44
CA ILE A 551 3.96 26.43 -5.01
C ILE A 551 2.83 27.40 -4.68
N LYS A 552 2.30 27.26 -3.47
CA LYS A 552 1.40 28.25 -2.88
C LYS A 552 2.13 28.86 -1.69
N TYR A 553 2.48 30.14 -1.79
CA TYR A 553 3.33 30.78 -0.79
C TYR A 553 2.69 32.07 -0.30
N ASP A 554 2.45 32.15 1.01
CA ASP A 554 1.96 33.36 1.64
C ASP A 554 3.16 34.16 2.15
N GLU A 555 3.32 35.38 1.63
CA GLU A 555 4.51 36.17 1.95
C GLU A 555 4.53 36.61 3.41
N LYS A 556 3.37 36.74 4.06
CA LYS A 556 3.33 37.23 5.43
C LYS A 556 3.33 36.10 6.44
N THR A 557 2.36 35.18 6.35
CA THR A 557 2.30 34.08 7.31
C THR A 557 3.41 33.06 7.09
N GLY A 558 4.16 33.15 5.99
CA GLY A 558 5.23 32.22 5.70
C GLY A 558 4.80 30.83 5.32
N LYS A 559 3.51 30.51 5.42
CA LYS A 559 3.02 29.17 5.12
C LYS A 559 3.12 28.89 3.63
N MET A 560 3.70 27.74 3.28
CA MET A 560 3.88 27.36 1.89
C MET A 560 3.38 25.93 1.69
N GLN A 561 2.62 25.70 0.63
CA GLN A 561 2.07 24.38 0.31
C GLN A 561 2.37 24.06 -1.15
N ALA A 562 2.62 22.78 -1.42
CA ALA A 562 3.02 22.36 -2.76
C ALA A 562 1.81 22.13 -3.64
N THR A 563 1.88 22.63 -4.87
CA THR A 563 0.80 22.46 -5.84
C THR A 563 1.05 21.22 -6.69
N GLU A 564 0.01 20.83 -7.44
CA GLU A 564 0.12 19.65 -8.29
C GLU A 564 1.17 19.84 -9.38
N LEU A 565 1.40 21.07 -9.81
CA LEU A 565 2.44 21.32 -10.81
C LEU A 565 3.82 20.95 -10.27
N GLY A 566 4.16 21.47 -9.09
CA GLY A 566 5.46 21.18 -8.51
C GLY A 566 5.67 19.72 -8.15
N ARG A 567 4.58 19.01 -7.83
CA ARG A 567 4.68 17.58 -7.61
C ARG A 567 5.18 16.88 -8.86
N ILE A 568 4.69 17.29 -10.03
CA ILE A 568 5.20 16.73 -11.27
C ILE A 568 6.67 17.04 -11.44
N ALA A 569 7.08 18.27 -11.08
CA ALA A 569 8.48 18.65 -11.20
C ALA A 569 9.36 17.83 -10.27
N SER A 570 8.92 17.66 -9.01
CA SER A 570 9.71 16.90 -8.06
C SER A 570 9.78 15.43 -8.45
N HIS A 571 8.67 14.87 -8.92
CA HIS A 571 8.62 13.45 -9.26
C HIS A 571 9.39 13.12 -10.53
N TYR A 572 9.72 14.11 -11.36
CA TYR A 572 10.36 13.84 -12.64
C TYR A 572 11.66 14.63 -12.83
N TYR A 573 12.17 15.28 -11.77
CA TYR A 573 13.48 15.92 -11.81
C TYR A 573 13.53 17.01 -12.88
N ILE A 574 12.47 17.81 -12.96
CA ILE A 574 12.36 18.86 -13.98
C ILE A 574 12.73 20.19 -13.35
N SER A 575 13.37 21.05 -14.14
CA SER A 575 13.77 22.36 -13.66
C SER A 575 12.55 23.22 -13.38
N HIS A 576 12.64 24.03 -12.33
CA HIS A 576 11.63 25.06 -12.10
C HIS A 576 11.51 25.99 -13.31
N GLU A 577 12.60 26.16 -14.06
CA GLU A 577 12.56 26.97 -15.27
C GLU A 577 11.82 26.24 -16.38
N SER A 578 12.00 24.93 -16.50
CA SER A 578 11.34 24.17 -17.55
C SER A 578 9.85 24.01 -17.30
N MET A 579 9.44 23.89 -16.03
CA MET A 579 8.02 23.79 -15.73
C MET A 579 7.30 25.08 -16.03
N ASP A 580 7.95 26.22 -15.77
CA ASP A 580 7.32 27.51 -16.06
C ASP A 580 7.00 27.64 -17.54
N THR A 581 7.83 27.07 -18.41
CA THR A 581 7.61 27.10 -19.84
C THR A 581 6.69 25.99 -20.33
N TYR A 582 6.48 24.94 -19.53
CA TYR A 582 5.52 23.91 -19.91
C TYR A 582 4.09 24.36 -19.67
N ASN A 583 3.83 24.96 -18.51
CA ASN A 583 2.48 25.42 -18.20
C ASN A 583 2.06 26.54 -19.15
N LYS A 584 3.00 27.38 -19.58
CA LYS A 584 2.64 28.49 -20.47
C LYS A 584 2.35 28.01 -21.88
N LEU A 585 3.16 27.08 -22.41
CA LEU A 585 3.18 26.77 -23.83
C LEU A 585 2.27 25.61 -24.23
N ILE A 586 1.76 24.84 -23.29
CA ILE A 586 0.90 23.71 -23.61
C ILE A 586 -0.55 24.18 -23.68
N HIS A 587 -1.18 24.00 -24.84
CA HIS A 587 -2.59 24.31 -25.04
C HIS A 587 -3.31 23.09 -25.59
N PRO A 588 -4.61 22.95 -25.32
CA PRO A 588 -5.31 21.68 -25.61
C PRO A 588 -5.46 21.36 -27.10
N ALA A 589 -5.05 22.26 -28.00
CA ALA A 589 -5.12 22.00 -29.43
C ALA A 589 -3.74 21.75 -30.04
N MET A 590 -2.78 21.33 -29.22
CA MET A 590 -1.43 21.11 -29.69
C MET A 590 -1.36 19.86 -30.57
N ASN A 591 -0.51 19.90 -31.58
CA ASN A 591 -0.24 18.76 -32.44
C ASN A 591 1.15 18.21 -32.13
N ASP A 592 1.58 17.23 -32.93
CA ASP A 592 2.88 16.63 -32.70
C ASP A 592 4.01 17.61 -33.00
N VAL A 593 3.82 18.47 -33.99
CA VAL A 593 4.85 19.46 -34.33
C VAL A 593 5.04 20.42 -33.16
N GLU A 594 3.96 21.04 -32.71
CA GLU A 594 4.02 22.04 -31.65
C GLU A 594 4.39 21.43 -30.30
N LEU A 595 4.36 20.11 -30.17
CA LEU A 595 4.75 19.50 -28.91
C LEU A 595 6.26 19.27 -28.85
N PHE A 596 6.86 18.81 -29.96
CA PHE A 596 8.31 18.75 -30.05
C PHE A 596 8.93 20.13 -29.76
N ARG A 597 8.26 21.19 -30.21
CA ARG A 597 8.74 22.54 -29.96
C ARG A 597 8.89 22.79 -28.47
N VAL A 598 7.88 22.40 -27.68
CA VAL A 598 7.96 22.55 -26.22
C VAL A 598 9.13 21.76 -25.66
N PHE A 599 9.39 20.57 -26.22
CA PHE A 599 10.53 19.78 -25.78
C PHE A 599 11.84 20.51 -26.02
N ALA A 600 11.98 21.15 -27.19
CA ALA A 600 13.19 21.89 -27.50
C ALA A 600 13.36 23.13 -26.62
N GLN A 601 12.29 23.63 -26.02
CA GLN A 601 12.35 24.80 -25.17
C GLN A 601 12.82 24.49 -23.76
N SER A 602 13.11 23.24 -23.45
CA SER A 602 13.52 22.86 -22.10
C SER A 602 14.84 23.53 -21.73
N GLY A 603 14.89 24.10 -20.52
CA GLY A 603 16.07 24.78 -20.04
C GLY A 603 17.26 23.88 -19.77
N GLU A 604 17.05 22.57 -19.71
CA GLU A 604 18.17 21.64 -19.55
C GLU A 604 19.09 21.64 -20.76
N PHE A 605 18.63 22.16 -21.88
CA PHE A 605 19.42 22.19 -23.12
C PHE A 605 19.94 23.59 -23.46
N LYS A 606 19.75 24.57 -22.57
CA LYS A 606 20.04 25.95 -22.91
C LYS A 606 21.50 26.19 -23.25
N TYR A 607 22.41 25.33 -22.78
CA TYR A 607 23.82 25.49 -23.07
C TYR A 607 24.26 24.76 -24.35
N ILE A 608 23.39 23.97 -24.97
CA ILE A 608 23.76 23.23 -26.17
C ILE A 608 23.67 24.15 -27.39
N PRO A 609 24.79 24.44 -28.05
CA PRO A 609 24.75 25.35 -29.20
C PRO A 609 24.60 24.62 -30.52
N VAL A 610 24.47 25.39 -31.60
CA VAL A 610 24.63 24.88 -32.96
C VAL A 610 25.94 25.44 -33.50
N ARG A 611 26.77 24.56 -34.04
CA ARG A 611 28.08 24.95 -34.54
C ARG A 611 28.11 24.88 -36.07
N GLN A 612 29.00 25.69 -36.64
CA GLN A 612 29.21 25.66 -38.08
C GLN A 612 29.86 24.37 -38.55
N GLU A 613 30.60 23.69 -37.67
CA GLU A 613 31.21 22.41 -38.02
C GLU A 613 30.16 21.36 -38.31
N GLU A 614 29.16 21.25 -37.44
CA GLU A 614 28.06 20.30 -37.61
C GLU A 614 26.89 20.91 -38.37
N LYS A 615 27.07 22.09 -38.98
CA LYS A 615 26.00 22.70 -39.76
C LYS A 615 25.66 21.86 -40.98
N LEU A 616 26.64 21.16 -41.55
CA LEU A 616 26.40 20.34 -42.72
C LEU A 616 25.62 19.08 -42.38
N GLU A 617 25.91 18.47 -41.23
CA GLU A 617 25.24 17.24 -40.86
C GLU A 617 23.83 17.49 -40.33
N LEU A 618 23.61 18.63 -39.67
CA LEU A 618 22.27 18.96 -39.18
C LEU A 618 21.28 19.06 -40.33
N ALA A 619 21.68 19.75 -41.42
CA ALA A 619 20.80 19.86 -42.58
C ALA A 619 20.51 18.51 -43.20
N LYS A 620 21.43 17.55 -43.03
CA LYS A 620 21.14 16.17 -43.45
C LYS A 620 20.06 15.55 -42.57
N LEU A 621 20.08 15.84 -41.27
CA LEU A 621 19.12 15.24 -40.36
C LEU A 621 17.74 15.86 -40.48
N LEU A 622 17.65 17.19 -40.61
CA LEU A 622 16.36 17.85 -40.75
C LEU A 622 15.61 17.33 -41.97
N ALA A 623 16.33 17.04 -43.05
CA ALA A 623 15.69 16.56 -44.27
C ALA A 623 15.23 15.11 -44.16
N ARG A 624 15.64 14.38 -43.12
CA ARG A 624 15.21 13.00 -42.91
C ARG A 624 14.23 12.82 -41.77
N VAL A 625 14.24 13.72 -40.79
CA VAL A 625 13.31 13.59 -39.66
C VAL A 625 11.89 13.86 -40.14
N PRO A 626 10.90 13.05 -39.75
CA PRO A 626 9.57 13.15 -40.39
C PRO A 626 8.69 14.28 -39.85
N ILE A 627 8.77 14.56 -38.56
CA ILE A 627 7.94 15.61 -37.97
C ILE A 627 8.53 16.96 -38.36
N PRO A 628 7.77 17.84 -39.02
CA PRO A 628 8.34 19.09 -39.50
C PRO A 628 8.78 20.00 -38.37
N VAL A 629 9.96 20.59 -38.55
CA VAL A 629 10.49 21.58 -37.62
C VAL A 629 10.35 22.92 -38.32
N LYS A 630 9.22 23.58 -38.09
CA LYS A 630 8.94 24.88 -38.66
C LYS A 630 9.15 26.02 -37.66
N GLU A 631 9.37 25.68 -36.39
CA GLU A 631 9.49 26.72 -35.36
C GLU A 631 10.76 27.53 -35.52
N SER A 632 11.81 26.96 -36.10
CA SER A 632 13.09 27.63 -36.13
C SER A 632 13.85 27.28 -37.39
N ILE A 633 14.98 27.98 -37.54
CA ILE A 633 16.02 27.73 -38.54
C ILE A 633 17.19 27.25 -37.70
N GLU A 634 18.35 27.02 -38.32
CA GLU A 634 19.41 26.35 -37.59
C GLU A 634 19.89 27.21 -36.43
N GLU A 635 19.19 27.09 -35.32
CA GLU A 635 19.48 27.70 -34.03
C GLU A 635 19.22 26.66 -32.96
N PRO A 636 19.80 26.81 -31.77
CA PRO A 636 19.84 25.68 -30.81
C PRO A 636 18.53 24.95 -30.58
N THR A 637 17.37 25.62 -30.67
CA THR A 637 16.11 24.94 -30.38
C THR A 637 15.66 24.05 -31.55
N ALA A 638 16.05 24.37 -32.78
CA ALA A 638 15.77 23.45 -33.88
C ALA A 638 16.69 22.25 -33.85
N LYS A 639 17.90 22.41 -33.32
CA LYS A 639 18.86 21.30 -33.25
C LYS A 639 18.40 20.24 -32.26
N ILE A 640 18.13 20.65 -31.02
CA ILE A 640 17.59 19.74 -30.02
C ILE A 640 16.33 19.06 -30.55
N ASN A 641 15.55 19.77 -31.37
CA ASN A 641 14.34 19.21 -31.95
C ASN A 641 14.67 18.06 -32.90
N VAL A 642 15.53 18.33 -33.90
CA VAL A 642 15.85 17.30 -34.89
C VAL A 642 16.71 16.20 -34.29
N LEU A 643 17.35 16.45 -33.14
CA LEU A 643 18.12 15.39 -32.49
C LEU A 643 17.19 14.34 -31.88
N LEU A 644 16.09 14.76 -31.28
CA LEU A 644 15.14 13.79 -30.73
C LEU A 644 14.57 12.91 -31.83
N GLN A 645 14.09 13.52 -32.91
CA GLN A 645 13.55 12.76 -34.03
C GLN A 645 14.62 11.84 -34.62
N ALA A 646 15.87 12.31 -34.68
CA ALA A 646 16.95 11.47 -35.16
C ALA A 646 17.17 10.27 -34.25
N TYR A 647 16.87 10.41 -32.96
CA TYR A 647 16.99 9.27 -32.06
C TYR A 647 15.85 8.28 -32.31
N ILE A 648 14.64 8.77 -32.48
CA ILE A 648 13.51 7.88 -32.75
C ILE A 648 13.72 7.14 -34.07
N SER A 649 14.22 7.85 -35.08
CA SER A 649 14.43 7.28 -36.41
C SER A 649 15.67 6.40 -36.48
N ARG A 650 16.46 6.34 -35.42
CA ARG A 650 17.66 5.49 -35.37
C ARG A 650 18.61 5.80 -36.51
N LEU A 651 18.78 7.09 -36.80
CA LEU A 651 19.73 7.52 -37.81
C LEU A 651 21.16 7.43 -37.31
N LYS A 652 22.10 7.24 -38.23
CA LYS A 652 23.52 7.14 -37.88
C LYS A 652 24.14 8.53 -37.92
N LEU A 653 24.89 8.86 -36.88
CA LEU A 653 25.52 10.17 -36.76
C LEU A 653 27.03 10.00 -36.83
N GLU A 654 27.63 10.53 -37.89
CA GLU A 654 29.08 10.53 -37.99
C GLU A 654 29.72 11.54 -37.05
N GLY A 655 28.97 12.54 -36.61
CA GLY A 655 29.52 13.56 -35.73
C GLY A 655 29.61 13.06 -34.29
N LEU A 656 30.80 13.18 -33.70
CA LEU A 656 30.99 12.77 -32.31
C LEU A 656 30.46 13.82 -31.33
N ALA A 657 30.50 15.10 -31.71
CA ALA A 657 29.94 16.13 -30.84
C ALA A 657 28.42 16.05 -30.81
N LEU A 658 27.80 15.69 -31.93
CA LEU A 658 26.36 15.50 -31.96
C LEU A 658 25.96 14.28 -31.14
N MET A 659 26.70 13.18 -31.27
CA MET A 659 26.40 11.98 -30.50
C MET A 659 26.41 12.28 -29.00
N ALA A 660 27.30 13.15 -28.54
CA ALA A 660 27.28 13.56 -27.15
C ALA A 660 26.03 14.37 -26.83
N ASP A 661 25.61 15.25 -27.75
CA ASP A 661 24.43 16.08 -27.52
C ASP A 661 23.16 15.25 -27.60
N MET A 662 23.05 14.40 -28.63
CA MET A 662 21.85 13.57 -28.78
C MET A 662 21.68 12.62 -27.61
N VAL A 663 22.78 12.05 -27.13
CA VAL A 663 22.73 11.21 -25.93
C VAL A 663 22.15 12.00 -24.76
N TYR A 664 22.59 13.24 -24.59
CA TYR A 664 22.11 14.05 -23.47
C TYR A 664 20.64 14.42 -23.66
N VAL A 665 20.25 14.79 -24.88
CA VAL A 665 18.85 15.12 -25.15
C VAL A 665 17.96 13.90 -24.96
N THR A 666 18.49 12.71 -25.23
CA THR A 666 17.65 11.51 -25.17
C THR A 666 17.47 11.00 -23.74
N GLN A 667 18.53 10.98 -22.94
CA GLN A 667 18.41 10.49 -21.58
C GLN A 667 17.51 11.40 -20.74
N SER A 668 17.46 12.69 -21.06
CA SER A 668 16.52 13.59 -20.41
C SER A 668 15.12 13.49 -20.99
N ALA A 669 14.99 13.04 -22.25
CA ALA A 669 13.70 13.04 -22.93
C ALA A 669 12.69 12.10 -22.28
N GLY A 670 13.15 11.08 -21.54
CA GLY A 670 12.23 10.20 -20.85
C GLY A 670 11.39 10.94 -19.81
N ARG A 671 12.07 11.51 -18.81
CA ARG A 671 11.38 12.28 -17.77
C ARG A 671 10.56 13.42 -18.35
N ILE A 672 11.17 14.20 -19.25
CA ILE A 672 10.52 15.39 -19.80
C ILE A 672 9.16 15.04 -20.38
N LEU A 673 9.10 14.04 -21.26
CA LEU A 673 7.85 13.74 -21.95
C LEU A 673 6.81 13.19 -20.99
N ARG A 674 7.23 12.43 -19.97
CA ARG A 674 6.28 11.96 -18.96
C ARG A 674 5.71 13.13 -18.18
N ALA A 675 6.56 14.10 -17.83
CA ALA A 675 6.08 15.27 -17.09
C ALA A 675 5.06 16.06 -17.91
N ILE A 676 5.28 16.16 -19.22
CA ILE A 676 4.31 16.82 -20.08
C ILE A 676 2.99 16.05 -20.10
N PHE A 677 3.09 14.72 -20.03
CA PHE A 677 1.88 13.89 -20.05
C PHE A 677 1.03 14.12 -18.80
N GLU A 678 1.65 14.07 -17.62
CA GLU A 678 0.90 14.26 -16.39
C GLU A 678 0.35 15.67 -16.26
N ILE A 679 1.05 16.66 -16.83
CA ILE A 679 0.51 18.03 -16.85
C ILE A 679 -0.78 18.07 -17.65
N CYS A 680 -0.73 17.54 -18.88
CA CYS A 680 -1.92 17.47 -19.71
C CYS A 680 -3.05 16.70 -19.02
N LEU A 681 -2.69 15.62 -18.32
CA LEU A 681 -3.71 14.75 -17.72
C LEU A 681 -4.43 15.44 -16.57
N LYS A 682 -3.72 16.26 -15.78
CA LYS A 682 -4.35 16.94 -14.66
C LYS A 682 -5.08 18.20 -15.07
N LYS A 683 -4.72 18.82 -16.19
CA LYS A 683 -5.54 19.88 -16.76
C LYS A 683 -6.71 19.33 -17.57
N GLY A 684 -6.70 18.03 -17.88
CA GLY A 684 -7.87 17.36 -18.41
C GLY A 684 -8.03 17.40 -19.91
N TRP A 685 -6.94 17.49 -20.67
CA TRP A 685 -6.99 17.66 -22.11
C TRP A 685 -6.73 16.29 -22.76
N ALA A 686 -7.82 15.65 -23.21
CA ALA A 686 -7.74 14.26 -23.63
C ALA A 686 -6.88 14.07 -24.87
N SER A 687 -7.01 14.96 -25.86
CA SER A 687 -6.28 14.78 -27.11
C SER A 687 -4.78 14.89 -26.89
N VAL A 688 -4.33 15.99 -26.26
CA VAL A 688 -2.91 16.22 -26.08
C VAL A 688 -2.32 15.20 -25.12
N ALA A 689 -3.08 14.79 -24.10
CA ALA A 689 -2.57 13.82 -23.14
C ALA A 689 -2.31 12.47 -23.82
N LYS A 690 -3.29 11.98 -24.59
CA LYS A 690 -3.08 10.74 -25.33
C LYS A 690 -1.91 10.86 -26.30
N LEU A 691 -1.65 12.06 -26.80
CA LEU A 691 -0.53 12.25 -27.72
C LEU A 691 0.80 12.23 -26.98
N ALA A 692 0.88 12.94 -25.86
CA ALA A 692 2.14 13.03 -25.12
C ALA A 692 2.59 11.65 -24.65
N LEU A 693 1.66 10.82 -24.18
CA LEU A 693 2.03 9.48 -23.72
C LEU A 693 2.58 8.63 -24.86
N ASN A 694 1.98 8.75 -26.06
CA ASN A 694 2.51 8.03 -27.20
C ASN A 694 3.91 8.53 -27.56
N MET A 695 4.13 9.84 -27.48
CA MET A 695 5.48 10.37 -27.67
C MET A 695 6.45 9.82 -26.64
N CYS A 696 5.99 9.57 -25.41
CA CYS A 696 6.83 8.89 -24.43
C CYS A 696 7.31 7.55 -24.96
N LYS A 697 6.37 6.72 -25.42
CA LYS A 697 6.72 5.43 -25.99
C LYS A 697 7.57 5.57 -27.24
N MET A 698 7.45 6.70 -27.94
CA MET A 698 8.24 6.90 -29.15
C MET A 698 9.73 6.95 -28.83
N ALA A 699 10.08 7.51 -27.68
CA ALA A 699 11.48 7.62 -27.29
C ALA A 699 11.97 6.42 -26.49
N GLU A 700 11.17 5.95 -25.52
CA GLU A 700 11.65 4.89 -24.64
C GLU A 700 11.71 3.54 -25.35
N LYS A 701 10.85 3.31 -26.33
CA LYS A 701 10.95 2.15 -27.20
C LYS A 701 11.63 2.49 -28.52
N ARG A 702 12.01 3.75 -28.72
CA ARG A 702 12.80 4.21 -29.87
C ARG A 702 12.19 3.74 -31.20
N MET A 703 10.89 3.99 -31.35
CA MET A 703 10.22 3.64 -32.59
C MET A 703 9.09 4.63 -32.86
N TRP A 704 9.02 5.10 -34.10
CA TRP A 704 7.84 5.83 -34.54
C TRP A 704 6.64 4.90 -34.54
N PRO A 705 5.44 5.44 -34.24
CA PRO A 705 4.26 4.56 -34.10
C PRO A 705 3.88 3.82 -35.37
N THR A 706 4.46 4.18 -36.52
CA THR A 706 4.10 3.57 -37.78
C THR A 706 4.89 2.31 -38.10
N MET A 707 6.01 2.08 -37.41
CA MET A 707 6.83 0.91 -37.66
C MET A 707 6.25 -0.30 -36.94
N SER A 708 6.86 -1.45 -37.14
CA SER A 708 6.30 -2.71 -36.65
C SER A 708 6.22 -2.70 -35.13
N PRO A 709 5.04 -2.96 -34.55
CA PRO A 709 4.96 -3.11 -33.07
C PRO A 709 5.84 -4.21 -32.53
N LEU A 710 6.35 -5.09 -33.39
CA LEU A 710 7.23 -6.16 -32.94
C LEU A 710 8.58 -5.65 -32.47
N ARG A 711 8.97 -4.43 -32.84
CA ARG A 711 10.25 -3.88 -32.42
C ARG A 711 10.38 -3.82 -30.90
N GLN A 712 9.26 -3.83 -30.18
CA GLN A 712 9.29 -3.75 -28.72
C GLN A 712 9.79 -5.04 -28.08
N TYR A 713 9.89 -6.13 -28.83
CA TYR A 713 10.40 -7.39 -28.30
C TYR A 713 11.89 -7.48 -28.58
N PRO A 714 12.75 -7.38 -27.56
CA PRO A 714 14.20 -7.43 -27.81
C PRO A 714 14.66 -8.75 -28.41
N THR A 715 13.90 -9.82 -28.21
CA THR A 715 14.25 -11.14 -28.72
C THR A 715 13.69 -11.42 -30.11
N CYS A 716 12.98 -10.47 -30.71
CA CYS A 716 12.48 -10.64 -32.07
C CYS A 716 13.59 -10.35 -33.06
N PRO A 717 13.93 -11.28 -33.93
CA PRO A 717 15.02 -11.03 -34.89
C PRO A 717 14.63 -9.95 -35.88
N ALA A 718 15.58 -9.08 -36.20
CA ALA A 718 15.31 -8.00 -37.14
C ALA A 718 14.83 -8.52 -38.49
N GLU A 719 15.05 -9.81 -38.77
CA GLU A 719 14.58 -10.39 -40.03
C GLU A 719 13.07 -10.36 -40.13
N ILE A 720 12.38 -10.68 -39.03
CA ILE A 720 10.92 -10.61 -39.02
C ILE A 720 10.44 -9.17 -39.04
N ILE A 721 11.08 -8.30 -38.25
CA ILE A 721 10.72 -6.89 -38.24
C ILE A 721 10.87 -6.29 -39.62
N LYS A 722 12.01 -6.55 -40.27
CA LYS A 722 12.23 -6.09 -41.63
C LYS A 722 11.26 -6.71 -42.62
N LYS A 723 10.69 -7.87 -42.28
CA LYS A 723 9.66 -8.50 -43.10
C LYS A 723 8.27 -7.96 -42.80
N ALA A 724 7.95 -7.76 -41.52
CA ALA A 724 6.65 -7.19 -41.16
C ALA A 724 6.51 -5.78 -41.70
N GLU A 725 7.59 -5.01 -41.69
CA GLU A 725 7.55 -3.62 -42.12
C GLU A 725 7.56 -3.46 -43.63
N ARG A 726 7.58 -4.55 -44.39
CA ARG A 726 7.35 -4.51 -45.82
C ARG A 726 6.00 -5.09 -46.20
N MET A 727 5.16 -5.37 -45.22
CA MET A 727 3.79 -5.85 -45.42
C MET A 727 2.81 -4.72 -45.11
N ASP A 728 1.52 -5.05 -45.20
CA ASP A 728 0.45 -4.09 -44.95
C ASP A 728 -0.61 -4.67 -44.03
N VAL A 729 -0.32 -5.77 -43.36
CA VAL A 729 -1.31 -6.40 -42.49
C VAL A 729 -1.48 -5.56 -41.22
N PRO A 730 -2.69 -5.20 -40.82
CA PRO A 730 -2.86 -4.42 -39.59
C PRO A 730 -2.48 -5.23 -38.37
N TRP A 731 -2.08 -4.52 -37.32
CA TRP A 731 -1.70 -5.17 -36.07
C TRP A 731 -2.85 -5.98 -35.48
N SER A 732 -4.09 -5.60 -35.81
CA SER A 732 -5.26 -6.35 -35.35
C SER A 732 -5.22 -7.80 -35.81
N SER A 733 -4.68 -8.04 -37.00
CA SER A 733 -4.73 -9.35 -37.62
C SER A 733 -3.63 -10.29 -37.18
N TYR A 734 -2.67 -9.81 -36.39
CA TYR A 734 -1.64 -10.68 -35.83
C TYR A 734 -2.15 -11.48 -34.64
N PHE A 735 -3.26 -11.08 -34.05
CA PHE A 735 -3.73 -11.64 -32.79
C PHE A 735 -4.70 -12.79 -33.03
N ASP A 736 -4.87 -13.60 -31.98
CA ASP A 736 -5.79 -14.74 -31.98
C ASP A 736 -5.48 -15.70 -33.12
N LEU A 737 -4.21 -16.08 -33.22
CA LEU A 737 -3.74 -17.00 -34.24
C LEU A 737 -2.86 -18.05 -33.58
N ASP A 738 -2.73 -19.19 -34.26
CA ASP A 738 -1.88 -20.29 -33.87
C ASP A 738 -0.58 -20.26 -34.66
N PRO A 739 0.42 -21.04 -34.26
CA PRO A 739 1.71 -21.04 -34.97
C PRO A 739 1.58 -21.34 -36.46
N PRO A 740 0.70 -22.26 -36.89
CA PRO A 740 0.55 -22.47 -38.34
C PRO A 740 0.06 -21.23 -39.08
N ARG A 741 -1.04 -20.62 -38.65
CA ARG A 741 -1.57 -19.46 -39.37
C ARG A 741 -0.71 -18.21 -39.17
N MET A 742 -0.03 -18.10 -38.03
CA MET A 742 0.85 -16.96 -37.78
C MET A 742 1.93 -16.87 -38.85
N GLY A 743 2.65 -17.97 -39.08
CA GLY A 743 3.64 -17.97 -40.15
C GLY A 743 3.01 -17.77 -41.52
N GLU A 744 1.78 -18.25 -41.69
CA GLU A 744 1.05 -18.05 -42.95
C GLU A 744 0.88 -16.56 -43.24
N LEU A 745 0.38 -15.81 -42.25
CA LEU A 745 0.15 -14.38 -42.43
C LEU A 745 1.44 -13.63 -42.77
N LEU A 746 2.58 -14.13 -42.31
CA LEU A 746 3.86 -13.47 -42.55
C LEU A 746 4.59 -14.00 -43.76
N GLY A 747 4.26 -15.20 -44.24
CA GLY A 747 5.05 -15.81 -45.28
C GLY A 747 6.35 -16.40 -44.82
N MET A 748 6.62 -16.42 -43.51
CA MET A 748 7.79 -17.06 -42.93
C MET A 748 7.29 -18.18 -42.04
N PRO A 749 7.09 -19.39 -42.58
CA PRO A 749 6.64 -20.50 -41.73
C PRO A 749 7.61 -20.82 -40.59
N LYS A 750 8.89 -20.47 -40.72
CA LYS A 750 9.84 -20.69 -39.64
C LYS A 750 9.63 -19.71 -38.49
N ALA A 751 8.94 -18.59 -38.74
CA ALA A 751 8.70 -17.58 -37.73
C ALA A 751 7.36 -17.75 -37.02
N GLY A 752 6.58 -18.76 -37.40
CA GLY A 752 5.25 -18.97 -36.86
C GLY A 752 5.21 -19.11 -35.35
N LYS A 753 5.81 -20.18 -34.82
CA LYS A 753 5.85 -20.36 -33.38
C LYS A 753 6.53 -19.21 -32.66
N THR A 754 7.47 -18.53 -33.35
CA THR A 754 8.23 -17.47 -32.70
C THR A 754 7.40 -16.21 -32.52
N VAL A 755 6.81 -15.71 -33.60
CA VAL A 755 6.05 -14.47 -33.52
C VAL A 755 4.71 -14.68 -32.82
N CYS A 756 4.12 -15.87 -32.94
CA CYS A 756 2.85 -16.15 -32.29
C CYS A 756 2.99 -16.10 -30.77
N ALA A 757 4.10 -16.62 -30.25
CA ALA A 757 4.35 -16.50 -28.83
C ALA A 757 4.61 -15.06 -28.42
N LEU A 758 5.16 -14.25 -29.34
CA LEU A 758 5.44 -12.84 -29.03
C LEU A 758 4.16 -12.04 -28.89
N VAL A 759 3.25 -12.16 -29.87
CA VAL A 759 1.95 -11.50 -29.76
C VAL A 759 1.13 -12.09 -28.62
N SER A 760 1.44 -13.33 -28.22
CA SER A 760 0.74 -13.96 -27.11
C SER A 760 0.99 -13.23 -25.80
N LYS A 761 2.12 -12.56 -25.69
CA LYS A 761 2.52 -11.86 -24.47
C LYS A 761 2.32 -10.36 -24.57
N PHE A 762 1.75 -9.88 -25.66
CA PHE A 762 1.49 -8.45 -25.82
C PHE A 762 0.39 -8.02 -24.86
N PRO A 763 0.63 -7.03 -23.98
CA PRO A 763 -0.42 -6.60 -23.03
C PRO A 763 -1.71 -6.24 -23.74
N ARG A 764 -2.79 -6.96 -23.41
CA ARG A 764 -4.03 -6.86 -24.18
C ARG A 764 -5.18 -7.23 -23.27
N VAL A 765 -6.13 -6.31 -23.08
CA VAL A 765 -7.21 -6.48 -22.13
C VAL A 765 -8.55 -6.27 -22.83
N GLU A 766 -9.59 -6.86 -22.25
CA GLU A 766 -10.96 -6.72 -22.73
C GLU A 766 -11.80 -6.11 -21.63
N ILE A 767 -12.53 -5.05 -21.95
CA ILE A 767 -13.22 -4.26 -20.95
C ILE A 767 -14.73 -4.25 -21.21
N GLN A 768 -15.50 -4.08 -20.14
CA GLN A 768 -16.94 -3.93 -20.19
C GLN A 768 -17.34 -2.80 -19.25
N GLY A 769 -18.60 -2.39 -19.34
CA GLY A 769 -19.09 -1.30 -18.51
C GLY A 769 -20.56 -1.43 -18.23
N ASN A 770 -20.97 -1.01 -17.03
CA ASN A 770 -22.38 -0.97 -16.64
C ASN A 770 -22.69 0.44 -16.15
N VAL A 771 -23.82 0.98 -16.59
CA VAL A 771 -24.19 2.37 -16.30
C VAL A 771 -25.33 2.36 -15.29
N GLN A 772 -25.12 3.03 -14.16
CA GLN A 772 -26.17 3.24 -13.16
C GLN A 772 -26.25 4.73 -12.89
N PRO A 773 -27.38 5.39 -13.20
CA PRO A 773 -27.47 6.84 -12.93
C PRO A 773 -27.94 7.12 -11.51
N MET A 774 -27.08 7.78 -10.73
CA MET A 774 -27.48 8.19 -9.39
C MET A 774 -28.45 9.37 -9.44
N THR A 775 -28.29 10.25 -10.42
CA THR A 775 -29.12 11.43 -10.54
C THR A 775 -29.18 11.83 -12.02
N ARG A 776 -29.78 12.98 -12.30
CA ARG A 776 -29.73 13.59 -13.62
C ARG A 776 -28.45 14.35 -13.87
N SER A 777 -27.50 14.28 -12.93
CA SER A 777 -26.23 14.98 -13.08
C SER A 777 -25.01 14.12 -12.77
N MET A 778 -25.18 12.85 -12.47
CA MET A 778 -24.03 12.02 -12.14
C MET A 778 -24.37 10.55 -12.36
N LEU A 779 -23.47 9.85 -13.05
CA LEU A 779 -23.62 8.44 -13.36
C LEU A 779 -22.57 7.62 -12.62
N ARG A 780 -22.93 6.39 -12.27
CA ARG A 780 -22.04 5.44 -11.63
C ARG A 780 -21.69 4.35 -12.63
N ILE A 781 -20.40 4.25 -12.96
CA ILE A 781 -19.92 3.32 -14.00
C ILE A 781 -19.10 2.23 -13.32
N GLU A 782 -19.44 0.98 -13.63
CA GLU A 782 -18.73 -0.20 -13.15
C GLU A 782 -17.97 -0.80 -14.32
N LEU A 783 -16.66 -0.57 -14.35
CA LEU A 783 -15.79 -0.98 -15.45
C LEU A 783 -15.15 -2.32 -15.10
N THR A 784 -15.36 -3.32 -15.94
CA THR A 784 -14.90 -4.69 -15.71
C THR A 784 -13.80 -5.01 -16.72
N ILE A 785 -12.57 -5.12 -16.23
CA ILE A 785 -11.39 -5.32 -17.07
C ILE A 785 -10.97 -6.78 -16.95
N THR A 786 -10.92 -7.48 -18.08
CA THR A 786 -10.45 -8.86 -18.13
C THR A 786 -9.18 -8.91 -18.96
N PRO A 787 -8.13 -9.59 -18.50
CA PRO A 787 -6.89 -9.67 -19.29
C PRO A 787 -6.91 -10.83 -20.26
N ASN A 788 -6.35 -10.60 -21.45
CA ASN A 788 -6.43 -11.54 -22.57
C ASN A 788 -5.04 -11.79 -23.16
N PHE A 789 -4.07 -12.09 -22.32
CA PHE A 789 -2.71 -12.31 -22.79
C PHE A 789 -1.98 -13.26 -21.84
N GLN A 790 -0.76 -13.62 -22.22
CA GLN A 790 0.06 -14.54 -21.46
C GLN A 790 1.16 -13.75 -20.76
N TRP A 791 1.41 -14.07 -19.49
CA TRP A 791 2.41 -13.34 -18.71
C TRP A 791 3.80 -13.92 -18.98
N ASP A 792 4.81 -13.06 -18.84
CA ASP A 792 6.20 -13.45 -19.03
C ASP A 792 7.06 -12.53 -18.17
N VAL A 793 7.64 -13.09 -17.10
CA VAL A 793 8.31 -12.29 -16.08
C VAL A 793 9.50 -11.50 -16.64
N GLU A 794 10.05 -11.92 -17.78
CA GLU A 794 11.23 -11.24 -18.32
C GLU A 794 10.88 -9.86 -18.85
N LEU A 795 9.80 -9.76 -19.64
CA LEU A 795 9.41 -8.49 -20.23
C LEU A 795 8.25 -7.82 -19.50
N HIS A 796 7.47 -8.57 -18.72
CA HIS A 796 6.40 -8.00 -17.92
C HIS A 796 6.82 -7.68 -16.49
N GLY A 797 7.79 -8.41 -15.94
CA GLY A 797 8.05 -8.28 -14.52
C GLY A 797 6.97 -8.99 -13.72
N VAL A 798 6.65 -8.43 -12.55
CA VAL A 798 5.58 -8.96 -11.73
C VAL A 798 4.27 -8.19 -11.90
N THR A 799 4.32 -6.98 -12.44
CA THR A 799 3.14 -6.15 -12.60
C THR A 799 3.16 -5.47 -13.96
N GLU A 800 1.99 -5.02 -14.39
CA GLU A 800 1.84 -4.22 -15.60
C GLU A 800 0.89 -3.06 -15.29
N SER A 801 1.28 -1.87 -15.74
CA SER A 801 0.55 -0.65 -15.42
C SER A 801 -0.27 -0.20 -16.63
N PHE A 802 -1.45 0.34 -16.33
CA PHE A 802 -2.40 0.80 -17.35
C PHE A 802 -3.02 2.11 -16.92
N TRP A 803 -3.36 2.94 -17.91
CA TRP A 803 -4.12 4.16 -17.69
C TRP A 803 -5.57 3.94 -18.11
N ILE A 804 -6.50 4.47 -17.32
CA ILE A 804 -7.92 4.43 -17.63
C ILE A 804 -8.38 5.85 -17.94
N LEU A 805 -8.86 6.07 -19.16
CA LEU A 805 -9.30 7.39 -19.60
C LEU A 805 -10.80 7.37 -19.91
N VAL A 806 -11.45 8.50 -19.67
CA VAL A 806 -12.87 8.68 -19.97
C VAL A 806 -13.04 10.04 -20.65
N GLU A 807 -13.69 10.05 -21.82
CA GLU A 807 -13.72 11.23 -22.67
C GLU A 807 -15.13 11.61 -23.06
N ASP A 808 -15.27 12.84 -23.54
CA ASP A 808 -16.51 13.25 -24.19
C ASP A 808 -16.72 12.45 -25.47
N CYS A 809 -17.87 12.69 -26.10
CA CYS A 809 -18.07 12.25 -27.47
C CYS A 809 -17.15 13.01 -28.42
N ASP A 810 -16.63 14.16 -27.99
CA ASP A 810 -15.67 14.95 -28.75
C ASP A 810 -14.23 14.54 -28.51
N GLY A 811 -13.96 13.70 -27.50
CA GLY A 811 -12.59 13.40 -27.14
C GLY A 811 -11.81 14.61 -26.66
N GLU A 812 -12.51 15.63 -26.17
CA GLU A 812 -11.87 16.86 -25.72
C GLU A 812 -11.49 16.81 -24.24
N GLU A 813 -12.47 16.51 -23.37
CA GLU A 813 -12.32 16.66 -21.94
C GLU A 813 -12.19 15.30 -21.27
N ILE A 814 -11.34 15.24 -20.24
CA ILE A 814 -11.13 14.02 -19.46
C ILE A 814 -12.08 14.05 -18.27
N LEU A 815 -13.10 13.20 -18.29
CA LEU A 815 -14.09 13.13 -17.23
C LEU A 815 -13.69 12.16 -16.12
N PHE A 816 -12.67 11.33 -16.34
CA PHE A 816 -12.10 10.48 -15.31
C PHE A 816 -10.76 9.92 -15.78
N HIS A 817 -9.75 9.94 -14.91
CA HIS A 817 -8.49 9.28 -15.22
C HIS A 817 -7.92 8.68 -13.94
N ASP A 818 -7.36 7.48 -14.06
CA ASP A 818 -6.85 6.78 -12.90
C ASP A 818 -5.91 5.67 -13.40
N VAL A 819 -4.96 5.32 -12.56
CA VAL A 819 -4.04 4.22 -12.87
C VAL A 819 -4.73 2.90 -12.54
N PHE A 820 -4.60 1.93 -13.45
CA PHE A 820 -4.97 0.55 -13.19
C PHE A 820 -3.73 -0.31 -13.28
N ILE A 821 -3.50 -1.14 -12.26
CA ILE A 821 -2.31 -1.98 -12.15
C ILE A 821 -2.76 -3.44 -12.10
N LEU A 822 -2.24 -4.25 -13.02
CA LEU A 822 -2.45 -5.69 -13.01
C LEU A 822 -1.37 -6.36 -12.17
N ARG A 823 -1.79 -7.28 -11.30
CA ARG A 823 -0.87 -8.09 -10.52
C ARG A 823 -0.76 -9.47 -11.15
N LYS A 824 0.44 -10.04 -11.13
CA LYS A 824 0.66 -11.33 -11.77
C LYS A 824 -0.25 -12.41 -11.17
N ASP A 825 -0.17 -12.59 -9.84
CA ASP A 825 -0.97 -13.63 -9.19
C ASP A 825 -2.45 -13.47 -9.50
N LEU A 826 -2.94 -12.24 -9.52
CA LEU A 826 -4.37 -12.01 -9.78
C LEU A 826 -4.70 -12.16 -11.26
N ALA A 827 -3.77 -11.80 -12.14
CA ALA A 827 -4.06 -11.81 -13.58
C ALA A 827 -4.18 -13.24 -14.11
N GLU A 828 -3.24 -14.11 -13.75
CA GLU A 828 -3.22 -15.46 -14.29
C GLU A 828 -4.02 -16.45 -13.44
N ALA A 829 -4.93 -15.96 -12.60
CA ALA A 829 -5.79 -16.85 -11.84
C ALA A 829 -6.96 -17.33 -12.70
N GLU A 830 -7.74 -18.25 -12.12
CA GLU A 830 -8.91 -18.77 -12.84
C GLU A 830 -9.93 -17.66 -13.08
N GLU A 831 -10.33 -16.96 -12.02
CA GLU A 831 -11.20 -15.79 -12.14
C GLU A 831 -10.32 -14.56 -12.11
N ASN A 832 -10.16 -13.90 -13.26
CA ASN A 832 -9.26 -12.76 -13.39
C ASN A 832 -10.00 -11.48 -13.74
N GLU A 833 -11.30 -11.41 -13.49
CA GLU A 833 -12.09 -10.22 -13.79
C GLU A 833 -11.84 -9.16 -12.72
N HIS A 834 -11.07 -8.13 -13.06
CA HIS A 834 -10.90 -6.98 -12.19
C HIS A 834 -12.00 -5.97 -12.44
N THR A 835 -12.46 -5.32 -11.37
CA THR A 835 -13.48 -4.29 -11.47
C THR A 835 -12.95 -2.98 -10.92
N VAL A 836 -13.56 -1.88 -11.36
CA VAL A 836 -13.27 -0.56 -10.81
C VAL A 836 -14.49 0.35 -11.01
N GLU A 837 -14.94 1.00 -9.94
CA GLU A 837 -16.12 1.83 -9.97
C GLU A 837 -15.72 3.30 -9.83
N PHE A 838 -16.30 4.15 -10.68
CA PHE A 838 -16.04 5.58 -10.61
C PHE A 838 -17.31 6.33 -10.98
N THR A 839 -17.25 7.65 -10.89
CA THR A 839 -18.41 8.50 -11.08
C THR A 839 -18.07 9.64 -12.04
N VAL A 840 -18.89 9.81 -13.06
CA VAL A 840 -18.70 10.90 -14.02
C VAL A 840 -19.97 11.74 -14.08
N PRO A 841 -19.88 13.05 -14.27
CA PRO A 841 -21.09 13.88 -14.38
C PRO A 841 -21.69 13.77 -15.77
N ILE A 842 -22.88 14.35 -15.91
CA ILE A 842 -23.57 14.32 -17.19
C ILE A 842 -24.55 15.48 -17.29
N SER A 843 -24.53 16.18 -18.42
CA SER A 843 -25.44 17.30 -18.62
C SER A 843 -26.80 16.80 -19.09
N GLU A 844 -27.83 17.58 -18.77
CA GLU A 844 -29.20 17.12 -19.05
C GLU A 844 -29.49 16.93 -20.54
N PRO A 845 -29.08 17.84 -21.44
CA PRO A 845 -29.17 17.50 -22.87
C PRO A 845 -28.09 16.49 -23.22
N MET A 846 -28.38 15.20 -22.99
CA MET A 846 -27.32 14.20 -22.91
C MET A 846 -26.51 14.14 -24.21
N PRO A 847 -25.21 13.88 -24.12
CA PRO A 847 -24.43 13.59 -25.33
C PRO A 847 -24.70 12.17 -25.81
N PRO A 848 -24.36 11.85 -27.06
CA PRO A 848 -24.65 10.48 -27.54
C PRO A 848 -23.89 9.40 -26.80
N ASN A 849 -22.58 9.54 -26.65
CA ASN A 849 -21.79 8.49 -25.99
C ASN A 849 -20.56 9.09 -25.33
N TYR A 850 -20.18 8.50 -24.21
CA TYR A 850 -18.87 8.73 -23.62
C TYR A 850 -17.87 7.69 -24.16
N PHE A 851 -16.61 7.87 -23.83
CA PHE A 851 -15.57 6.96 -24.27
C PHE A 851 -14.70 6.53 -23.09
N ILE A 852 -14.23 5.30 -23.14
CA ILE A 852 -13.37 4.73 -22.10
C ILE A 852 -12.26 3.94 -22.78
N SER A 853 -11.01 4.27 -22.43
CA SER A 853 -9.85 3.58 -22.96
C SER A 853 -8.98 3.07 -21.83
N VAL A 854 -8.28 1.97 -22.10
CA VAL A 854 -7.32 1.38 -21.18
C VAL A 854 -5.99 1.27 -21.94
N ILE A 855 -5.06 2.16 -21.66
CA ILE A 855 -3.82 2.28 -22.41
C ILE A 855 -2.66 1.82 -21.52
N SER A 856 -1.78 0.99 -22.09
CA SER A 856 -0.60 0.54 -21.38
C SER A 856 0.36 1.70 -21.12
N ASP A 857 0.92 1.73 -19.92
CA ASP A 857 1.78 2.84 -19.53
C ASP A 857 3.04 2.89 -20.38
N ARG A 858 3.68 1.73 -20.59
CA ARG A 858 4.92 1.66 -21.34
C ARG A 858 4.73 1.08 -22.74
N TRP A 859 3.86 0.09 -22.89
CA TRP A 859 3.73 -0.61 -24.16
C TRP A 859 3.03 0.26 -25.20
N MET A 860 3.56 0.27 -26.41
CA MET A 860 3.00 1.01 -27.52
C MET A 860 2.01 0.15 -28.27
N HIS A 861 0.97 0.79 -28.82
CA HIS A 861 -0.07 0.12 -29.60
C HIS A 861 -0.86 -0.87 -28.74
N SER A 862 -1.03 -0.57 -27.45
CA SER A 862 -1.82 -1.39 -26.54
C SER A 862 -2.90 -0.52 -25.92
N GLU A 863 -4.03 -0.40 -26.61
CA GLU A 863 -5.17 0.39 -26.15
C GLU A 863 -6.47 -0.32 -26.53
N THR A 864 -7.37 -0.48 -25.56
CA THR A 864 -8.68 -1.06 -25.80
C THR A 864 -9.72 -0.01 -25.48
N ARG A 865 -10.30 0.59 -26.52
CA ARG A 865 -11.25 1.69 -26.36
C ARG A 865 -12.68 1.19 -26.46
N MET A 866 -13.53 1.68 -25.56
CA MET A 866 -14.91 1.25 -25.49
C MET A 866 -15.84 2.46 -25.55
N PRO A 867 -16.88 2.42 -26.36
CA PRO A 867 -17.92 3.46 -26.29
C PRO A 867 -18.94 3.15 -25.21
N VAL A 868 -19.55 4.20 -24.68
CA VAL A 868 -20.56 4.10 -23.63
C VAL A 868 -21.81 4.81 -24.14
N SER A 869 -22.73 4.03 -24.73
CA SER A 869 -23.88 4.63 -25.40
C SER A 869 -24.91 5.12 -24.39
N PHE A 870 -25.43 6.32 -24.62
CA PHE A 870 -26.44 6.91 -23.76
C PHE A 870 -27.78 7.03 -24.45
N GLN A 871 -27.98 6.33 -25.56
CA GLN A 871 -29.27 6.39 -26.25
C GLN A 871 -30.34 5.65 -25.47
N LYS A 872 -29.97 4.59 -24.75
CA LYS A 872 -30.89 3.78 -23.98
C LYS A 872 -31.00 4.20 -22.52
N LEU A 873 -30.24 5.21 -22.09
CA LEU A 873 -30.23 5.60 -20.70
C LEU A 873 -31.51 6.37 -20.36
N ILE A 874 -31.94 6.23 -19.10
CA ILE A 874 -33.13 6.91 -18.59
C ILE A 874 -32.76 7.52 -17.25
N LEU A 875 -32.65 8.86 -17.22
CA LEU A 875 -32.23 9.55 -16.02
C LEU A 875 -33.35 9.56 -14.98
N PRO A 876 -32.99 9.65 -13.69
CA PRO A 876 -34.01 9.62 -12.63
C PRO A 876 -34.94 10.82 -12.70
N GLU A 877 -36.01 10.75 -11.92
CA GLU A 877 -36.95 11.86 -11.85
C GLU A 877 -36.35 13.01 -11.05
N ARG A 878 -36.70 14.23 -11.44
CA ARG A 878 -36.12 15.42 -10.83
C ARG A 878 -36.36 15.44 -9.33
N PHE A 879 -35.45 16.09 -8.60
CA PHE A 879 -35.70 16.11 -7.18
C PHE A 879 -36.57 17.31 -6.81
N PRO A 880 -37.56 17.11 -5.96
CA PRO A 880 -38.40 18.22 -5.53
C PRO A 880 -37.71 19.03 -4.46
N PRO A 881 -38.03 20.32 -4.33
CA PRO A 881 -37.41 21.14 -3.29
C PRO A 881 -37.63 20.56 -1.90
N HIS A 882 -36.65 20.80 -1.02
CA HIS A 882 -36.81 20.45 0.37
C HIS A 882 -38.00 21.20 0.97
N THR A 883 -38.61 20.59 1.98
CA THR A 883 -39.66 21.28 2.73
C THR A 883 -39.07 22.52 3.38
N GLU A 884 -39.83 23.61 3.39
CA GLU A 884 -39.31 24.88 3.88
C GLU A 884 -38.96 24.77 5.36
N LEU A 885 -37.81 25.31 5.74
CA LEU A 885 -37.44 25.45 7.14
C LEU A 885 -38.19 26.67 7.66
N LEU A 886 -39.42 26.45 8.12
CA LEU A 886 -40.28 27.55 8.54
C LEU A 886 -39.68 28.27 9.73
N ASP A 887 -39.63 29.61 9.65
CA ASP A 887 -39.17 30.43 10.76
C ASP A 887 -40.37 30.60 11.71
N LEU A 888 -40.45 29.70 12.68
CA LEU A 888 -41.58 29.64 13.58
C LEU A 888 -41.17 30.07 14.98
N GLN A 889 -42.17 30.40 15.78
CA GLN A 889 -41.97 30.69 17.19
C GLN A 889 -41.43 29.42 17.86
N PRO A 890 -40.23 29.47 18.48
CA PRO A 890 -39.70 28.28 19.15
C PRO A 890 -40.69 27.67 20.14
N LEU A 891 -41.03 26.42 19.93
CA LEU A 891 -42.06 25.78 20.74
C LEU A 891 -41.53 25.53 22.15
N PRO A 892 -42.30 25.87 23.18
CA PRO A 892 -41.83 25.66 24.56
C PRO A 892 -41.95 24.21 24.97
N VAL A 893 -41.28 23.89 26.08
CA VAL A 893 -41.42 22.55 26.67
C VAL A 893 -42.77 22.38 27.33
N SER A 894 -43.45 23.48 27.66
CA SER A 894 -44.79 23.43 28.20
C SER A 894 -45.85 23.17 27.12
N ALA A 895 -45.44 23.03 25.85
CA ALA A 895 -46.40 22.64 24.82
C ALA A 895 -46.88 21.21 25.02
N LEU A 896 -46.03 20.35 25.56
CA LEU A 896 -46.52 19.11 26.14
C LEU A 896 -47.38 19.45 27.36
N LYS A 897 -48.46 18.70 27.55
CA LYS A 897 -49.46 19.07 28.56
C LYS A 897 -49.26 18.34 29.87
N ALA A 898 -48.00 18.14 30.28
CA ALA A 898 -47.71 17.44 31.52
C ALA A 898 -46.42 17.97 32.12
N LYS A 899 -46.34 17.91 33.45
CA LYS A 899 -45.09 18.28 34.12
C LYS A 899 -44.00 17.25 33.87
N ASP A 900 -44.36 15.95 33.93
CA ASP A 900 -43.36 14.90 33.80
C ASP A 900 -42.86 14.77 32.36
N TYR A 901 -43.71 15.06 31.37
CA TYR A 901 -43.24 15.11 29.99
C TYR A 901 -42.28 16.28 29.78
N ALA A 902 -42.61 17.44 30.36
CA ALA A 902 -41.68 18.57 30.32
C ALA A 902 -40.52 18.40 31.28
N ALA A 903 -40.58 17.45 32.20
CA ALA A 903 -39.46 17.15 33.08
C ALA A 903 -38.38 16.35 32.40
N LEU A 904 -38.71 15.65 31.30
CA LEU A 904 -37.70 14.95 30.52
C LEU A 904 -36.69 15.91 29.91
N TYR A 905 -37.02 17.20 29.86
CA TYR A 905 -36.15 18.22 29.29
C TYR A 905 -35.94 19.31 30.35
N PRO A 906 -35.17 19.00 31.40
CA PRO A 906 -35.09 19.93 32.53
C PRO A 906 -34.30 21.20 32.21
N ASN A 907 -33.16 21.08 31.51
CA ASN A 907 -32.33 22.21 31.10
C ASN A 907 -32.76 22.81 29.76
N TRP A 908 -34.02 22.65 29.39
CA TRP A 908 -34.55 23.11 28.11
C TRP A 908 -35.67 24.11 28.35
N GLN A 909 -35.64 25.22 27.61
CA GLN A 909 -36.73 26.20 27.61
C GLN A 909 -37.56 26.15 26.34
N GLN A 910 -36.95 25.84 25.20
CA GLN A 910 -37.64 25.81 23.92
C GLN A 910 -37.37 24.50 23.18
N PHE A 911 -37.78 24.43 21.92
CA PHE A 911 -37.49 23.29 21.07
C PHE A 911 -36.78 23.77 19.81
N ASN A 912 -36.10 22.84 19.15
CA ASN A 912 -35.28 23.17 18.00
C ASN A 912 -36.13 23.48 16.78
N LYS A 913 -35.56 24.28 15.86
CA LYS A 913 -36.27 24.74 14.67
C LYS A 913 -36.91 23.58 13.91
N ILE A 914 -36.30 22.40 13.94
CA ILE A 914 -36.88 21.23 13.31
C ILE A 914 -37.90 20.56 14.21
N GLN A 915 -37.66 20.56 15.52
CA GLN A 915 -38.57 19.89 16.45
C GLN A 915 -39.88 20.65 16.59
N THR A 916 -39.84 21.98 16.52
CA THR A 916 -41.08 22.76 16.62
C THR A 916 -41.94 22.55 15.38
N GLN A 917 -41.30 22.44 14.22
CA GLN A 917 -42.03 22.30 12.96
C GLN A 917 -42.67 20.92 12.84
N THR A 918 -41.96 19.88 13.28
CA THR A 918 -42.48 18.52 13.22
C THR A 918 -43.33 18.15 14.43
N PHE A 919 -43.45 19.04 15.42
CA PHE A 919 -44.15 18.71 16.65
C PHE A 919 -45.63 18.44 16.40
N ASN A 920 -46.21 19.09 15.39
CA ASN A 920 -47.65 18.95 15.15
C ASN A 920 -47.99 17.54 14.67
N SER A 921 -47.27 17.05 13.66
CA SER A 921 -47.57 15.73 13.10
C SER A 921 -47.22 14.60 14.06
N LEU A 922 -46.37 14.85 15.06
CA LEU A 922 -45.80 13.79 15.88
C LEU A 922 -46.53 13.59 17.20
N TYR A 923 -46.88 14.68 17.90
CA TYR A 923 -47.43 14.60 19.26
C TYR A 923 -48.94 14.73 19.29
N ASN A 924 -49.56 15.19 18.21
CA ASN A 924 -51.00 15.42 18.15
C ASN A 924 -51.71 14.55 17.13
N THR A 925 -50.97 13.73 16.37
CA THR A 925 -51.56 13.00 15.26
C THR A 925 -50.94 11.60 15.19
N ASP A 926 -51.78 10.60 14.94
CA ASP A 926 -51.33 9.22 14.83
C ASP A 926 -51.03 8.81 13.39
N ASN A 927 -50.82 9.78 12.50
CA ASN A 927 -50.44 9.45 11.13
C ASN A 927 -49.02 8.89 11.10
N ASN A 928 -48.70 8.26 9.97
CA ASN A 928 -47.29 7.97 9.70
C ASN A 928 -46.58 9.25 9.31
N VAL A 929 -45.33 9.38 9.78
CA VAL A 929 -44.55 10.59 9.54
C VAL A 929 -43.11 10.18 9.25
N LEU A 930 -42.48 10.91 8.33
CA LEU A 930 -41.07 10.74 8.01
C LEU A 930 -40.38 12.09 8.13
N VAL A 931 -39.50 12.23 9.11
CA VAL A 931 -38.71 13.43 9.31
C VAL A 931 -37.28 13.10 8.94
N ALA A 932 -36.73 13.84 7.98
CA ALA A 932 -35.39 13.61 7.46
C ALA A 932 -34.60 14.91 7.56
N ALA A 933 -33.57 14.91 8.39
CA ALA A 933 -32.74 16.08 8.67
C ALA A 933 -31.32 15.60 8.93
N PRO A 934 -30.30 16.45 8.74
CA PRO A 934 -28.93 15.98 8.88
C PRO A 934 -28.64 15.43 10.27
N THR A 935 -27.61 14.59 10.34
CA THR A 935 -27.21 13.99 11.61
C THR A 935 -26.89 15.06 12.63
N GLY A 936 -27.34 14.85 13.86
CA GLY A 936 -27.07 15.76 14.95
C GLY A 936 -28.10 16.86 15.15
N SER A 937 -29.09 16.96 14.28
CA SER A 937 -30.12 17.99 14.43
C SER A 937 -31.09 17.70 15.56
N GLY A 938 -30.98 16.53 16.19
CA GLY A 938 -31.87 16.17 17.28
C GLY A 938 -33.07 15.34 16.89
N LYS A 939 -33.00 14.59 15.79
CA LYS A 939 -34.13 13.78 15.34
C LYS A 939 -34.58 12.76 16.39
N THR A 940 -33.70 12.41 17.33
CA THR A 940 -34.04 11.42 18.34
C THR A 940 -35.23 11.85 19.19
N VAL A 941 -35.41 13.16 19.40
CA VAL A 941 -36.57 13.61 20.16
C VAL A 941 -37.84 13.58 19.33
N CYS A 942 -37.73 13.63 18.00
CA CYS A 942 -38.91 13.43 17.16
C CYS A 942 -39.53 12.06 17.38
N ALA A 943 -38.69 11.04 17.63
CA ALA A 943 -39.23 9.74 17.98
C ALA A 943 -39.81 9.74 19.40
N GLU A 944 -39.27 10.58 20.28
CA GLU A 944 -39.82 10.66 21.63
C GLU A 944 -41.21 11.28 21.62
N PHE A 945 -41.45 12.24 20.72
CA PHE A 945 -42.78 12.82 20.58
C PHE A 945 -43.82 11.74 20.29
N ALA A 946 -43.50 10.82 19.38
CA ALA A 946 -44.44 9.75 19.05
C ALA A 946 -44.62 8.79 20.21
N LEU A 947 -43.58 8.59 21.03
CA LEU A 947 -43.72 7.74 22.20
C LEU A 947 -44.55 8.41 23.28
N LEU A 948 -44.29 9.71 23.52
CA LEU A 948 -45.00 10.41 24.58
C LEU A 948 -46.49 10.52 24.28
N ARG A 949 -46.84 10.78 23.01
CA ARG A 949 -48.25 10.72 22.61
C ARG A 949 -48.80 9.32 22.82
N HIS A 950 -48.01 8.30 22.48
CA HIS A 950 -48.50 6.92 22.59
C HIS A 950 -48.68 6.50 24.03
N TRP A 951 -47.82 6.97 24.94
CA TRP A 951 -47.93 6.55 26.33
C TRP A 951 -48.95 7.35 27.12
N ALA A 952 -49.53 8.39 26.55
CA ALA A 952 -50.70 9.03 27.14
C ALA A 952 -51.99 8.29 26.83
N LYS A 953 -51.90 7.17 26.12
CA LYS A 953 -53.07 6.41 25.71
C LYS A 953 -53.50 5.42 26.79
N LYS A 954 -54.34 4.45 26.43
CA LYS A 954 -54.91 3.46 27.32
C LYS A 954 -54.22 2.11 27.25
N ASP A 955 -54.12 1.53 26.05
CA ASP A 955 -53.61 0.17 25.90
C ASP A 955 -52.12 0.09 26.25
N ALA A 956 -51.66 -1.15 26.47
CA ALA A 956 -50.24 -1.38 26.62
C ALA A 956 -49.47 -0.87 25.42
N GLY A 957 -49.98 -1.15 24.22
CA GLY A 957 -49.47 -0.58 22.99
C GLY A 957 -47.99 -0.77 22.79
N ARG A 958 -47.55 -2.00 22.55
CA ARG A 958 -46.13 -2.29 22.41
C ARG A 958 -45.54 -1.49 21.26
N ALA A 959 -44.51 -0.71 21.56
CA ALA A 959 -43.78 0.05 20.55
C ALA A 959 -42.47 -0.67 20.23
N VAL A 960 -42.07 -0.60 18.96
CA VAL A 960 -40.87 -1.28 18.49
C VAL A 960 -39.98 -0.23 17.82
N TYR A 961 -38.78 -0.04 18.38
CA TYR A 961 -37.79 0.88 17.83
C TYR A 961 -36.68 0.06 17.18
N ILE A 962 -36.18 0.52 16.03
CA ILE A 962 -35.22 -0.24 15.25
C ILE A 962 -34.14 0.72 14.74
N ALA A 963 -32.87 0.43 15.10
CA ALA A 963 -31.68 1.06 14.57
C ALA A 963 -30.95 0.08 13.64
N PRO A 964 -30.24 0.57 12.63
CA PRO A 964 -29.65 -0.35 11.65
C PRO A 964 -28.57 -1.25 12.21
N PHE A 965 -27.88 -0.85 13.27
CA PHE A 965 -26.78 -1.65 13.81
C PHE A 965 -26.93 -1.83 15.31
N GLN A 966 -26.47 -3.00 15.79
CA GLN A 966 -26.59 -3.33 17.21
C GLN A 966 -25.89 -2.30 18.09
N GLU A 967 -24.82 -1.68 17.57
CA GLU A 967 -24.12 -0.64 18.33
C GLU A 967 -25.02 0.57 18.58
N LEU A 968 -26.00 0.78 17.71
CA LEU A 968 -26.91 1.92 17.85
C LEU A 968 -28.06 1.65 18.79
N VAL A 969 -28.57 0.41 18.84
CA VAL A 969 -29.63 0.09 19.79
C VAL A 969 -29.07 0.03 21.21
N ASP A 970 -27.77 -0.27 21.36
CA ASP A 970 -27.18 -0.30 22.68
C ASP A 970 -27.02 1.11 23.25
N LEU A 971 -26.46 2.03 22.45
CA LEU A 971 -26.43 3.44 22.86
C LEU A 971 -27.84 3.99 23.04
N ARG A 972 -28.82 3.46 22.28
CA ARG A 972 -30.19 3.93 22.43
C ARG A 972 -30.81 3.40 23.71
N PHE A 973 -30.67 2.10 23.96
CA PHE A 973 -31.21 1.49 25.18
C PHE A 973 -30.74 2.22 26.43
N GLN A 974 -29.44 2.53 26.48
CA GLN A 974 -28.87 3.17 27.67
C GLN A 974 -29.57 4.48 27.99
N ASP A 975 -29.88 5.28 26.97
CA ASP A 975 -30.45 6.60 27.22
C ASP A 975 -31.95 6.54 27.51
N TRP A 976 -32.67 5.60 26.90
CA TRP A 976 -34.10 5.50 27.11
C TRP A 976 -34.48 4.62 28.30
N GLN A 977 -33.59 3.72 28.73
CA GLN A 977 -33.86 2.91 29.91
C GLN A 977 -33.59 3.68 31.21
N LYS A 978 -32.81 4.75 31.15
CA LYS A 978 -32.52 5.54 32.34
C LYS A 978 -33.47 6.73 32.51
N ARG A 979 -34.01 7.26 31.41
CA ARG A 979 -34.85 8.44 31.45
C ARG A 979 -36.33 8.14 31.31
N LEU A 980 -36.71 7.07 30.61
CA LEU A 980 -38.10 6.81 30.27
C LEU A 980 -38.68 5.60 30.99
N SER A 981 -38.00 5.06 32.00
CA SER A 981 -38.61 4.00 32.80
C SER A 981 -39.67 4.57 33.73
N HIS A 982 -39.32 5.63 34.47
CA HIS A 982 -40.31 6.30 35.31
C HIS A 982 -41.22 7.16 34.43
N LEU A 983 -42.29 6.57 33.92
CA LEU A 983 -43.17 7.30 33.02
C LEU A 983 -44.54 6.62 33.02
N ARG A 984 -45.52 7.29 33.62
CA ARG A 984 -46.91 6.82 33.66
C ARG A 984 -46.99 5.35 34.06
N GLY A 985 -46.51 5.06 35.27
CA GLY A 985 -46.50 3.71 35.77
C GLY A 985 -45.25 2.96 35.37
N GLY A 986 -45.36 1.63 35.23
CA GLY A 986 -44.22 0.82 34.89
C GLY A 986 -44.07 0.56 33.41
N LYS A 987 -43.05 1.16 32.79
CA LYS A 987 -42.73 0.93 31.39
C LYS A 987 -41.50 0.03 31.30
N GLU A 988 -41.63 -1.11 30.62
CA GLU A 988 -40.54 -2.04 30.43
C GLU A 988 -39.85 -1.73 29.10
N ILE A 989 -38.61 -1.26 29.18
CA ILE A 989 -37.79 -1.00 28.00
C ILE A 989 -36.78 -2.13 27.87
N VAL A 990 -36.89 -2.91 26.80
CA VAL A 990 -36.04 -4.07 26.59
C VAL A 990 -35.39 -3.98 25.22
N LYS A 991 -34.21 -4.58 25.10
CA LYS A 991 -33.55 -4.75 23.82
C LYS A 991 -33.42 -6.23 23.51
N LEU A 992 -33.55 -6.60 22.24
CA LEU A 992 -33.52 -8.01 21.89
C LEU A 992 -32.10 -8.55 21.92
N THR A 993 -31.99 -9.87 21.89
CA THR A 993 -30.70 -10.55 22.01
C THR A 993 -30.25 -11.24 20.73
N GLY A 994 -31.14 -11.96 20.05
CA GLY A 994 -30.75 -12.70 18.86
C GLY A 994 -31.24 -14.13 18.86
N GLU A 995 -31.16 -14.80 20.01
CA GLU A 995 -31.79 -16.11 20.16
C GLU A 995 -33.29 -15.91 20.36
N THR A 996 -34.09 -16.55 19.51
CA THR A 996 -35.51 -16.19 19.44
C THR A 996 -36.24 -16.54 20.72
N THR A 997 -35.90 -17.68 21.35
CA THR A 997 -36.73 -18.19 22.43
C THR A 997 -36.73 -17.28 23.66
N THR A 998 -35.69 -16.47 23.84
CA THR A 998 -35.61 -15.63 25.03
C THR A 998 -35.99 -14.17 24.77
N ASP A 999 -35.92 -13.69 23.53
CA ASP A 999 -36.32 -12.31 23.25
C ASP A 999 -37.73 -12.21 22.69
N LEU A 1000 -38.41 -13.33 22.47
CA LEU A 1000 -39.83 -13.28 22.14
C LEU A 1000 -40.68 -13.17 23.39
N LYS A 1001 -40.17 -13.61 24.55
CA LYS A 1001 -40.84 -13.33 25.81
C LYS A 1001 -40.51 -11.91 26.29
N LEU A 1002 -39.35 -11.38 25.91
CA LEU A 1002 -39.07 -9.96 26.13
C LEU A 1002 -40.05 -9.09 25.36
N LEU A 1003 -40.53 -9.57 24.21
CA LEU A 1003 -41.57 -8.84 23.47
C LEU A 1003 -42.85 -8.76 24.29
N GLU A 1004 -43.22 -9.86 24.96
CA GLU A 1004 -44.45 -9.87 25.75
C GLU A 1004 -44.28 -9.18 27.08
N GLN A 1005 -43.06 -9.13 27.60
CA GLN A 1005 -42.79 -8.50 28.89
C GLN A 1005 -42.51 -7.01 28.78
N GLY A 1006 -42.25 -6.50 27.58
CA GLY A 1006 -41.84 -5.12 27.39
C GLY A 1006 -42.92 -4.26 26.75
N ASP A 1007 -42.89 -2.98 27.06
CA ASP A 1007 -43.76 -2.00 26.40
C ASP A 1007 -43.07 -1.33 25.23
N LEU A 1008 -41.75 -1.19 25.28
CA LEU A 1008 -40.94 -0.65 24.19
C LEU A 1008 -39.82 -1.63 23.89
N ILE A 1009 -39.73 -2.07 22.64
CA ILE A 1009 -38.83 -3.15 22.24
C ILE A 1009 -37.79 -2.59 21.27
N LEU A 1010 -36.53 -2.64 21.67
CA LEU A 1010 -35.44 -2.22 20.80
C LEU A 1010 -34.87 -3.45 20.08
N ALA A 1011 -34.71 -3.34 18.77
CA ALA A 1011 -34.30 -4.47 17.96
C ALA A 1011 -33.59 -4.00 16.70
N THR A 1012 -32.62 -4.78 16.25
CA THR A 1012 -31.99 -4.56 14.96
C THR A 1012 -32.84 -5.19 13.86
N PRO A 1013 -32.64 -4.78 12.59
CA PRO A 1013 -33.50 -5.30 11.52
C PRO A 1013 -33.55 -6.82 11.42
N LEU A 1014 -32.48 -7.53 11.80
CA LEU A 1014 -32.53 -8.98 11.76
C LEU A 1014 -33.21 -9.56 13.00
N GLN A 1015 -32.96 -8.94 14.17
CA GLN A 1015 -33.56 -9.44 15.40
C GLN A 1015 -35.08 -9.43 15.32
N TRP A 1016 -35.66 -8.35 14.79
CA TRP A 1016 -37.11 -8.32 14.61
C TRP A 1016 -37.55 -9.18 13.43
N ASP A 1017 -36.66 -9.47 12.48
CA ASP A 1017 -37.01 -10.33 11.36
C ASP A 1017 -37.44 -11.71 11.83
N VAL A 1018 -36.59 -12.38 12.60
CA VAL A 1018 -36.89 -13.75 13.04
C VAL A 1018 -38.17 -13.77 13.87
N LEU A 1019 -38.49 -12.68 14.56
CA LEU A 1019 -39.72 -12.63 15.32
C LEU A 1019 -40.93 -12.44 14.41
N SER A 1020 -40.89 -11.42 13.55
CA SER A 1020 -42.05 -11.06 12.74
C SER A 1020 -42.29 -12.03 11.58
N ARG A 1021 -41.37 -12.95 11.30
CA ARG A 1021 -41.62 -13.95 10.26
C ARG A 1021 -42.88 -14.74 10.56
N GLN A 1022 -43.00 -15.24 11.78
CA GLN A 1022 -44.17 -16.00 12.23
C GLN A 1022 -45.23 -15.06 12.81
N TRP A 1023 -45.62 -14.04 12.04
CA TRP A 1023 -46.54 -13.04 12.55
C TRP A 1023 -47.95 -13.60 12.73
N LYS A 1024 -48.36 -14.54 11.86
CA LYS A 1024 -49.65 -15.20 12.06
C LYS A 1024 -49.63 -16.08 13.30
N ARG A 1025 -48.47 -16.66 13.63
CA ARG A 1025 -48.36 -17.55 14.78
C ARG A 1025 -48.24 -16.78 16.09
N ARG A 1026 -47.38 -15.77 16.13
CA ARG A 1026 -47.12 -14.98 17.34
C ARG A 1026 -48.02 -13.75 17.30
N LYS A 1027 -48.97 -13.67 18.23
CA LYS A 1027 -49.94 -12.59 18.22
C LYS A 1027 -49.36 -11.26 18.68
N ASN A 1028 -48.26 -11.29 19.43
CA ASN A 1028 -47.65 -10.04 19.90
C ASN A 1028 -46.99 -9.24 18.79
N VAL A 1029 -46.89 -9.81 17.58
CA VAL A 1029 -46.34 -9.06 16.45
C VAL A 1029 -47.36 -8.06 15.92
N GLN A 1030 -48.63 -8.45 15.83
CA GLN A 1030 -49.66 -7.52 15.38
C GLN A 1030 -50.06 -6.54 16.47
N THR A 1031 -49.94 -6.92 17.74
CA THR A 1031 -50.32 -6.06 18.85
C THR A 1031 -49.60 -4.72 18.80
N VAL A 1032 -48.43 -4.67 18.15
CA VAL A 1032 -47.67 -3.42 18.07
C VAL A 1032 -48.49 -2.35 17.38
N GLU A 1033 -48.42 -1.15 17.92
CA GLU A 1033 -49.18 -0.02 17.42
C GLU A 1033 -48.30 1.16 16.99
N LEU A 1034 -47.13 1.31 17.60
CA LEU A 1034 -46.10 2.23 17.14
C LEU A 1034 -44.91 1.43 16.62
N PHE A 1035 -44.26 1.95 15.59
CA PHE A 1035 -43.11 1.28 15.00
C PHE A 1035 -42.16 2.35 14.48
N ILE A 1036 -41.02 2.50 15.15
CA ILE A 1036 -40.03 3.52 14.80
C ILE A 1036 -38.92 2.88 14.00
N ALA A 1037 -38.47 3.57 12.95
CA ALA A 1037 -37.42 3.08 12.04
C ALA A 1037 -36.30 4.12 11.98
N ASP A 1038 -35.32 4.00 12.87
CA ASP A 1038 -34.29 5.02 12.99
C ASP A 1038 -33.15 4.76 12.01
N ASP A 1039 -32.52 5.85 11.58
CA ASP A 1039 -31.49 5.80 10.54
C ASP A 1039 -31.96 4.98 9.34
N LEU A 1040 -33.24 5.19 8.97
CA LEU A 1040 -33.88 4.36 7.96
C LEU A 1040 -33.17 4.43 6.61
N HIS A 1041 -32.50 5.56 6.33
CA HIS A 1041 -31.77 5.69 5.07
C HIS A 1041 -30.72 4.59 4.89
N MET A 1042 -30.28 3.97 5.98
CA MET A 1042 -29.37 2.84 5.90
C MET A 1042 -29.99 1.61 5.25
N LEU A 1043 -31.23 1.65 4.74
CA LEU A 1043 -31.75 0.50 4.01
C LEU A 1043 -30.90 0.19 2.79
N GLY A 1044 -30.23 1.20 2.25
CA GLY A 1044 -29.24 0.98 1.21
C GLY A 1044 -27.84 0.90 1.77
N GLY A 1045 -27.64 0.09 2.81
CA GLY A 1045 -26.35 -0.05 3.45
C GLY A 1045 -26.01 -1.51 3.67
N GLN A 1046 -24.88 -1.73 4.36
CA GLN A 1046 -24.47 -3.08 4.71
C GLN A 1046 -25.57 -3.79 5.47
N MET A 1047 -25.99 -4.95 4.95
CA MET A 1047 -27.13 -5.69 5.50
C MET A 1047 -28.36 -4.78 5.56
N GLY A 1048 -28.55 -3.98 4.52
CA GLY A 1048 -29.62 -3.01 4.48
C GLY A 1048 -30.91 -3.53 3.88
N TYR A 1049 -30.80 -4.61 3.10
CA TYR A 1049 -32.00 -5.18 2.48
C TYR A 1049 -32.89 -5.85 3.51
N ILE A 1050 -32.30 -6.45 4.55
CA ILE A 1050 -33.11 -7.04 5.61
C ILE A 1050 -33.84 -5.95 6.38
N TYR A 1051 -33.26 -4.75 6.45
CA TYR A 1051 -33.99 -3.61 6.99
C TYR A 1051 -35.16 -3.25 6.07
N GLU A 1052 -34.93 -3.30 4.76
CA GLU A 1052 -36.01 -3.00 3.81
C GLU A 1052 -37.14 -4.00 3.96
N ILE A 1053 -36.82 -5.26 4.27
CA ILE A 1053 -37.83 -6.30 4.33
C ILE A 1053 -38.72 -6.12 5.57
N VAL A 1054 -38.11 -5.94 6.74
CA VAL A 1054 -38.89 -5.87 7.97
C VAL A 1054 -39.82 -4.66 7.95
N VAL A 1055 -39.34 -3.53 7.43
CA VAL A 1055 -40.20 -2.35 7.30
C VAL A 1055 -41.33 -2.63 6.31
N SER A 1056 -41.01 -3.33 5.21
CA SER A 1056 -42.04 -3.65 4.22
C SER A 1056 -43.00 -4.71 4.75
N ARG A 1057 -42.56 -5.56 5.67
CA ARG A 1057 -43.45 -6.57 6.22
C ARG A 1057 -44.40 -5.98 7.24
N MET A 1058 -43.93 -5.02 8.05
CA MET A 1058 -44.79 -4.37 9.01
C MET A 1058 -45.97 -3.69 8.32
N HIS A 1059 -45.70 -3.04 7.17
CA HIS A 1059 -46.81 -2.50 6.38
C HIS A 1059 -47.71 -3.61 5.87
N PHE A 1060 -47.15 -4.80 5.60
CA PHE A 1060 -47.99 -5.93 5.24
C PHE A 1060 -48.71 -6.50 6.45
N ILE A 1061 -48.11 -6.39 7.64
CA ILE A 1061 -48.79 -6.83 8.86
C ILE A 1061 -50.00 -5.96 9.14
N ARG A 1062 -49.86 -4.64 9.00
CA ARG A 1062 -50.96 -3.73 9.27
C ARG A 1062 -51.94 -3.61 8.11
N THR A 1063 -51.60 -4.13 6.94
CA THR A 1063 -52.55 -4.15 5.83
C THR A 1063 -53.31 -5.47 5.76
N GLN A 1064 -52.86 -6.50 6.45
CA GLN A 1064 -53.62 -7.73 6.59
C GLN A 1064 -54.49 -7.67 7.84
N THR A 1065 -53.88 -7.43 8.99
CA THR A 1065 -54.62 -7.18 10.21
C THR A 1065 -55.12 -5.74 10.20
N GLU A 1066 -56.44 -5.57 10.33
CA GLU A 1066 -57.05 -4.26 10.18
C GLU A 1066 -56.68 -3.29 11.29
N LEU A 1067 -56.08 -3.75 12.38
CA LEU A 1067 -55.84 -2.87 13.52
C LEU A 1067 -54.83 -1.79 13.16
N PRO A 1068 -54.96 -0.60 13.75
CA PRO A 1068 -54.07 0.50 13.38
C PRO A 1068 -52.64 0.28 13.86
N MET A 1069 -51.70 0.82 13.09
CA MET A 1069 -50.28 0.65 13.39
C MET A 1069 -49.53 1.81 12.75
N ARG A 1070 -49.02 2.73 13.58
CA ARG A 1070 -48.34 3.92 13.11
C ARG A 1070 -46.86 3.63 12.92
N ILE A 1071 -46.29 4.17 11.84
CA ILE A 1071 -44.85 4.09 11.60
C ILE A 1071 -44.28 5.49 11.52
N VAL A 1072 -43.25 5.75 12.30
CA VAL A 1072 -42.45 6.96 12.16
C VAL A 1072 -41.06 6.55 11.71
N GLY A 1073 -40.42 7.43 10.95
CA GLY A 1073 -39.11 7.14 10.40
C GLY A 1073 -38.16 8.30 10.49
N LEU A 1074 -36.93 8.03 10.94
CA LEU A 1074 -35.89 9.03 11.03
C LEU A 1074 -34.83 8.77 9.97
N SER A 1075 -34.24 9.85 9.45
CA SER A 1075 -33.30 9.72 8.35
C SER A 1075 -32.52 11.02 8.20
N VAL A 1076 -31.41 10.94 7.48
CA VAL A 1076 -30.64 12.12 7.10
C VAL A 1076 -31.32 12.78 5.92
N SER A 1077 -30.90 14.00 5.57
CA SER A 1077 -31.51 14.74 4.47
C SER A 1077 -31.44 13.93 3.18
N LEU A 1078 -32.60 13.49 2.69
CA LEU A 1078 -32.70 12.62 1.53
C LEU A 1078 -32.91 13.42 0.24
N ALA A 1079 -32.58 12.78 -0.87
CA ALA A 1079 -32.83 13.39 -2.18
C ALA A 1079 -34.24 13.11 -2.67
N ASN A 1080 -34.71 11.88 -2.45
CA ASN A 1080 -36.01 11.42 -2.94
C ASN A 1080 -36.81 10.92 -1.74
N ALA A 1081 -37.47 11.85 -1.05
CA ALA A 1081 -38.30 11.53 0.11
C ALA A 1081 -39.73 11.16 -0.26
N ARG A 1082 -40.10 11.30 -1.54
CA ARG A 1082 -41.42 10.84 -1.96
C ARG A 1082 -41.53 9.33 -1.83
N ASP A 1083 -40.55 8.60 -2.36
CA ASP A 1083 -40.68 7.16 -2.42
C ASP A 1083 -40.48 6.50 -1.06
N ILE A 1084 -39.66 7.07 -0.18
CA ILE A 1084 -39.57 6.54 1.17
C ILE A 1084 -40.79 6.93 1.99
N GLY A 1085 -41.31 8.14 1.76
CA GLY A 1085 -42.48 8.57 2.49
C GLY A 1085 -43.73 7.81 2.08
N GLU A 1086 -43.85 7.49 0.79
CA GLU A 1086 -44.98 6.69 0.32
C GLU A 1086 -44.81 5.23 0.67
N TRP A 1087 -43.57 4.74 0.71
CA TRP A 1087 -43.30 3.38 1.18
C TRP A 1087 -43.70 3.20 2.63
N ILE A 1088 -43.82 4.30 3.39
CA ILE A 1088 -44.21 4.26 4.79
C ILE A 1088 -45.67 4.67 4.99
N ASP A 1089 -46.37 5.04 3.92
CA ASP A 1089 -47.76 5.49 3.96
C ASP A 1089 -47.91 6.71 4.86
N ALA A 1090 -47.06 7.69 4.63
CA ALA A 1090 -47.19 9.01 5.23
C ALA A 1090 -47.69 9.98 4.18
N LYS A 1091 -48.65 10.83 4.56
CA LYS A 1091 -49.24 11.74 3.60
C LYS A 1091 -48.23 12.82 3.21
N LYS A 1092 -48.57 13.58 2.16
CA LYS A 1092 -47.71 14.65 1.66
C LYS A 1092 -47.23 15.55 2.79
N HIS A 1093 -48.17 16.12 3.55
CA HIS A 1093 -47.83 17.03 4.64
C HIS A 1093 -47.10 16.37 5.79
N ASP A 1094 -47.10 15.03 5.85
CA ASP A 1094 -46.44 14.29 6.92
C ASP A 1094 -45.01 13.91 6.60
N ILE A 1095 -44.44 14.44 5.51
CA ILE A 1095 -43.08 14.12 5.11
C ILE A 1095 -42.25 15.39 5.23
N TYR A 1096 -41.36 15.41 6.21
CA TYR A 1096 -40.48 16.54 6.47
C TYR A 1096 -39.07 16.16 6.05
N ASN A 1097 -38.63 16.70 4.91
CA ASN A 1097 -37.31 16.41 4.34
C ASN A 1097 -36.53 17.71 4.31
N PHE A 1098 -35.87 18.04 5.43
CA PHE A 1098 -35.24 19.34 5.57
C PHE A 1098 -33.91 19.40 4.82
N SER A 1099 -33.51 20.63 4.50
CA SER A 1099 -32.28 20.84 3.74
C SER A 1099 -31.09 20.31 4.52
N PRO A 1100 -30.09 19.75 3.84
CA PRO A 1100 -28.88 19.28 4.56
C PRO A 1100 -28.14 20.41 5.25
N HIS A 1101 -28.37 21.65 4.86
CA HIS A 1101 -27.78 22.81 5.52
C HIS A 1101 -28.51 23.20 6.80
N VAL A 1102 -29.56 22.48 7.18
CA VAL A 1102 -30.32 22.82 8.40
C VAL A 1102 -29.61 22.10 9.54
N ARG A 1103 -28.54 22.72 10.02
CA ARG A 1103 -27.78 22.23 11.15
C ARG A 1103 -27.81 23.28 12.25
N PRO A 1104 -28.10 22.88 13.50
CA PRO A 1104 -27.97 23.84 14.61
C PRO A 1104 -26.61 24.51 14.66
N VAL A 1105 -25.55 23.79 14.30
CA VAL A 1105 -24.21 24.36 14.23
C VAL A 1105 -23.70 24.22 12.79
N PRO A 1106 -23.49 25.33 12.07
CA PRO A 1106 -23.03 25.23 10.68
C PRO A 1106 -21.69 24.51 10.57
N LEU A 1107 -21.57 23.69 9.53
CA LEU A 1107 -20.37 22.91 9.29
C LEU A 1107 -19.50 23.61 8.25
N GLU A 1108 -18.29 23.99 8.67
CA GLU A 1108 -17.30 24.56 7.76
C GLU A 1108 -16.44 23.41 7.26
N LEU A 1109 -16.67 23.01 6.00
CA LEU A 1109 -16.02 21.85 5.42
C LEU A 1109 -14.84 22.28 4.57
N HIS A 1110 -13.75 21.52 4.65
CA HIS A 1110 -12.59 21.67 3.78
C HIS A 1110 -12.30 20.34 3.11
N ILE A 1111 -11.78 20.39 1.88
CA ILE A 1111 -11.47 19.18 1.13
C ILE A 1111 -10.05 19.28 0.63
N GLN A 1112 -9.20 18.36 1.09
CA GLN A 1112 -7.83 18.25 0.59
C GLN A 1112 -7.74 17.02 -0.31
N SER A 1113 -7.26 17.20 -1.53
CA SER A 1113 -7.16 16.13 -2.49
C SER A 1113 -5.70 15.70 -2.65
N TYR A 1114 -5.51 14.41 -2.90
CA TYR A 1114 -4.18 13.80 -2.97
C TYR A 1114 -4.07 12.97 -4.23
N THR A 1115 -2.83 12.84 -4.74
CA THR A 1115 -2.52 11.99 -5.88
C THR A 1115 -1.34 11.10 -5.47
N ILE A 1116 -1.65 9.99 -4.80
CA ILE A 1116 -0.66 9.05 -4.28
C ILE A 1116 -1.22 7.65 -4.43
N PRO A 1117 -0.76 6.86 -5.41
CA PRO A 1117 -1.38 5.56 -5.67
C PRO A 1117 -1.09 4.51 -4.61
N HIS A 1118 -0.12 4.73 -3.74
CA HIS A 1118 0.25 3.74 -2.73
C HIS A 1118 -0.53 4.03 -1.44
N PHE A 1119 -1.30 3.03 -0.98
CA PHE A 1119 -2.16 3.25 0.18
C PHE A 1119 -1.35 3.57 1.44
N PRO A 1120 -0.43 2.71 1.92
CA PRO A 1120 0.26 3.04 3.17
C PRO A 1120 1.11 4.30 3.07
N SER A 1121 1.60 4.63 1.87
CA SER A 1121 2.26 5.92 1.68
C SER A 1121 1.28 7.08 1.82
N LEU A 1122 0.03 6.88 1.42
CA LEU A 1122 -0.95 7.96 1.50
C LEU A 1122 -1.29 8.29 2.96
N MET A 1123 -1.38 7.28 3.82
CA MET A 1123 -1.76 7.52 5.21
C MET A 1123 -0.68 8.29 5.96
N LEU A 1124 0.59 7.92 5.77
CA LEU A 1124 1.66 8.66 6.42
C LEU A 1124 1.81 10.05 5.81
N ALA A 1125 1.52 10.19 4.52
CA ALA A 1125 1.56 11.51 3.89
C ALA A 1125 0.47 12.42 4.44
N MET A 1126 -0.62 11.86 4.98
CA MET A 1126 -1.74 12.63 5.50
C MET A 1126 -1.66 12.88 7.00
N ALA A 1127 -0.66 12.32 7.69
CA ALA A 1127 -0.55 12.54 9.12
C ALA A 1127 -0.24 14.00 9.43
N LYS A 1128 0.72 14.58 8.70
CA LYS A 1128 1.10 15.97 8.98
C LYS A 1128 0.00 16.97 8.66
N PRO A 1129 -0.67 16.92 7.50
CA PRO A 1129 -1.82 17.82 7.30
C PRO A 1129 -2.90 17.65 8.35
N THR A 1130 -3.06 16.44 8.88
CA THR A 1130 -3.97 16.24 10.00
C THR A 1130 -3.47 16.97 11.23
N TYR A 1131 -2.16 16.90 11.49
CA TYR A 1131 -1.58 17.71 12.57
C TYR A 1131 -1.81 19.18 12.32
N LEU A 1132 -1.61 19.63 11.09
CA LEU A 1132 -1.88 21.02 10.75
C LEU A 1132 -3.37 21.33 10.86
N ALA A 1133 -4.22 20.42 10.41
CA ALA A 1133 -5.66 20.64 10.49
C ALA A 1133 -6.11 20.84 11.93
N ILE A 1134 -5.53 20.10 12.86
CA ILE A 1134 -5.96 20.19 14.26
C ILE A 1134 -5.35 21.42 14.93
N THR A 1135 -4.03 21.61 14.76
CA THR A 1135 -3.36 22.69 15.47
C THR A 1135 -3.84 24.06 15.02
N GLN A 1136 -4.38 24.17 13.80
CA GLN A 1136 -4.79 25.44 13.24
C GLN A 1136 -6.29 25.68 13.30
N LEU A 1137 -7.09 24.70 12.86
CA LEU A 1137 -8.55 24.88 12.84
C LEU A 1137 -9.15 24.79 14.24
N SER A 1138 -8.73 23.81 15.02
CA SER A 1138 -9.28 23.56 16.35
C SER A 1138 -8.15 23.46 17.36
N PRO A 1139 -7.44 24.56 17.62
CA PRO A 1139 -6.28 24.48 18.51
C PRO A 1139 -6.64 24.29 19.97
N ASP A 1140 -7.84 24.68 20.39
CA ASP A 1140 -8.24 24.61 21.79
C ASP A 1140 -9.54 23.84 21.96
N GLN A 1141 -9.87 22.95 21.02
CA GLN A 1141 -11.13 22.23 21.08
C GLN A 1141 -10.90 20.79 20.58
N PRO A 1142 -11.71 19.84 21.05
CA PRO A 1142 -11.46 18.44 20.70
C PRO A 1142 -11.67 18.16 19.22
N ALA A 1143 -10.81 17.29 18.68
CA ALA A 1143 -10.87 16.90 17.27
C ALA A 1143 -10.82 15.39 17.15
N ILE A 1144 -11.64 14.84 16.25
CA ILE A 1144 -11.71 13.40 16.02
C ILE A 1144 -11.18 13.11 14.62
N VAL A 1145 -10.22 12.19 14.54
CA VAL A 1145 -9.59 11.80 13.29
C VAL A 1145 -10.08 10.41 12.93
N PHE A 1146 -10.66 10.27 11.74
CA PHE A 1146 -11.16 8.98 11.28
C PHE A 1146 -10.20 8.39 10.26
N VAL A 1147 -10.07 7.06 10.30
CA VAL A 1147 -8.98 6.36 9.63
C VAL A 1147 -9.49 5.01 9.11
N PRO A 1148 -9.08 4.59 7.90
CA PRO A 1148 -9.76 3.44 7.26
C PRO A 1148 -9.69 2.12 8.00
N SER A 1149 -8.54 1.73 8.53
CA SER A 1149 -8.39 0.43 9.16
C SER A 1149 -8.28 0.58 10.67
N ARG A 1150 -8.55 -0.53 11.37
CA ARG A 1150 -8.35 -0.54 12.82
C ARG A 1150 -6.86 -0.61 13.16
N LYS A 1151 -6.09 -1.40 12.39
CA LYS A 1151 -4.65 -1.44 12.57
C LYS A 1151 -4.03 -0.08 12.26
N GLN A 1152 -4.59 0.63 11.28
CA GLN A 1152 -4.09 1.94 10.89
C GLN A 1152 -4.30 3.01 11.96
N THR A 1153 -5.11 2.73 13.00
CA THR A 1153 -5.34 3.73 14.03
C THR A 1153 -4.08 3.93 14.88
N ARG A 1154 -3.45 2.84 15.32
CA ARG A 1154 -2.18 2.97 16.03
C ARG A 1154 -1.09 3.53 15.12
N ALA A 1155 -1.07 3.06 13.86
CA ALA A 1155 -0.06 3.52 12.92
C ALA A 1155 -0.11 5.02 12.73
N THR A 1156 -1.31 5.57 12.55
CA THR A 1156 -1.45 7.01 12.40
C THR A 1156 -1.49 7.74 13.74
N ALA A 1157 -1.53 7.02 14.85
CA ALA A 1157 -1.43 7.67 16.16
C ALA A 1157 0.01 8.11 16.42
N ARG A 1158 0.95 7.19 16.26
CA ARG A 1158 2.37 7.53 16.37
C ARG A 1158 2.80 8.51 15.30
N ASP A 1159 2.18 8.45 14.11
CA ASP A 1159 2.47 9.44 13.07
C ASP A 1159 2.18 10.85 13.57
N LEU A 1160 0.99 11.06 14.13
CA LEU A 1160 0.65 12.37 14.68
C LEU A 1160 1.55 12.73 15.86
N LEU A 1161 1.99 11.74 16.64
CA LEU A 1161 2.80 12.02 17.81
C LEU A 1161 4.24 12.35 17.42
N THR A 1162 4.79 11.63 16.43
CA THR A 1162 6.10 11.99 15.92
C THR A 1162 6.06 13.35 15.24
N ALA A 1163 4.94 13.69 14.58
CA ALA A 1163 4.80 15.02 14.01
C ALA A 1163 4.76 16.08 15.10
N CYS A 1164 4.36 15.69 16.32
CA CYS A 1164 4.31 16.63 17.43
C CYS A 1164 5.71 16.97 17.94
N LEU A 1165 6.46 15.96 18.36
CA LEU A 1165 7.83 16.21 18.80
C LEU A 1165 8.71 16.72 17.67
N ALA A 1166 8.30 16.55 16.41
CA ALA A 1166 8.97 17.23 15.32
C ALA A 1166 8.86 18.74 15.47
N ASP A 1167 7.72 19.21 15.97
CA ASP A 1167 7.47 20.64 16.18
C ASP A 1167 7.99 21.13 17.53
N ASP A 1168 8.95 20.40 18.12
CA ASP A 1168 9.52 20.68 19.44
C ASP A 1168 8.47 20.68 20.54
N ASP A 1169 7.28 20.14 20.27
CA ASP A 1169 6.17 20.12 21.23
C ASP A 1169 5.59 18.70 21.27
N GLU A 1170 6.20 17.84 22.08
CA GLU A 1170 5.55 16.61 22.46
C GLU A 1170 4.54 16.91 23.56
N ASP A 1171 3.63 15.95 23.80
CA ASP A 1171 2.53 16.15 24.74
C ASP A 1171 1.72 17.38 24.36
N ARG A 1172 1.62 17.65 23.05
CA ARG A 1172 0.92 18.82 22.57
C ARG A 1172 -0.56 18.76 22.92
N PHE A 1173 -1.20 17.62 22.70
CA PHE A 1173 -2.63 17.44 22.96
C PHE A 1173 -2.90 16.87 24.35
N LEU A 1174 -2.00 17.10 25.31
CA LEU A 1174 -2.17 16.64 26.68
C LEU A 1174 -2.35 17.86 27.57
N HIS A 1175 -3.58 18.10 28.04
CA HIS A 1175 -3.92 19.25 28.84
C HIS A 1175 -4.12 18.88 30.31
N VAL A 1176 -3.54 17.77 30.74
CA VAL A 1176 -3.62 17.31 32.12
C VAL A 1176 -2.25 16.78 32.52
N GLU A 1177 -1.81 17.14 33.73
CA GLU A 1177 -0.56 16.60 34.27
C GLU A 1177 -0.55 15.09 34.17
N VAL A 1178 0.55 14.55 33.64
CA VAL A 1178 0.66 13.10 33.45
C VAL A 1178 0.49 12.37 34.78
N ASP A 1179 0.84 13.01 35.89
CA ASP A 1179 0.68 12.39 37.19
C ASP A 1179 -0.77 12.12 37.54
N GLN A 1180 -1.72 12.75 36.85
CA GLN A 1180 -3.13 12.44 37.06
C GLN A 1180 -3.60 11.25 36.23
N ILE A 1181 -3.06 11.08 35.02
CA ILE A 1181 -3.41 9.93 34.19
C ILE A 1181 -2.51 8.73 34.44
N ARG A 1182 -1.57 8.83 35.39
CA ARG A 1182 -0.74 7.69 35.74
C ARG A 1182 -1.59 6.54 36.26
N LYS A 1183 -2.66 6.86 37.00
CA LYS A 1183 -3.61 5.83 37.43
C LYS A 1183 -4.24 5.10 36.25
N LEU A 1184 -4.29 5.72 35.08
CA LEU A 1184 -5.00 5.20 33.92
C LEU A 1184 -4.10 4.44 32.95
N LEU A 1185 -2.87 4.91 32.72
CA LEU A 1185 -1.93 4.18 31.87
C LEU A 1185 -1.79 2.73 32.32
N ASP A 1186 -1.70 2.51 33.63
CA ASP A 1186 -1.52 1.15 34.14
C ASP A 1186 -2.67 0.25 33.71
N HIS A 1187 -3.91 0.72 33.86
CA HIS A 1187 -5.09 -0.08 33.60
C HIS A 1187 -5.50 -0.10 32.12
N VAL A 1188 -4.64 0.32 31.20
CA VAL A 1188 -4.94 0.23 29.77
C VAL A 1188 -4.37 -1.07 29.23
N GLN A 1189 -5.18 -1.78 28.44
CA GLN A 1189 -4.79 -3.12 28.00
C GLN A 1189 -3.84 -3.09 26.82
N GLU A 1190 -4.09 -2.24 25.83
CA GLU A 1190 -3.19 -2.15 24.67
C GLU A 1190 -2.04 -1.20 25.02
N GLU A 1191 -0.81 -1.74 25.04
CA GLU A 1191 0.34 -0.95 25.43
C GLU A 1191 0.61 0.19 24.45
N ALA A 1192 0.19 0.06 23.19
CA ALA A 1192 0.31 1.17 22.26
C ALA A 1192 -0.62 2.31 22.63
N LEU A 1193 -1.84 1.99 23.06
CA LEU A 1193 -2.78 3.02 23.47
C LEU A 1193 -2.33 3.75 24.73
N ALA A 1194 -1.60 3.06 25.61
CA ALA A 1194 -1.12 3.70 26.84
C ALA A 1194 -0.06 4.75 26.52
N GLU A 1195 0.96 4.38 25.73
CA GLU A 1195 1.97 5.35 25.33
C GLU A 1195 1.36 6.50 24.55
N ALA A 1196 0.38 6.19 23.70
CA ALA A 1196 -0.33 7.24 22.97
C ALA A 1196 -1.07 8.17 23.93
N LEU A 1197 -1.81 7.59 24.87
CA LEU A 1197 -2.54 8.40 25.84
C LEU A 1197 -1.61 9.12 26.80
N SER A 1198 -0.41 8.57 27.04
CA SER A 1198 0.54 9.22 27.95
C SER A 1198 0.99 10.56 27.42
N HIS A 1199 0.96 10.74 26.10
CA HIS A 1199 1.34 12.00 25.45
C HIS A 1199 0.14 12.75 24.90
N GLY A 1200 -1.09 12.33 25.22
CA GLY A 1200 -2.26 13.12 24.94
C GLY A 1200 -3.00 12.82 23.65
N VAL A 1201 -2.84 11.63 23.08
CA VAL A 1201 -3.56 11.25 21.87
C VAL A 1201 -4.08 9.84 22.05
N GLY A 1202 -5.39 9.66 21.98
CA GLY A 1202 -6.02 8.36 22.13
C GLY A 1202 -6.66 7.89 20.83
N TYR A 1203 -6.72 6.57 20.67
CA TYR A 1203 -7.41 5.96 19.55
C TYR A 1203 -8.52 5.04 20.05
N TYR A 1204 -9.20 4.40 19.10
CA TYR A 1204 -10.46 3.71 19.36
C TYR A 1204 -10.75 2.85 18.15
N HIS A 1205 -10.96 1.56 18.39
CA HIS A 1205 -11.24 0.63 17.30
C HIS A 1205 -11.92 -0.61 17.86
N GLU A 1206 -12.54 -1.37 16.94
CA GLU A 1206 -13.37 -2.52 17.29
C GLU A 1206 -12.61 -3.55 18.12
N ALA A 1207 -11.31 -3.70 17.87
CA ALA A 1207 -10.52 -4.66 18.64
C ALA A 1207 -10.29 -4.21 20.08
N LEU A 1208 -10.48 -2.92 20.37
CA LEU A 1208 -10.26 -2.41 21.71
C LEU A 1208 -11.20 -3.06 22.70
N SER A 1209 -10.70 -3.35 23.90
CA SER A 1209 -11.52 -3.97 24.93
C SER A 1209 -12.50 -2.95 25.49
N GLN A 1210 -13.60 -3.48 26.06
CA GLN A 1210 -14.62 -2.61 26.62
C GLN A 1210 -14.08 -1.77 27.78
N SER A 1211 -13.06 -2.27 28.48
CA SER A 1211 -12.46 -1.48 29.55
C SER A 1211 -11.63 -0.33 28.98
N ASP A 1212 -10.85 -0.59 27.93
CA ASP A 1212 -10.07 0.46 27.30
C ASP A 1212 -10.95 1.57 26.75
N LYS A 1213 -12.01 1.19 26.02
CA LYS A 1213 -12.89 2.18 25.43
C LYS A 1213 -13.45 3.14 26.48
N ARG A 1214 -13.95 2.59 27.58
CA ARG A 1214 -14.46 3.43 28.66
C ARG A 1214 -13.38 4.38 29.19
N ILE A 1215 -12.11 3.95 29.16
CA ILE A 1215 -11.03 4.84 29.59
C ILE A 1215 -10.82 5.96 28.58
N VAL A 1216 -10.84 5.64 27.29
CA VAL A 1216 -10.70 6.66 26.25
C VAL A 1216 -11.85 7.65 26.33
N LYS A 1217 -13.06 7.17 26.65
CA LYS A 1217 -14.20 8.05 26.81
C LYS A 1217 -14.00 9.00 27.99
N HIS A 1218 -13.44 8.50 29.09
CA HIS A 1218 -13.23 9.33 30.26
C HIS A 1218 -12.25 10.47 29.96
N LEU A 1219 -11.10 10.13 29.35
CA LEU A 1219 -10.10 11.15 29.07
C LEU A 1219 -10.58 12.14 28.01
N TYR A 1220 -11.22 11.64 26.95
CA TYR A 1220 -11.66 12.53 25.88
C TYR A 1220 -12.69 13.53 26.36
N ASN A 1221 -13.67 13.06 27.16
CA ASN A 1221 -14.74 13.95 27.60
C ASN A 1221 -14.30 14.88 28.72
N ASN A 1222 -13.40 14.45 29.60
CA ASN A 1222 -12.91 15.28 30.69
C ASN A 1222 -11.77 16.20 30.27
N GLY A 1223 -11.59 16.41 28.97
CA GLY A 1223 -10.58 17.33 28.47
C GLY A 1223 -9.14 16.87 28.64
N ALA A 1224 -8.91 15.65 29.10
CA ALA A 1224 -7.54 15.19 29.31
C ALA A 1224 -6.78 15.16 27.99
N ILE A 1225 -7.22 14.32 27.05
CA ILE A 1225 -6.66 14.27 25.72
C ILE A 1225 -7.54 15.12 24.80
N GLN A 1226 -6.97 15.51 23.66
CA GLN A 1226 -7.65 16.41 22.74
C GLN A 1226 -8.02 15.76 21.42
N VAL A 1227 -7.29 14.73 21.00
CA VAL A 1227 -7.47 14.10 19.70
C VAL A 1227 -7.85 12.64 19.91
N LEU A 1228 -8.87 12.19 19.18
CA LEU A 1228 -9.34 10.80 19.22
C LEU A 1228 -9.26 10.24 17.80
N ILE A 1229 -8.34 9.31 17.59
CA ILE A 1229 -8.17 8.67 16.29
C ILE A 1229 -9.04 7.41 16.29
N ALA A 1230 -10.20 7.50 15.65
CA ALA A 1230 -11.11 6.37 15.56
C ALA A 1230 -10.95 5.68 14.22
N SER A 1231 -11.21 4.37 14.20
CA SER A 1231 -11.36 3.67 12.95
C SER A 1231 -12.73 4.01 12.35
N ARG A 1232 -12.97 3.54 11.14
CA ARG A 1232 -14.24 3.80 10.49
C ARG A 1232 -15.31 2.76 10.83
N ASP A 1233 -14.94 1.69 11.53
CA ASP A 1233 -15.91 0.68 11.92
C ASP A 1233 -16.68 1.05 13.17
N VAL A 1234 -16.12 1.90 14.02
CA VAL A 1234 -16.76 2.31 15.26
C VAL A 1234 -17.44 3.68 15.12
N CYS A 1235 -17.73 4.09 13.89
CA CYS A 1235 -18.29 5.42 13.67
C CYS A 1235 -19.72 5.53 14.21
N TRP A 1236 -20.47 4.44 14.20
CA TRP A 1236 -21.80 4.46 14.80
C TRP A 1236 -21.72 4.32 16.32
N GLU A 1237 -20.93 3.36 16.79
CA GLU A 1237 -20.76 3.15 18.22
C GLU A 1237 -20.18 4.38 18.91
N LEU A 1238 -19.42 5.20 18.17
CA LEU A 1238 -18.74 6.35 18.78
C LEU A 1238 -19.76 7.36 19.29
N ASP A 1239 -19.89 7.42 20.62
CA ASP A 1239 -20.74 8.38 21.30
C ASP A 1239 -20.06 9.73 21.48
N PHE A 1240 -18.95 9.94 20.80
CA PHE A 1240 -18.09 11.10 21.05
C PHE A 1240 -18.52 12.30 20.22
N THR A 1241 -18.07 13.47 20.66
CA THR A 1241 -18.36 14.74 20.01
C THR A 1241 -17.10 15.57 19.93
N ALA A 1242 -16.86 16.16 18.76
CA ALA A 1242 -15.68 16.99 18.53
C ALA A 1242 -16.10 18.34 17.96
N HIS A 1243 -15.13 19.23 17.86
CA HIS A 1243 -15.28 20.46 17.10
C HIS A 1243 -14.72 20.35 15.69
N LEU A 1244 -13.66 19.58 15.50
CA LEU A 1244 -13.08 19.34 14.19
C LEU A 1244 -13.09 17.84 13.92
N VAL A 1245 -13.63 17.45 12.77
CA VAL A 1245 -13.62 16.05 12.34
C VAL A 1245 -12.89 15.99 11.01
N VAL A 1246 -11.68 15.46 11.01
CA VAL A 1246 -10.94 15.20 9.79
C VAL A 1246 -11.16 13.74 9.41
N VAL A 1247 -11.31 13.48 8.11
CA VAL A 1247 -11.46 12.13 7.58
C VAL A 1247 -10.20 11.83 6.77
N MET A 1248 -9.32 11.00 7.32
CA MET A 1248 -8.15 10.55 6.59
C MET A 1248 -8.57 9.51 5.55
N GLY A 1249 -8.51 9.88 4.27
CA GLY A 1249 -8.82 8.94 3.21
C GLY A 1249 -10.29 8.56 3.14
N THR A 1250 -10.70 8.03 1.99
CA THR A 1250 -12.07 7.56 1.80
C THR A 1250 -12.15 6.13 1.27
N GLN A 1251 -11.06 5.38 1.35
CA GLN A 1251 -11.00 4.03 0.83
C GLN A 1251 -10.62 3.05 1.93
N PHE A 1252 -11.02 1.79 1.75
CA PHE A 1252 -10.61 0.71 2.63
C PHE A 1252 -10.47 -0.56 1.78
N PHE A 1253 -9.72 -1.53 2.29
CA PHE A 1253 -9.39 -2.73 1.53
C PHE A 1253 -10.31 -3.87 1.91
N GLU A 1254 -10.85 -4.53 0.88
CA GLU A 1254 -11.69 -5.72 1.05
C GLU A 1254 -11.00 -6.92 0.44
N GLY A 1255 -10.91 -8.01 1.21
CA GLY A 1255 -10.22 -9.19 0.72
C GLY A 1255 -10.98 -9.92 -0.37
N LYS A 1256 -12.31 -9.89 -0.32
CA LYS A 1256 -13.12 -10.56 -1.33
C LYS A 1256 -12.93 -9.91 -2.70
N GLU A 1257 -13.00 -8.58 -2.75
CA GLU A 1257 -12.90 -7.85 -4.01
C GLU A 1257 -11.46 -7.73 -4.50
N HIS A 1258 -10.48 -7.90 -3.61
CA HIS A 1258 -9.07 -7.67 -3.93
C HIS A 1258 -8.87 -6.27 -4.51
N ARG A 1259 -9.57 -5.29 -3.94
CA ARG A 1259 -9.47 -3.91 -4.38
C ARG A 1259 -9.94 -2.99 -3.26
N TYR A 1260 -9.45 -1.76 -3.28
CA TYR A 1260 -9.89 -0.77 -2.31
C TYR A 1260 -11.25 -0.21 -2.71
N ILE A 1261 -12.14 -0.08 -1.72
CA ILE A 1261 -13.52 0.34 -1.94
C ILE A 1261 -13.74 1.67 -1.24
N ASP A 1262 -14.53 2.54 -1.88
CA ASP A 1262 -14.78 3.87 -1.34
C ASP A 1262 -15.67 3.81 -0.11
N TYR A 1263 -15.44 4.75 0.80
CA TYR A 1263 -16.37 4.96 1.90
C TYR A 1263 -17.78 5.18 1.36
N PRO A 1264 -18.78 4.53 1.94
CA PRO A 1264 -20.17 4.89 1.59
C PRO A 1264 -20.47 6.31 2.01
N LEU A 1265 -21.37 6.95 1.26
CA LEU A 1265 -21.77 8.31 1.59
C LEU A 1265 -22.42 8.39 2.97
N SER A 1266 -23.04 7.30 3.42
CA SER A 1266 -23.61 7.28 4.76
C SER A 1266 -22.55 7.49 5.83
N GLU A 1267 -21.40 6.85 5.68
CA GLU A 1267 -20.37 6.91 6.71
C GLU A 1267 -19.74 8.30 6.79
N VAL A 1268 -19.46 8.92 5.65
CA VAL A 1268 -18.94 10.28 5.66
C VAL A 1268 -19.94 11.22 6.32
N LEU A 1269 -21.24 10.97 6.10
CA LEU A 1269 -22.27 11.75 6.78
C LEU A 1269 -22.28 11.46 8.28
N GLN A 1270 -22.16 10.19 8.67
CA GLN A 1270 -22.18 9.86 10.09
C GLN A 1270 -20.94 10.39 10.79
N MET A 1271 -19.76 10.30 10.14
CA MET A 1271 -18.53 10.78 10.75
C MET A 1271 -18.59 12.29 10.99
N PHE A 1272 -18.92 13.06 9.96
CA PHE A 1272 -19.00 14.51 10.10
C PHE A 1272 -20.12 14.94 11.04
N GLY A 1273 -21.11 14.08 11.28
CA GLY A 1273 -22.14 14.39 12.25
C GLY A 1273 -21.65 14.51 13.68
N LYS A 1274 -20.37 14.24 13.94
CA LYS A 1274 -19.79 14.39 15.27
C LYS A 1274 -19.06 15.72 15.46
N ALA A 1275 -19.03 16.55 14.43
CA ALA A 1275 -18.55 17.93 14.55
C ALA A 1275 -19.75 18.77 14.97
N LEU A 1276 -19.97 18.88 16.27
CA LEU A 1276 -21.11 19.61 16.81
C LEU A 1276 -20.75 20.65 17.86
N GLN A 1277 -19.53 20.62 18.41
CA GLN A 1277 -19.10 21.64 19.34
C GLN A 1277 -18.71 22.90 18.55
N PRO A 1278 -19.39 24.02 18.75
CA PRO A 1278 -19.11 25.21 17.94
C PRO A 1278 -17.96 26.03 18.49
N SER A 1279 -17.44 26.90 17.62
CA SER A 1279 -16.43 27.87 17.99
C SER A 1279 -17.11 29.13 18.52
N LYS A 1280 -16.35 30.22 18.65
CA LYS A 1280 -16.95 31.48 19.08
C LYS A 1280 -17.89 32.04 18.02
N ASP A 1281 -17.61 31.77 16.74
CA ASP A 1281 -18.51 32.14 15.65
C ASP A 1281 -19.60 31.10 15.42
N GLY A 1282 -19.80 30.19 16.37
CA GLY A 1282 -20.93 29.28 16.32
C GLY A 1282 -20.96 28.33 15.13
N ARG A 1283 -19.79 27.89 14.66
CA ARG A 1283 -19.73 26.97 13.54
C ARG A 1283 -18.65 25.92 13.78
N SER A 1284 -18.96 24.68 13.41
CA SER A 1284 -18.03 23.56 13.52
C SER A 1284 -17.32 23.32 12.20
N ARG A 1285 -16.16 22.68 12.26
CA ARG A 1285 -15.31 22.49 11.11
C ARG A 1285 -15.02 21.01 10.87
N GLY A 1286 -14.72 20.68 9.62
CA GLY A 1286 -14.30 19.35 9.24
C GLY A 1286 -13.52 19.36 7.95
N VAL A 1287 -12.46 18.55 7.86
CA VAL A 1287 -11.71 18.43 6.62
C VAL A 1287 -11.87 17.01 6.11
N LEU A 1288 -11.79 16.86 4.79
CA LEU A 1288 -12.05 15.60 4.12
C LEU A 1288 -10.89 15.33 3.16
N MET A 1289 -9.89 14.58 3.61
CA MET A 1289 -8.74 14.24 2.80
C MET A 1289 -9.08 13.00 1.97
N LEU A 1290 -9.06 13.15 0.65
CA LEU A 1290 -9.53 12.11 -0.25
C LEU A 1290 -8.64 12.06 -1.49
N PRO A 1291 -8.66 10.96 -2.23
CA PRO A 1291 -7.99 10.94 -3.53
C PRO A 1291 -8.60 11.99 -4.46
N ALA A 1292 -7.72 12.65 -5.23
CA ALA A 1292 -8.15 13.74 -6.10
C ALA A 1292 -9.20 13.29 -7.12
N VAL A 1293 -9.29 11.99 -7.39
CA VAL A 1293 -10.34 11.49 -8.27
C VAL A 1293 -11.69 11.58 -7.57
N LYS A 1294 -11.74 11.21 -6.29
CA LYS A 1294 -12.98 11.13 -5.52
C LYS A 1294 -13.51 12.49 -5.09
N ARG A 1295 -12.84 13.58 -5.43
CA ARG A 1295 -13.17 14.88 -4.84
C ARG A 1295 -14.58 15.31 -5.18
N GLU A 1296 -14.87 15.50 -6.49
CA GLU A 1296 -16.19 16.00 -6.88
C GLU A 1296 -17.31 15.06 -6.46
N TYR A 1297 -17.00 13.79 -6.18
CA TYR A 1297 -18.02 12.83 -5.77
C TYR A 1297 -18.50 13.13 -4.36
N TYR A 1298 -17.58 13.16 -3.40
CA TYR A 1298 -17.97 13.44 -2.02
C TYR A 1298 -18.38 14.90 -1.84
N LYS A 1299 -17.77 15.83 -2.58
CA LYS A 1299 -18.14 17.23 -2.45
C LYS A 1299 -19.59 17.44 -2.91
N LYS A 1300 -20.01 16.70 -3.94
CA LYS A 1300 -21.40 16.79 -4.39
C LYS A 1300 -22.35 16.30 -3.32
N PHE A 1301 -22.16 15.07 -2.87
CA PHE A 1301 -23.08 14.42 -1.94
C PHE A 1301 -22.79 14.75 -0.48
N LEU A 1302 -22.04 15.83 -0.23
CA LEU A 1302 -22.06 16.50 1.06
C LEU A 1302 -22.74 17.87 1.00
N ASN A 1303 -22.65 18.55 -0.14
CA ASN A 1303 -23.35 19.82 -0.36
C ASN A 1303 -24.77 19.62 -0.84
N GLU A 1304 -25.14 18.42 -1.27
CA GLU A 1304 -26.49 18.07 -1.67
C GLU A 1304 -26.99 16.91 -0.82
N ALA A 1305 -28.30 16.70 -0.89
CA ALA A 1305 -28.93 15.64 -0.10
C ALA A 1305 -28.47 14.27 -0.57
N LEU A 1306 -28.71 13.27 0.28
CA LEU A 1306 -28.22 11.92 0.04
C LEU A 1306 -29.27 11.12 -0.73
N PRO A 1307 -28.95 10.60 -1.91
CA PRO A 1307 -29.87 9.68 -2.58
C PRO A 1307 -29.79 8.29 -1.97
N VAL A 1308 -30.93 7.60 -1.98
CA VAL A 1308 -31.04 6.26 -1.41
C VAL A 1308 -31.72 5.36 -2.42
N GLU A 1309 -31.08 4.24 -2.74
CA GLU A 1309 -31.59 3.25 -3.67
C GLU A 1309 -31.44 1.87 -3.05
N SER A 1310 -32.42 1.01 -3.30
CA SER A 1310 -32.39 -0.32 -2.70
C SER A 1310 -31.44 -1.25 -3.45
N HIS A 1311 -30.92 -2.24 -2.73
CA HIS A 1311 -30.20 -3.35 -3.34
C HIS A 1311 -30.88 -4.67 -3.08
N LEU A 1312 -32.15 -4.66 -2.68
CA LEU A 1312 -32.88 -5.90 -2.43
C LEU A 1312 -32.96 -6.77 -3.68
N HIS A 1313 -33.00 -6.14 -4.86
CA HIS A 1313 -33.13 -6.88 -6.11
C HIS A 1313 -31.92 -7.79 -6.35
N ASN A 1314 -30.76 -7.45 -5.78
CA ASN A 1314 -29.56 -8.25 -5.94
C ASN A 1314 -29.37 -9.26 -4.81
N PHE A 1315 -30.34 -9.38 -3.91
CA PHE A 1315 -30.25 -10.33 -2.80
C PHE A 1315 -31.50 -11.18 -2.65
N LEU A 1316 -32.34 -11.26 -3.69
CA LEU A 1316 -33.57 -12.03 -3.58
C LEU A 1316 -33.37 -13.50 -3.25
N PRO A 1317 -32.28 -14.18 -3.66
CA PRO A 1317 -32.07 -15.55 -3.16
C PRO A 1317 -32.08 -15.65 -1.64
N ASP A 1318 -31.30 -14.80 -0.95
CA ASP A 1318 -31.27 -14.86 0.50
C ASP A 1318 -32.54 -14.31 1.15
N ALA A 1319 -33.30 -13.48 0.42
CA ALA A 1319 -34.55 -12.95 0.93
C ALA A 1319 -35.71 -13.91 0.73
N PHE A 1320 -35.69 -14.71 -0.34
CA PHE A 1320 -36.73 -15.70 -0.54
C PHE A 1320 -36.54 -16.90 0.38
N VAL A 1321 -35.29 -17.20 0.75
CA VAL A 1321 -35.04 -18.31 1.67
C VAL A 1321 -35.83 -18.14 2.95
N THR A 1322 -35.74 -16.95 3.56
CA THR A 1322 -36.43 -16.69 4.81
C THR A 1322 -37.93 -16.59 4.62
N GLU A 1323 -38.38 -16.17 3.43
CA GLU A 1323 -39.80 -15.94 3.19
C GLU A 1323 -40.53 -17.20 2.72
N ILE A 1324 -39.87 -18.08 1.97
CA ILE A 1324 -40.53 -19.30 1.53
C ILE A 1324 -40.58 -20.33 2.66
N SER A 1325 -39.61 -20.31 3.59
CA SER A 1325 -39.61 -21.27 4.68
C SER A 1325 -40.86 -21.14 5.54
N THR A 1326 -41.30 -19.91 5.79
CA THR A 1326 -42.52 -19.67 6.54
C THR A 1326 -43.78 -19.85 5.71
N LYS A 1327 -43.64 -20.24 4.44
CA LYS A 1327 -44.76 -20.47 3.53
C LYS A 1327 -45.55 -19.20 3.23
N MET A 1328 -44.97 -18.03 3.53
CA MET A 1328 -45.66 -16.78 3.22
C MET A 1328 -45.67 -16.51 1.72
N ILE A 1329 -44.67 -16.99 1.00
CA ILE A 1329 -44.57 -16.86 -0.45
C ILE A 1329 -44.43 -18.25 -1.04
N GLU A 1330 -45.38 -18.63 -1.90
CA GLU A 1330 -45.45 -20.00 -2.40
C GLU A 1330 -45.50 -20.10 -3.91
N SER A 1331 -45.64 -19.00 -4.64
CA SER A 1331 -45.79 -19.05 -6.08
C SER A 1331 -45.17 -17.82 -6.72
N GLY A 1332 -45.08 -17.85 -8.05
CA GLY A 1332 -44.53 -16.72 -8.77
C GLY A 1332 -45.38 -15.46 -8.61
N GLU A 1333 -46.70 -15.64 -8.59
CA GLU A 1333 -47.58 -14.53 -8.23
C GLU A 1333 -47.42 -14.13 -6.77
N ASP A 1334 -47.14 -15.09 -5.89
CA ASP A 1334 -46.85 -14.77 -4.49
C ASP A 1334 -45.57 -13.96 -4.37
N ALA A 1335 -44.64 -14.11 -5.33
CA ALA A 1335 -43.43 -13.31 -5.31
C ALA A 1335 -43.72 -11.88 -5.75
N ILE A 1336 -44.52 -11.71 -6.81
CA ILE A 1336 -44.80 -10.39 -7.35
C ILE A 1336 -45.62 -9.57 -6.35
N ASN A 1337 -46.69 -10.16 -5.81
CA ASN A 1337 -47.46 -9.47 -4.78
C ASN A 1337 -46.59 -9.11 -3.58
N TRP A 1338 -45.64 -9.98 -3.23
CA TRP A 1338 -44.72 -9.67 -2.13
C TRP A 1338 -43.79 -8.53 -2.52
N ALA A 1339 -43.32 -8.53 -3.77
CA ALA A 1339 -42.34 -7.53 -4.19
C ALA A 1339 -42.90 -6.12 -4.23
N THR A 1340 -44.23 -5.96 -4.14
CA THR A 1340 -44.82 -4.63 -4.27
C THR A 1340 -44.76 -3.84 -2.97
N PHE A 1341 -44.69 -4.50 -1.83
CA PHE A 1341 -44.69 -3.82 -0.54
C PHE A 1341 -43.34 -3.20 -0.18
N THR A 1342 -42.32 -3.34 -1.03
CA THR A 1342 -40.97 -2.93 -0.71
C THR A 1342 -40.68 -1.53 -1.25
N TYR A 1343 -39.49 -1.03 -0.94
CA TYR A 1343 -39.04 0.26 -1.44
C TYR A 1343 -38.46 0.17 -2.84
N PHE A 1344 -37.84 -0.97 -3.18
CA PHE A 1344 -37.27 -1.12 -4.52
C PHE A 1344 -38.35 -1.15 -5.59
N TYR A 1345 -39.54 -1.64 -5.25
CA TYR A 1345 -40.66 -1.61 -6.19
C TYR A 1345 -41.07 -0.17 -6.50
N ARG A 1346 -41.06 0.70 -5.49
CA ARG A 1346 -41.46 2.09 -5.70
C ARG A 1346 -40.41 2.90 -6.43
N ARG A 1347 -39.17 2.42 -6.48
CA ARG A 1347 -38.08 3.13 -7.13
C ARG A 1347 -37.84 2.66 -8.56
N LEU A 1348 -38.63 1.70 -9.05
CA LEU A 1348 -38.41 1.18 -10.39
C LEU A 1348 -38.85 2.17 -11.45
N LEU A 1349 -40.10 2.66 -11.35
CA LEU A 1349 -40.57 3.66 -12.31
C LEU A 1349 -39.89 5.01 -12.10
N ALA A 1350 -39.25 5.25 -10.95
CA ALA A 1350 -38.56 6.50 -10.72
C ALA A 1350 -37.20 6.50 -11.41
N ASN A 1351 -36.33 5.54 -11.04
CA ASN A 1351 -34.97 5.41 -11.56
C ASN A 1351 -34.83 4.01 -12.15
N PRO A 1352 -35.32 3.80 -13.37
CA PRO A 1352 -35.31 2.44 -13.93
C PRO A 1352 -33.94 1.97 -14.39
N SER A 1353 -33.11 2.87 -14.92
CA SER A 1353 -31.81 2.46 -15.46
C SER A 1353 -30.85 1.98 -14.39
N TYR A 1354 -31.05 2.39 -13.14
CA TYR A 1354 -30.20 1.93 -12.05
C TYR A 1354 -30.44 0.45 -11.74
N TYR A 1355 -31.65 -0.05 -12.01
CA TYR A 1355 -32.03 -1.41 -11.64
C TYR A 1355 -31.99 -2.39 -12.80
N GLY A 1356 -32.28 -1.95 -14.02
CA GLY A 1356 -32.27 -2.85 -15.15
C GLY A 1356 -33.57 -2.84 -15.93
N LEU A 1357 -34.35 -1.78 -15.75
CA LEU A 1357 -35.65 -1.63 -16.39
C LEU A 1357 -35.51 -0.77 -17.63
N GLN A 1358 -36.11 -1.22 -18.73
CA GLN A 1358 -36.08 -0.50 -20.00
C GLN A 1358 -37.45 -0.05 -20.47
N ASP A 1359 -38.52 -0.39 -19.77
CA ASP A 1359 -39.87 0.05 -20.13
C ASP A 1359 -40.50 0.65 -18.88
N PRO A 1360 -40.43 1.97 -18.73
CA PRO A 1360 -40.99 2.57 -17.51
C PRO A 1360 -42.51 2.71 -17.57
N THR A 1361 -43.20 1.64 -17.98
CA THR A 1361 -44.65 1.60 -17.97
C THR A 1361 -45.11 0.48 -17.06
N HIS A 1362 -46.40 0.50 -16.72
CA HIS A 1362 -46.96 -0.61 -15.94
C HIS A 1362 -46.80 -1.94 -16.66
N ASP A 1363 -46.64 -1.92 -17.99
CA ASP A 1363 -46.34 -3.13 -18.76
C ASP A 1363 -44.98 -3.68 -18.36
N GLY A 1364 -43.92 -2.91 -18.61
CA GLY A 1364 -42.58 -3.39 -18.33
C GLY A 1364 -42.31 -3.62 -16.86
N LEU A 1365 -43.02 -2.91 -15.99
CA LEU A 1365 -42.84 -3.09 -14.55
C LEU A 1365 -43.19 -4.51 -14.13
N SER A 1366 -44.28 -5.06 -14.66
CA SER A 1366 -44.69 -6.41 -14.29
C SER A 1366 -43.77 -7.48 -14.88
N GLN A 1367 -43.02 -7.14 -15.93
CA GLN A 1367 -42.15 -8.11 -16.60
C GLN A 1367 -40.76 -8.16 -16.00
N TYR A 1368 -40.18 -6.99 -15.70
CA TYR A 1368 -38.93 -6.97 -14.95
C TYR A 1368 -39.09 -7.67 -13.60
N LEU A 1369 -40.31 -7.67 -13.04
CA LEU A 1369 -40.57 -8.42 -11.82
C LEU A 1369 -40.68 -9.91 -12.12
N SER A 1370 -41.39 -10.28 -13.17
CA SER A 1370 -41.53 -11.70 -13.51
C SER A 1370 -40.19 -12.29 -13.94
N ASP A 1371 -39.48 -11.59 -14.83
CA ASP A 1371 -38.17 -12.07 -15.25
C ASP A 1371 -37.19 -12.14 -14.08
N LEU A 1372 -37.43 -11.35 -13.03
CA LEU A 1372 -36.54 -11.37 -11.87
C LEU A 1372 -36.92 -12.48 -10.89
N VAL A 1373 -38.21 -12.62 -10.60
CA VAL A 1373 -38.65 -13.69 -9.69
C VAL A 1373 -38.46 -15.06 -10.34
N GLU A 1374 -38.57 -15.13 -11.67
CA GLU A 1374 -38.25 -16.38 -12.36
C GLU A 1374 -36.75 -16.64 -12.34
N THR A 1375 -35.95 -15.58 -12.47
CA THR A 1375 -34.50 -15.74 -12.36
C THR A 1375 -34.11 -16.15 -10.95
N THR A 1376 -34.73 -15.57 -9.93
CA THR A 1376 -34.36 -15.88 -8.56
C THR A 1376 -34.85 -17.26 -8.14
N LEU A 1377 -36.07 -17.63 -8.55
CA LEU A 1377 -36.57 -18.97 -8.22
C LEU A 1377 -35.72 -20.05 -8.86
N LYS A 1378 -35.21 -19.80 -10.07
CA LYS A 1378 -34.33 -20.77 -10.72
C LYS A 1378 -32.99 -20.85 -10.00
N GLN A 1379 -32.48 -19.71 -9.51
CA GLN A 1379 -31.23 -19.72 -8.74
C GLN A 1379 -31.38 -20.52 -7.46
N LEU A 1380 -32.58 -20.54 -6.88
CA LEU A 1380 -32.85 -21.39 -5.72
C LEU A 1380 -33.19 -22.83 -6.10
N SER A 1381 -33.47 -23.08 -7.38
CA SER A 1381 -33.70 -24.44 -7.84
C SER A 1381 -32.40 -25.12 -8.27
N ASP A 1382 -31.53 -24.40 -8.98
CA ASP A 1382 -30.23 -24.94 -9.33
C ASP A 1382 -29.33 -25.08 -8.10
N ALA A 1383 -29.61 -24.31 -7.05
CA ALA A 1383 -28.94 -24.52 -5.76
C ALA A 1383 -29.49 -25.72 -5.01
N ARG A 1384 -30.54 -26.37 -5.54
CA ARG A 1384 -31.17 -27.53 -4.90
C ARG A 1384 -31.61 -27.20 -3.47
N ILE A 1385 -32.35 -26.10 -3.35
CA ILE A 1385 -32.90 -25.65 -2.08
C ILE A 1385 -34.38 -25.33 -2.17
N ILE A 1386 -35.01 -25.54 -3.33
CA ILE A 1386 -36.40 -25.15 -3.58
C ILE A 1386 -37.09 -26.25 -4.36
N GLU A 1387 -38.43 -26.20 -4.38
CA GLU A 1387 -39.25 -27.23 -4.99
C GLU A 1387 -39.57 -26.89 -6.45
N MET A 1388 -40.53 -27.60 -7.03
CA MET A 1388 -40.77 -27.64 -8.46
C MET A 1388 -41.25 -26.28 -9.00
N ASP A 1389 -41.36 -26.22 -10.32
CA ASP A 1389 -41.62 -24.98 -11.04
C ASP A 1389 -42.37 -25.28 -12.33
N GLU A 1390 -42.73 -24.21 -13.05
CA GLU A 1390 -42.95 -24.18 -14.48
C GLU A 1390 -44.22 -24.85 -14.98
N ASP A 1391 -44.94 -25.56 -14.11
CA ASP A 1391 -46.26 -26.08 -14.47
C ASP A 1391 -47.33 -25.46 -13.58
N GLU A 1392 -47.21 -25.62 -12.28
CA GLU A 1392 -47.92 -24.79 -11.32
C GLU A 1392 -47.03 -23.62 -10.96
N GLY A 1393 -47.56 -22.40 -11.06
CA GLY A 1393 -46.81 -21.27 -10.55
C GLY A 1393 -46.34 -21.43 -9.11
N THR A 1394 -46.89 -22.39 -8.38
CA THR A 1394 -46.51 -22.64 -7.00
C THR A 1394 -45.08 -23.20 -6.92
N VAL A 1395 -44.45 -22.98 -5.75
CA VAL A 1395 -43.12 -23.52 -5.47
C VAL A 1395 -42.97 -23.60 -3.96
N ALA A 1396 -42.47 -24.73 -3.46
CA ALA A 1396 -42.38 -25.01 -2.04
C ALA A 1396 -40.93 -24.96 -1.57
N PRO A 1397 -40.70 -24.87 -0.26
CA PRO A 1397 -39.33 -24.90 0.25
C PRO A 1397 -38.84 -26.32 0.54
N LEU A 1398 -37.59 -26.57 0.18
CA LEU A 1398 -36.94 -27.83 0.52
C LEU A 1398 -36.64 -27.88 2.01
N ASN A 1399 -36.53 -29.11 2.53
CA ASN A 1399 -36.24 -29.27 3.95
C ASN A 1399 -34.91 -28.64 4.35
N ALA A 1400 -33.93 -28.63 3.43
CA ALA A 1400 -32.67 -27.97 3.70
C ALA A 1400 -32.77 -26.45 3.67
N ALA A 1401 -33.87 -25.90 3.15
CA ALA A 1401 -34.07 -24.46 3.16
C ALA A 1401 -34.55 -23.94 4.51
N MET A 1402 -35.15 -24.81 5.33
CA MET A 1402 -35.63 -24.39 6.64
C MET A 1402 -34.47 -24.09 7.57
N ILE A 1403 -33.47 -24.99 7.61
CA ILE A 1403 -32.30 -24.74 8.45
C ILE A 1403 -31.44 -23.62 7.88
N ALA A 1404 -31.57 -23.32 6.58
CA ALA A 1404 -30.87 -22.17 6.02
C ALA A 1404 -31.36 -20.88 6.63
N ALA A 1405 -32.63 -20.82 7.03
CA ALA A 1405 -33.18 -19.63 7.68
C ALA A 1405 -33.16 -19.71 9.19
N TYR A 1406 -33.29 -20.92 9.76
CA TYR A 1406 -33.20 -21.10 11.20
C TYR A 1406 -31.88 -20.54 11.73
N TYR A 1407 -30.76 -21.03 11.20
CA TYR A 1407 -29.45 -20.50 11.56
C TYR A 1407 -29.07 -19.28 10.73
N ASN A 1408 -29.90 -18.90 9.76
CA ASN A 1408 -29.71 -17.69 8.94
C ASN A 1408 -28.32 -17.64 8.32
N ILE A 1409 -28.05 -18.63 7.48
CA ILE A 1409 -26.81 -18.71 6.72
C ILE A 1409 -27.13 -18.41 5.26
N SER A 1410 -26.19 -17.75 4.58
CA SER A 1410 -26.40 -17.35 3.20
C SER A 1410 -26.68 -18.58 2.31
N TYR A 1411 -27.23 -18.31 1.13
CA TYR A 1411 -27.61 -19.39 0.23
C TYR A 1411 -26.41 -19.88 -0.58
N MET A 1412 -25.50 -18.98 -0.96
CA MET A 1412 -24.28 -19.43 -1.63
C MET A 1412 -23.47 -20.35 -0.74
N THR A 1413 -23.49 -20.10 0.58
CA THR A 1413 -22.88 -21.03 1.52
C THR A 1413 -23.70 -22.32 1.62
N MET A 1414 -25.03 -22.19 1.68
CA MET A 1414 -25.89 -23.37 1.76
C MET A 1414 -25.74 -24.25 0.53
N GLU A 1415 -25.77 -23.65 -0.65
CA GLU A 1415 -25.63 -24.41 -1.90
C GLU A 1415 -24.34 -25.22 -1.91
N MET A 1416 -23.22 -24.57 -1.57
CA MET A 1416 -21.93 -25.24 -1.63
C MET A 1416 -21.80 -26.30 -0.55
N PHE A 1417 -22.65 -26.29 0.47
CA PHE A 1417 -22.58 -27.31 1.51
C PHE A 1417 -22.91 -28.70 0.99
N LEU A 1418 -23.39 -28.83 -0.24
CA LEU A 1418 -23.48 -30.12 -0.89
C LEU A 1418 -22.12 -30.68 -1.28
N LEU A 1419 -21.04 -29.90 -1.07
CA LEU A 1419 -19.69 -30.41 -1.31
C LEU A 1419 -19.31 -31.48 -0.30
N SER A 1420 -20.04 -31.60 0.80
CA SER A 1420 -19.86 -32.68 1.76
C SER A 1420 -20.90 -33.78 1.59
N LEU A 1421 -21.32 -34.01 0.34
CA LEU A 1421 -22.35 -35.01 0.07
C LEU A 1421 -21.91 -36.42 0.43
N SER A 1422 -20.60 -36.66 0.45
CA SER A 1422 -20.08 -38.00 0.72
C SER A 1422 -20.62 -38.53 2.03
N HIS A 1423 -21.26 -39.70 1.97
CA HIS A 1423 -21.75 -40.35 3.18
C HIS A 1423 -20.58 -40.73 4.07
N LYS A 1424 -20.71 -40.40 5.35
CA LYS A 1424 -19.64 -40.62 6.34
C LYS A 1424 -18.39 -39.82 5.97
N SER A 1425 -18.60 -38.54 5.65
CA SER A 1425 -17.49 -37.65 5.35
C SER A 1425 -16.61 -37.46 6.58
N LYS A 1426 -15.34 -37.14 6.33
CA LYS A 1426 -14.35 -37.03 7.39
C LYS A 1426 -14.65 -35.85 8.31
N LEU A 1427 -14.11 -35.94 9.53
CA LEU A 1427 -14.09 -34.77 10.42
C LEU A 1427 -13.14 -33.70 9.89
N ARG A 1428 -12.09 -34.11 9.18
CA ARG A 1428 -11.22 -33.16 8.51
C ARG A 1428 -11.88 -32.55 7.29
N THR A 1429 -12.76 -33.31 6.62
CA THR A 1429 -13.49 -32.78 5.47
C THR A 1429 -14.39 -31.63 5.88
N ILE A 1430 -15.15 -31.80 6.97
CA ILE A 1430 -16.05 -30.75 7.41
C ILE A 1430 -15.29 -29.56 7.98
N LEU A 1431 -14.01 -29.73 8.30
CA LEU A 1431 -13.24 -28.62 8.84
C LEU A 1431 -13.00 -27.55 7.80
N GLU A 1432 -12.73 -27.96 6.55
CA GLU A 1432 -12.54 -26.99 5.47
C GLU A 1432 -13.82 -26.66 4.73
N ILE A 1433 -14.88 -27.46 4.91
CA ILE A 1433 -16.19 -27.11 4.37
C ILE A 1433 -16.85 -26.03 5.24
N VAL A 1434 -16.70 -26.14 6.56
CA VAL A 1434 -17.27 -25.13 7.46
C VAL A 1434 -16.59 -23.79 7.25
N THR A 1435 -15.26 -23.78 7.19
CA THR A 1435 -14.51 -22.53 7.11
C THR A 1435 -14.63 -21.84 5.75
N ALA A 1436 -15.13 -22.51 4.73
CA ALA A 1436 -15.27 -21.92 3.40
C ALA A 1436 -16.70 -21.40 3.19
N ALA A 1437 -17.11 -20.49 4.07
CA ALA A 1437 -18.44 -19.92 4.05
C ALA A 1437 -18.38 -18.45 3.67
N THR A 1438 -19.47 -17.98 3.06
CA THR A 1438 -19.55 -16.57 2.65
C THR A 1438 -19.40 -15.64 3.84
N GLU A 1439 -19.87 -16.06 5.02
CA GLU A 1439 -19.82 -15.20 6.20
C GLU A 1439 -18.38 -14.92 6.63
N PHE A 1440 -17.46 -15.84 6.35
CA PHE A 1440 -16.05 -15.65 6.70
C PHE A 1440 -15.29 -14.83 5.67
N GLU A 1441 -15.91 -14.51 4.54
CA GLU A 1441 -15.28 -13.68 3.53
C GLU A 1441 -15.30 -12.19 3.89
N SER A 1442 -16.01 -11.82 4.95
CA SER A 1442 -16.09 -10.44 5.39
C SER A 1442 -14.98 -10.04 6.36
N ILE A 1443 -14.16 -11.00 6.81
CA ILE A 1443 -13.05 -10.68 7.70
C ILE A 1443 -12.00 -9.89 6.93
N GLN A 1444 -11.51 -8.82 7.54
CA GLN A 1444 -10.53 -7.99 6.88
C GLN A 1444 -9.22 -8.77 6.69
N THR A 1445 -8.37 -8.25 5.81
CA THR A 1445 -7.08 -8.88 5.52
C THR A 1445 -6.01 -7.80 5.52
N ARG A 1446 -5.08 -7.89 6.46
CA ARG A 1446 -4.00 -6.92 6.55
C ARG A 1446 -2.79 -7.41 5.75
N ARG A 1447 -1.89 -6.47 5.44
CA ARG A 1447 -0.82 -6.75 4.48
C ARG A 1447 0.27 -7.63 5.10
N HIS A 1448 0.90 -7.16 6.17
CA HIS A 1448 2.08 -7.85 6.72
C HIS A 1448 1.73 -9.10 7.52
N GLU A 1449 0.50 -9.60 7.40
CA GLU A 1449 0.04 -10.77 8.13
C GLU A 1449 0.15 -12.06 7.33
N GLU A 1450 0.55 -12.00 6.06
CA GLU A 1450 0.58 -13.20 5.24
C GLU A 1450 1.71 -14.15 5.62
N GLY A 1451 2.78 -13.64 6.23
CA GLY A 1451 3.84 -14.52 6.69
C GLY A 1451 3.46 -15.27 7.96
N ILE A 1452 2.77 -14.58 8.88
CA ILE A 1452 2.44 -15.18 10.17
C ILE A 1452 1.39 -16.27 10.01
N LEU A 1453 0.53 -16.18 9.00
CA LEU A 1453 -0.44 -17.24 8.75
C LEU A 1453 0.23 -18.55 8.36
N LYS A 1454 1.42 -18.47 7.73
CA LYS A 1454 2.12 -19.68 7.32
C LYS A 1454 2.69 -20.43 8.50
N ARG A 1455 3.32 -19.72 9.45
CA ARG A 1455 3.95 -20.41 10.58
C ARG A 1455 2.91 -21.09 11.46
N ILE A 1456 1.68 -20.55 11.52
CA ILE A 1456 0.62 -21.23 12.25
C ILE A 1456 0.08 -22.41 11.44
N TYR A 1457 0.16 -22.34 10.11
CA TYR A 1457 -0.38 -23.40 9.27
C TYR A 1457 0.39 -24.70 9.45
N ASP A 1458 1.72 -24.64 9.37
CA ASP A 1458 2.53 -25.85 9.45
C ASP A 1458 2.54 -26.47 10.84
N HIS A 1459 2.19 -25.71 11.87
CA HIS A 1459 2.11 -26.22 13.24
C HIS A 1459 0.77 -26.86 13.55
N VAL A 1460 0.00 -27.24 12.53
CA VAL A 1460 -1.36 -27.72 12.69
C VAL A 1460 -1.51 -29.08 12.01
N PRO A 1461 -2.24 -30.03 12.63
CA PRO A 1461 -2.39 -31.37 12.03
C PRO A 1461 -3.01 -31.37 10.64
N VAL A 1462 -4.22 -30.83 10.51
CA VAL A 1462 -5.00 -30.96 9.29
C VAL A 1462 -4.62 -29.83 8.33
N LYS A 1463 -4.12 -30.19 7.16
CA LYS A 1463 -3.81 -29.26 6.09
C LYS A 1463 -4.86 -29.37 4.98
N MET A 1464 -4.92 -28.34 4.15
CA MET A 1464 -5.87 -28.29 3.05
C MET A 1464 -5.15 -28.38 1.71
N ASN A 1465 -5.88 -28.86 0.71
CA ASN A 1465 -5.32 -29.07 -0.62
C ASN A 1465 -5.33 -27.76 -1.40
N ASN A 1466 -4.20 -27.46 -2.06
CA ASN A 1466 -3.98 -26.22 -2.78
C ASN A 1466 -4.28 -25.03 -1.87
N PRO A 1467 -3.49 -24.81 -0.82
CA PRO A 1467 -3.81 -23.76 0.15
C PRO A 1467 -3.63 -22.38 -0.45
N VAL A 1468 -4.72 -21.63 -0.53
CA VAL A 1468 -4.68 -20.26 -1.04
C VAL A 1468 -4.17 -19.34 0.07
N TRP A 1469 -3.16 -18.52 -0.26
CA TRP A 1469 -2.43 -17.80 0.77
C TRP A 1469 -3.16 -16.55 1.23
N ASP A 1470 -3.65 -15.74 0.27
CA ASP A 1470 -4.33 -14.49 0.59
C ASP A 1470 -5.79 -14.68 0.98
N SER A 1471 -6.34 -15.88 0.81
CA SER A 1471 -7.77 -16.11 1.00
C SER A 1471 -8.14 -15.95 2.46
N ALA A 1472 -9.30 -15.33 2.70
CA ALA A 1472 -9.86 -15.31 4.04
C ALA A 1472 -10.38 -16.67 4.45
N HIS A 1473 -10.72 -17.53 3.48
CA HIS A 1473 -11.10 -18.90 3.80
C HIS A 1473 -9.94 -19.69 4.39
N PHE A 1474 -8.72 -19.39 3.95
CA PHE A 1474 -7.54 -20.01 4.56
C PHE A 1474 -7.28 -19.45 5.95
N LYS A 1475 -7.45 -18.13 6.11
CA LYS A 1475 -7.29 -17.51 7.43
C LYS A 1475 -8.26 -18.11 8.44
N ALA A 1476 -9.52 -18.27 8.06
CA ALA A 1476 -10.48 -18.93 8.94
C ALA A 1476 -10.13 -20.40 9.14
N PHE A 1477 -9.54 -21.04 8.12
CA PHE A 1477 -9.15 -22.43 8.25
C PHE A 1477 -8.00 -22.60 9.24
N VAL A 1478 -7.07 -21.66 9.26
CA VAL A 1478 -5.90 -21.78 10.14
C VAL A 1478 -6.21 -21.24 11.54
N LEU A 1479 -7.00 -20.17 11.63
CA LEU A 1479 -7.30 -19.60 12.94
C LEU A 1479 -8.26 -20.48 13.73
N VAL A 1480 -9.13 -21.22 13.06
CA VAL A 1480 -10.01 -22.15 13.76
C VAL A 1480 -9.22 -23.32 14.33
N GLN A 1481 -8.04 -23.62 13.77
CA GLN A 1481 -7.16 -24.63 14.31
C GLN A 1481 -6.14 -24.06 15.28
N ALA A 1482 -5.80 -22.78 15.14
CA ALA A 1482 -5.02 -22.11 16.19
C ALA A 1482 -5.80 -22.05 17.49
N HIS A 1483 -7.13 -22.10 17.41
CA HIS A 1483 -7.98 -22.15 18.60
C HIS A 1483 -8.00 -23.53 19.23
N PHE A 1484 -8.10 -24.59 18.41
CA PHE A 1484 -8.06 -25.95 18.94
C PHE A 1484 -6.78 -26.22 19.71
N SER A 1485 -5.66 -25.65 19.26
CA SER A 1485 -4.36 -25.84 19.89
C SER A 1485 -4.02 -24.74 20.88
N ARG A 1486 -4.95 -23.82 21.14
CA ARG A 1486 -4.74 -22.73 22.09
C ARG A 1486 -3.49 -21.93 21.76
N MET A 1487 -3.29 -21.66 20.48
CA MET A 1487 -2.12 -20.93 20.03
C MET A 1487 -2.31 -19.44 20.23
N ASN A 1488 -1.31 -18.78 20.80
CA ASN A 1488 -1.35 -17.34 20.99
C ASN A 1488 -1.24 -16.63 19.63
N LEU A 1489 -1.96 -15.52 19.49
CA LEU A 1489 -2.02 -14.78 18.25
C LEU A 1489 -1.89 -13.29 18.56
N PRO A 1490 -1.40 -12.50 17.59
CA PRO A 1490 -1.37 -11.05 17.80
C PRO A 1490 -2.76 -10.47 17.93
N ILE A 1491 -2.82 -9.24 18.45
CA ILE A 1491 -4.10 -8.67 18.90
C ILE A 1491 -5.07 -8.53 17.73
N ASP A 1492 -4.58 -8.02 16.60
CA ASP A 1492 -5.48 -7.82 15.46
C ASP A 1492 -5.86 -9.14 14.81
N LEU A 1493 -4.93 -10.10 14.74
CA LEU A 1493 -5.29 -11.42 14.24
C LEU A 1493 -6.12 -12.21 15.23
N ALA A 1494 -6.13 -11.80 16.51
CA ALA A 1494 -6.98 -12.44 17.51
C ALA A 1494 -8.40 -11.88 17.49
N LYS A 1495 -8.55 -10.59 17.17
CA LYS A 1495 -9.89 -10.04 16.97
C LYS A 1495 -10.59 -10.73 15.82
N ASP A 1496 -9.85 -11.15 14.79
CA ASP A 1496 -10.43 -11.95 13.72
C ASP A 1496 -10.87 -13.31 14.24
N GLN A 1497 -10.09 -13.89 15.16
CA GLN A 1497 -10.43 -15.20 15.70
C GLN A 1497 -11.78 -15.19 16.41
N GLU A 1498 -12.10 -14.10 17.11
CA GLU A 1498 -13.39 -13.97 17.76
C GLU A 1498 -14.52 -14.07 16.74
N VAL A 1499 -14.53 -13.16 15.76
CA VAL A 1499 -15.62 -13.08 14.80
C VAL A 1499 -15.82 -14.40 14.08
N ILE A 1500 -14.75 -15.16 13.86
CA ILE A 1500 -14.88 -16.50 13.29
C ILE A 1500 -15.66 -17.40 14.24
N LEU A 1501 -15.35 -17.32 15.54
CA LEU A 1501 -15.97 -18.20 16.51
C LEU A 1501 -17.43 -17.82 16.78
N GLN A 1502 -17.78 -16.54 16.62
CA GLN A 1502 -19.17 -16.14 16.82
C GLN A 1502 -20.08 -16.79 15.79
N LYS A 1503 -19.58 -17.01 14.57
CA LYS A 1503 -20.39 -17.45 13.45
C LYS A 1503 -20.27 -18.94 13.16
N ILE A 1504 -19.41 -19.67 13.87
CA ILE A 1504 -19.16 -21.06 13.52
C ILE A 1504 -20.12 -22.01 14.23
N LEU A 1505 -20.52 -21.70 15.47
CA LEU A 1505 -21.40 -22.61 16.20
C LEU A 1505 -22.74 -22.77 15.49
N SER A 1506 -23.30 -21.67 14.99
CA SER A 1506 -24.51 -21.76 14.19
C SER A 1506 -24.24 -22.44 12.86
N LEU A 1507 -23.00 -22.40 12.38
CA LEU A 1507 -22.66 -22.99 11.09
C LEU A 1507 -22.38 -24.48 11.21
N LEU A 1508 -21.86 -24.92 12.35
CA LEU A 1508 -21.67 -26.36 12.57
C LEU A 1508 -22.99 -27.04 12.92
N SER A 1509 -23.81 -26.40 13.77
CA SER A 1509 -25.13 -26.94 14.07
C SER A 1509 -26.01 -27.02 12.83
N ALA A 1510 -25.65 -26.30 11.76
CA ALA A 1510 -26.40 -26.39 10.51
C ALA A 1510 -26.05 -27.67 9.75
N ILE A 1511 -24.76 -27.91 9.49
CA ILE A 1511 -24.35 -29.07 8.71
C ILE A 1511 -24.67 -30.37 9.42
N VAL A 1512 -24.82 -30.35 10.75
CA VAL A 1512 -25.32 -31.52 11.47
C VAL A 1512 -26.68 -31.92 10.91
N ASP A 1513 -27.61 -30.97 10.90
CA ASP A 1513 -28.96 -31.24 10.41
C ASP A 1513 -28.99 -31.47 8.91
N ILE A 1514 -28.02 -30.91 8.17
CA ILE A 1514 -27.98 -31.09 6.72
C ILE A 1514 -27.72 -32.56 6.38
N LEU A 1515 -26.64 -33.11 6.93
CA LEU A 1515 -26.27 -34.49 6.64
C LEU A 1515 -27.15 -35.50 7.36
N SER A 1516 -27.85 -35.08 8.42
CA SER A 1516 -28.87 -35.94 9.01
C SER A 1516 -30.12 -36.02 8.15
N SER A 1517 -30.35 -35.04 7.29
CA SER A 1517 -31.52 -35.06 6.42
C SER A 1517 -31.42 -36.19 5.39
N GLU A 1518 -30.21 -36.54 4.98
CA GLU A 1518 -30.01 -37.68 4.08
C GLU A 1518 -29.68 -38.92 4.92
N GLY A 1519 -29.47 -40.04 4.23
CA GLY A 1519 -29.14 -41.29 4.90
C GLY A 1519 -27.73 -41.40 5.43
N HIS A 1520 -26.94 -40.34 5.31
CA HIS A 1520 -25.55 -40.38 5.74
C HIS A 1520 -25.45 -40.14 7.25
N LEU A 1521 -24.43 -40.74 7.86
CA LEU A 1521 -24.26 -40.67 9.31
C LEU A 1521 -23.01 -39.90 9.72
N ASN A 1522 -22.42 -39.13 8.80
CA ASN A 1522 -21.24 -38.34 9.12
C ASN A 1522 -21.53 -37.23 10.14
N ALA A 1523 -22.80 -36.85 10.30
CA ALA A 1523 -23.15 -35.80 11.25
C ALA A 1523 -22.68 -36.10 12.66
N LEU A 1524 -22.28 -37.34 12.94
CA LEU A 1524 -21.69 -37.67 14.22
C LEU A 1524 -20.40 -36.89 14.46
N ASN A 1525 -19.51 -36.87 13.46
CA ASN A 1525 -18.26 -36.13 13.59
C ASN A 1525 -18.51 -34.64 13.81
N ALA A 1526 -19.50 -34.08 13.14
CA ALA A 1526 -19.80 -32.66 13.31
C ALA A 1526 -20.23 -32.36 14.74
N MET A 1527 -20.94 -33.30 15.39
CA MET A 1527 -21.27 -33.13 16.79
C MET A 1527 -20.01 -33.19 17.67
N GLU A 1528 -19.10 -34.10 17.35
CA GLU A 1528 -17.80 -34.12 18.04
C GLU A 1528 -17.06 -32.81 17.82
N MET A 1529 -17.03 -32.33 16.57
CA MET A 1529 -16.33 -31.10 16.26
C MET A 1529 -17.01 -29.88 16.88
N SER A 1530 -18.34 -29.90 17.01
CA SER A 1530 -19.03 -28.83 17.72
C SER A 1530 -18.56 -28.77 19.18
N GLN A 1531 -18.31 -29.94 19.78
CA GLN A 1531 -17.71 -29.97 21.10
C GLN A 1531 -16.27 -29.48 21.08
N MET A 1532 -15.56 -29.67 19.95
CA MET A 1532 -14.17 -29.25 19.85
C MET A 1532 -14.03 -27.74 19.90
N VAL A 1533 -15.00 -27.01 19.34
CA VAL A 1533 -14.87 -25.55 19.29
C VAL A 1533 -15.14 -24.94 20.65
N VAL A 1534 -16.07 -25.51 21.42
CA VAL A 1534 -16.45 -24.92 22.69
C VAL A 1534 -15.30 -25.02 23.70
N GLN A 1535 -14.65 -26.18 23.75
CA GLN A 1535 -13.61 -26.44 24.75
C GLN A 1535 -12.21 -26.23 24.22
N ALA A 1536 -12.05 -25.97 22.93
CA ALA A 1536 -10.74 -25.75 22.31
C ALA A 1536 -9.83 -26.97 22.48
N MET A 1537 -10.30 -28.10 21.97
CA MET A 1537 -9.55 -29.35 21.94
C MET A 1537 -9.62 -29.95 20.55
N TRP A 1538 -8.88 -31.04 20.35
CA TRP A 1538 -8.96 -31.81 19.12
C TRP A 1538 -9.86 -33.02 19.32
N ASP A 1539 -10.18 -33.67 18.20
CA ASP A 1539 -11.08 -34.82 18.25
C ASP A 1539 -10.50 -35.95 19.10
N ARG A 1540 -9.19 -36.15 19.02
CA ARG A 1540 -8.48 -37.14 19.82
C ARG A 1540 -7.50 -36.41 20.72
N ASP A 1541 -8.00 -35.93 21.85
CA ASP A 1541 -7.21 -35.22 22.84
C ASP A 1541 -7.58 -35.73 24.22
N SER A 1542 -6.74 -35.41 25.20
CA SER A 1542 -7.03 -35.79 26.58
C SER A 1542 -8.22 -34.96 27.09
N PRO A 1543 -9.31 -35.60 27.51
CA PRO A 1543 -10.44 -34.82 28.07
C PRO A 1543 -10.07 -34.01 29.31
N LEU A 1544 -8.93 -34.30 29.93
CA LEU A 1544 -8.48 -33.53 31.08
C LEU A 1544 -8.24 -32.06 30.73
N LYS A 1545 -7.94 -31.77 29.46
CA LYS A 1545 -7.60 -30.40 29.05
C LYS A 1545 -8.74 -29.42 29.29
N GLN A 1546 -9.96 -29.91 29.50
CA GLN A 1546 -11.08 -29.02 29.83
C GLN A 1546 -10.91 -28.40 31.21
N ILE A 1547 -10.21 -29.08 32.10
CA ILE A 1547 -10.02 -28.61 33.47
C ILE A 1547 -9.20 -27.33 33.46
N PRO A 1548 -9.57 -26.31 34.23
CA PRO A 1548 -8.81 -25.06 34.22
C PRO A 1548 -7.38 -25.24 34.69
N ASN A 1549 -6.47 -24.47 34.08
CA ASN A 1549 -5.05 -24.45 34.45
C ASN A 1549 -4.42 -25.84 34.31
N PHE A 1550 -4.84 -26.59 33.28
CA PHE A 1550 -4.25 -27.89 32.99
C PHE A 1550 -3.22 -27.71 31.87
N THR A 1551 -2.04 -27.26 32.25
CA THR A 1551 -0.93 -27.11 31.31
C THR A 1551 -0.64 -28.46 30.66
N PRO A 1552 -0.28 -28.48 29.37
CA PRO A 1552 0.11 -29.76 28.74
C PRO A 1552 1.16 -30.53 29.52
N GLU A 1553 2.03 -29.86 30.27
CA GLU A 1553 2.97 -30.56 31.14
C GLU A 1553 2.25 -31.15 32.35
N VAL A 1554 1.13 -30.54 32.77
CA VAL A 1554 0.32 -31.11 33.85
C VAL A 1554 -0.55 -32.26 33.37
N VAL A 1555 -0.90 -32.29 32.07
CA VAL A 1555 -1.68 -33.39 31.53
C VAL A 1555 -0.85 -34.68 31.49
N LYS A 1556 0.46 -34.56 31.24
CA LYS A 1556 1.30 -35.75 31.16
C LYS A 1556 1.57 -36.34 32.54
N VAL A 1557 1.89 -35.49 33.52
CA VAL A 1557 2.14 -35.98 34.88
C VAL A 1557 0.88 -36.55 35.50
N ALA A 1558 -0.30 -36.11 35.04
CA ALA A 1558 -1.53 -36.78 35.43
C ALA A 1558 -1.64 -38.14 34.76
N ASN A 1559 -1.29 -38.21 33.47
CA ASN A 1559 -1.37 -39.48 32.75
C ASN A 1559 -0.31 -40.47 33.22
N LYS A 1560 0.84 -39.97 33.67
CA LYS A 1560 1.85 -40.86 34.26
C LYS A 1560 1.32 -41.53 35.52
N TYR A 1561 0.36 -40.90 36.19
CA TYR A 1561 -0.28 -41.44 37.39
C TYR A 1561 -1.49 -42.32 37.06
N GLY A 1562 -1.53 -42.89 35.87
CA GLY A 1562 -2.62 -43.75 35.47
C GLY A 1562 -3.96 -43.04 35.47
N ILE A 1563 -4.03 -41.90 34.79
CA ILE A 1563 -5.24 -41.10 34.69
C ILE A 1563 -5.59 -40.98 33.22
N ASN A 1564 -6.71 -41.57 32.82
CA ASN A 1564 -7.15 -41.61 31.43
C ASN A 1564 -8.17 -40.51 31.12
N ASP A 1565 -9.29 -40.49 31.84
CA ASP A 1565 -10.33 -39.49 31.66
C ASP A 1565 -10.59 -38.79 32.97
N ILE A 1566 -11.30 -37.65 32.90
CA ILE A 1566 -11.72 -36.94 34.11
C ILE A 1566 -12.56 -37.85 34.99
N PHE A 1567 -13.34 -38.75 34.39
CA PHE A 1567 -14.22 -39.63 35.15
C PHE A 1567 -13.44 -40.50 36.13
N ASP A 1568 -12.55 -41.34 35.61
CA ASP A 1568 -11.71 -42.17 36.47
C ASP A 1568 -10.59 -41.39 37.17
N PHE A 1569 -10.61 -40.06 37.04
CA PHE A 1569 -9.65 -39.18 37.69
C PHE A 1569 -10.19 -38.56 38.97
N MET A 1570 -11.42 -38.03 38.92
CA MET A 1570 -11.99 -37.39 40.09
C MET A 1570 -12.28 -38.42 41.18
N GLU A 1571 -12.96 -39.51 40.83
CA GLU A 1571 -13.26 -40.57 41.79
C GLU A 1571 -12.00 -41.26 42.28
N GLN A 1572 -10.85 -41.03 41.65
CA GLN A 1572 -9.60 -41.63 42.07
C GLN A 1572 -8.82 -40.76 43.03
N MET A 1573 -8.86 -39.44 42.86
CA MET A 1573 -8.05 -38.51 43.65
C MET A 1573 -8.87 -37.99 44.82
N ASN A 1574 -8.65 -38.58 45.98
CA ASN A 1574 -9.22 -38.14 47.25
C ASN A 1574 -8.30 -38.59 48.37
N PRO A 1575 -8.34 -37.92 49.52
CA PRO A 1575 -7.45 -38.30 50.62
C PRO A 1575 -7.86 -39.60 51.29
N GLU A 1576 -8.79 -40.34 50.68
CA GLU A 1576 -9.32 -41.57 51.26
C GLU A 1576 -8.79 -42.83 50.58
N GLU A 1577 -8.89 -42.93 49.26
CA GLU A 1577 -8.67 -44.20 48.58
C GLU A 1577 -7.33 -44.30 47.87
N ASN A 1578 -6.66 -43.19 47.60
CA ASN A 1578 -5.36 -43.21 46.93
C ASN A 1578 -4.33 -42.54 47.82
N PRO A 1579 -3.30 -43.26 48.30
CA PRO A 1579 -2.25 -42.61 49.11
C PRO A 1579 -1.36 -41.69 48.29
N ASN A 1580 -1.44 -41.72 46.97
CA ASN A 1580 -0.66 -40.83 46.12
C ASN A 1580 -1.24 -39.43 46.02
N TYR A 1581 -2.27 -39.11 46.82
CA TYR A 1581 -2.84 -37.77 46.76
C TYR A 1581 -1.88 -36.73 47.31
N ALA A 1582 -1.07 -37.10 48.31
CA ALA A 1582 -0.08 -36.17 48.83
C ALA A 1582 1.12 -36.05 47.92
N SER A 1583 1.42 -37.10 47.15
CA SER A 1583 2.53 -37.04 46.20
C SER A 1583 2.14 -36.31 44.93
N LEU A 1584 0.90 -36.50 44.46
CA LEU A 1584 0.47 -35.87 43.21
C LEU A 1584 0.29 -34.37 43.35
N VAL A 1585 0.11 -33.86 44.56
CA VAL A 1585 -0.02 -32.41 44.75
C VAL A 1585 1.34 -31.73 44.59
N LYS A 1586 2.41 -32.38 45.07
CA LYS A 1586 3.75 -31.84 44.84
C LYS A 1586 4.13 -31.88 43.37
N ASP A 1587 3.54 -32.80 42.59
CA ASP A 1587 3.93 -32.96 41.20
C ASP A 1587 3.19 -31.99 40.28
N LEU A 1588 1.86 -31.88 40.45
CA LEU A 1588 1.07 -31.07 39.53
C LEU A 1588 1.43 -29.60 39.63
N GLY A 1589 1.75 -29.12 40.82
CA GLY A 1589 2.14 -27.73 41.00
C GLY A 1589 1.01 -26.75 40.93
N LEU A 1590 -0.19 -27.14 41.37
CA LEU A 1590 -1.37 -26.30 41.29
C LEU A 1590 -1.69 -25.72 42.67
N THR A 1591 -1.89 -24.41 42.74
CA THR A 1591 -2.20 -23.76 44.01
C THR A 1591 -3.58 -24.19 44.50
N GLN A 1592 -3.83 -23.92 45.79
CA GLN A 1592 -5.09 -24.34 46.41
C GLN A 1592 -6.30 -23.71 45.73
N ALA A 1593 -6.12 -22.52 45.13
CA ALA A 1593 -7.24 -21.85 44.48
C ALA A 1593 -7.63 -22.55 43.18
N GLN A 1594 -6.63 -22.90 42.35
CA GLN A 1594 -6.92 -23.58 41.10
C GLN A 1594 -7.57 -24.94 41.32
N LEU A 1595 -7.27 -25.59 42.45
CA LEU A 1595 -7.93 -26.84 42.79
C LEU A 1595 -9.45 -26.63 42.91
N ALA A 1596 -9.85 -25.61 43.68
CA ALA A 1596 -11.28 -25.34 43.85
C ALA A 1596 -11.95 -25.03 42.53
N GLN A 1597 -11.21 -24.47 41.56
CA GLN A 1597 -11.77 -24.23 40.24
C GLN A 1597 -12.12 -25.54 39.54
N ALA A 1598 -11.27 -26.56 39.70
CA ALA A 1598 -11.51 -27.85 39.06
C ALA A 1598 -12.60 -28.65 39.76
N ALA A 1599 -12.67 -28.56 41.10
CA ALA A 1599 -13.69 -29.30 41.83
C ALA A 1599 -15.09 -28.81 41.49
N ASN A 1600 -15.27 -27.49 41.40
CA ASN A 1600 -16.57 -26.95 41.00
C ASN A 1600 -16.87 -27.19 39.53
N PHE A 1601 -15.85 -27.48 38.72
CA PHE A 1601 -16.06 -27.73 37.30
C PHE A 1601 -16.60 -29.13 37.06
N THR A 1602 -16.15 -30.12 37.82
CA THR A 1602 -16.49 -31.51 37.53
C THR A 1602 -17.93 -31.85 37.90
N ASN A 1603 -18.46 -31.26 38.97
CA ASN A 1603 -19.80 -31.65 39.41
C ASN A 1603 -20.91 -30.82 38.79
N ASN A 1604 -20.67 -29.52 38.58
CA ASN A 1604 -21.69 -28.62 38.06
C ASN A 1604 -21.46 -28.19 36.63
N LYS A 1605 -20.29 -28.45 36.05
CA LYS A 1605 -20.01 -28.11 34.66
C LYS A 1605 -19.62 -29.33 33.84
N TYR A 1606 -19.85 -30.53 34.34
CA TYR A 1606 -19.60 -31.77 33.61
C TYR A 1606 -20.70 -32.75 33.94
N PRO A 1607 -21.55 -33.12 32.97
CA PRO A 1607 -22.73 -33.94 33.28
C PRO A 1607 -22.35 -35.28 33.93
N ASP A 1608 -23.23 -35.75 34.83
CA ASP A 1608 -22.96 -36.92 35.66
C ASP A 1608 -23.87 -38.10 35.36
N ILE A 1609 -25.19 -37.91 35.46
CA ILE A 1609 -26.12 -39.03 35.42
C ILE A 1609 -26.25 -39.57 34.00
N THR A 1610 -26.43 -40.88 33.89
CA THR A 1610 -26.47 -41.59 32.62
C THR A 1610 -27.91 -41.87 32.22
N LEU A 1611 -28.08 -42.69 31.17
CA LEU A 1611 -29.38 -42.95 30.58
C LEU A 1611 -29.75 -44.43 30.69
N GLU A 1612 -31.03 -44.71 30.44
CA GLU A 1612 -31.54 -46.06 30.31
C GLU A 1612 -32.72 -46.03 29.36
N PHE A 1613 -32.75 -46.97 28.40
CA PHE A 1613 -33.78 -47.02 27.38
C PHE A 1613 -34.64 -48.26 27.56
N GLU A 1614 -35.89 -48.17 27.14
CA GLU A 1614 -36.82 -49.29 27.20
C GLU A 1614 -37.59 -49.44 25.90
N PRO A 1626 -43.37 -48.84 11.36
CA PRO A 1626 -42.52 -47.78 11.90
C PRO A 1626 -42.02 -48.11 13.31
N ALA A 1627 -40.79 -47.69 13.62
CA ALA A 1627 -40.24 -47.93 14.94
C ALA A 1627 -40.70 -46.85 15.92
N TYR A 1628 -40.61 -47.17 17.20
CA TYR A 1628 -40.95 -46.26 18.29
C TYR A 1628 -40.14 -46.65 19.51
N LEU A 1629 -39.52 -45.66 20.15
CA LEU A 1629 -38.66 -45.92 21.29
C LEU A 1629 -39.04 -45.01 22.45
N LYS A 1630 -38.57 -45.37 23.64
CA LYS A 1630 -38.76 -44.58 24.85
C LYS A 1630 -37.40 -44.30 25.47
N ILE A 1631 -37.25 -43.12 26.06
CA ILE A 1631 -35.97 -42.67 26.61
C ILE A 1631 -36.22 -42.05 27.97
N HIS A 1632 -35.40 -42.44 28.95
CA HIS A 1632 -35.41 -41.86 30.29
C HIS A 1632 -34.09 -41.15 30.54
N ILE A 1633 -34.17 -39.91 31.02
CA ILE A 1633 -33.00 -39.10 31.32
C ILE A 1633 -33.11 -38.62 32.76
N GLU A 1634 -31.95 -38.36 33.38
CA GLU A 1634 -31.91 -37.85 34.74
C GLU A 1634 -30.62 -37.05 34.92
N ARG A 1635 -30.59 -36.23 35.97
CA ARG A 1635 -29.44 -35.38 36.26
C ARG A 1635 -29.18 -35.38 37.76
N GLU A 1636 -28.18 -34.61 38.18
CA GLU A 1636 -27.82 -34.47 39.59
C GLU A 1636 -28.34 -33.16 40.17
N ASP A 1644 -28.02 -26.77 36.73
CA ASP A 1644 -27.60 -26.52 35.36
C ASP A 1644 -27.70 -25.02 35.02
N PRO A 1645 -26.91 -24.18 35.72
CA PRO A 1645 -27.03 -22.73 35.50
C PRO A 1645 -26.74 -22.32 34.08
N THR A 1646 -25.53 -22.63 33.61
CA THR A 1646 -25.08 -22.28 32.27
C THR A 1646 -23.85 -23.12 31.96
N VAL A 1647 -23.43 -23.08 30.70
CA VAL A 1647 -22.21 -23.77 30.28
C VAL A 1647 -21.04 -22.80 30.41
N HIS A 1648 -20.10 -23.13 31.27
CA HIS A 1648 -18.96 -22.26 31.57
C HIS A 1648 -17.72 -22.81 30.88
N ALA A 1649 -17.30 -22.13 29.81
CA ALA A 1649 -16.06 -22.41 29.12
C ALA A 1649 -15.33 -21.10 28.87
N PRO A 1650 -14.18 -20.88 29.52
CA PRO A 1650 -13.49 -19.59 29.43
C PRO A 1650 -12.77 -19.34 28.12
N PHE A 1651 -13.00 -20.15 27.09
CA PHE A 1651 -12.41 -19.97 25.76
C PHE A 1651 -13.48 -19.81 24.70
N TYR A 1652 -14.50 -19.01 25.00
CA TYR A 1652 -15.56 -18.68 24.06
C TYR A 1652 -16.34 -17.46 24.54
N PRO A 1653 -16.62 -16.52 23.63
CA PRO A 1653 -17.33 -15.29 24.04
C PRO A 1653 -18.75 -15.51 24.55
N GLY A 1654 -19.64 -16.10 23.75
CA GLY A 1654 -21.04 -16.20 24.12
C GLY A 1654 -21.59 -17.62 24.13
N LYS A 1655 -22.01 -18.09 25.29
CA LYS A 1655 -22.30 -19.51 25.50
C LYS A 1655 -23.79 -19.79 25.44
N LYS A 1656 -24.11 -21.09 25.44
CA LYS A 1656 -25.47 -21.60 25.58
C LYS A 1656 -25.42 -22.87 26.40
N SER A 1657 -26.51 -23.15 27.12
CA SER A 1657 -26.57 -24.35 27.94
C SER A 1657 -26.47 -25.59 27.06
N GLU A 1658 -26.06 -26.70 27.69
CA GLU A 1658 -25.75 -27.91 26.94
C GLU A 1658 -27.00 -28.49 26.29
N ASN A 1659 -26.92 -28.74 24.99
CA ASN A 1659 -27.97 -29.42 24.25
C ASN A 1659 -27.51 -30.83 23.92
N TRP A 1660 -28.44 -31.78 23.97
CA TRP A 1660 -28.13 -33.19 23.78
C TRP A 1660 -29.00 -33.76 22.67
N TRP A 1661 -28.36 -34.41 21.70
CA TRP A 1661 -29.01 -34.84 20.48
C TRP A 1661 -29.05 -36.36 20.42
N LEU A 1662 -30.19 -36.90 20.00
CA LEU A 1662 -30.43 -38.34 19.98
C LEU A 1662 -30.61 -38.80 18.54
N VAL A 1663 -29.78 -39.75 18.11
CA VAL A 1663 -29.83 -40.29 16.76
C VAL A 1663 -29.73 -41.81 16.84
N VAL A 1664 -30.68 -42.51 16.22
CA VAL A 1664 -30.58 -43.96 16.07
C VAL A 1664 -29.72 -44.28 14.85
N GLY A 1665 -28.99 -45.38 14.90
CA GLY A 1665 -28.18 -45.78 13.78
C GLY A 1665 -27.13 -46.84 14.08
N GLU A 1666 -26.90 -47.73 13.13
CA GLU A 1666 -25.87 -48.76 13.26
C GLU A 1666 -24.70 -48.45 12.35
N GLU A 1667 -23.55 -49.02 12.69
CA GLU A 1667 -22.29 -48.63 12.07
C GLU A 1667 -22.17 -49.15 10.65
N SER A 1668 -22.19 -50.47 10.48
CA SER A 1668 -21.95 -51.08 9.18
C SER A 1668 -23.28 -51.29 8.46
N THR A 1669 -23.62 -50.38 7.57
CA THR A 1669 -24.82 -50.51 6.76
C THR A 1669 -24.51 -50.18 5.30
N LEU A 1673 -29.94 -42.54 11.31
CA LEU A 1673 -31.29 -42.40 10.76
C LEU A 1673 -32.09 -41.29 11.47
N ALA A 1674 -33.02 -41.69 12.33
CA ALA A 1674 -33.86 -40.72 13.02
C ALA A 1674 -33.03 -39.90 14.02
N ILE A 1675 -33.28 -38.59 14.03
CA ILE A 1675 -32.50 -37.64 14.82
C ILE A 1675 -33.44 -36.80 15.68
N LYS A 1676 -33.07 -36.60 16.94
CA LYS A 1676 -33.86 -35.81 17.88
C LYS A 1676 -32.94 -34.82 18.59
N ARG A 1677 -33.37 -33.56 18.67
CA ARG A 1677 -32.61 -32.50 19.33
C ARG A 1677 -33.50 -31.80 20.33
N VAL A 1678 -33.04 -31.72 21.58
CA VAL A 1678 -33.80 -31.07 22.64
C VAL A 1678 -32.87 -30.74 23.78
N THR A 1679 -33.08 -29.59 24.40
CA THR A 1679 -32.39 -29.26 25.64
C THR A 1679 -32.88 -30.19 26.75
N VAL A 1680 -31.96 -30.58 27.62
CA VAL A 1680 -32.25 -31.52 28.70
C VAL A 1680 -32.17 -30.78 30.03
N GLY A 1681 -33.14 -31.05 30.90
CA GLY A 1681 -33.10 -30.57 32.27
C GLY A 1681 -33.10 -31.73 33.24
N LYS A 1682 -33.77 -31.56 34.38
CA LYS A 1682 -33.85 -32.63 35.37
C LYS A 1682 -34.98 -33.59 34.99
N GLU A 1683 -34.62 -34.85 34.72
CA GLU A 1683 -35.57 -35.94 34.50
C GLU A 1683 -36.51 -35.65 33.33
N LEU A 1684 -35.91 -35.60 32.14
CA LEU A 1684 -36.65 -35.41 30.90
C LEU A 1684 -36.92 -36.75 30.22
N ASN A 1685 -38.15 -36.92 29.73
CA ASN A 1685 -38.58 -38.12 29.02
C ASN A 1685 -38.94 -37.75 27.58
N VAL A 1686 -38.30 -38.42 26.62
CA VAL A 1686 -38.53 -38.20 25.20
C VAL A 1686 -38.69 -39.54 24.50
N LYS A 1687 -39.28 -39.48 23.30
CA LYS A 1687 -39.54 -40.65 22.48
C LYS A 1687 -39.07 -40.39 21.07
N LEU A 1688 -38.58 -41.44 20.41
CA LEU A 1688 -38.09 -41.33 19.03
C LEU A 1688 -38.14 -42.71 18.41
N GLU A 1689 -37.59 -42.84 17.21
CA GLU A 1689 -37.57 -44.12 16.51
C GLU A 1689 -36.17 -44.44 15.96
N GLY A 1696 -36.89 -57.15 7.80
CA GLY A 1696 -35.86 -57.96 8.43
C GLY A 1696 -35.77 -57.73 9.93
N LYS A 1697 -34.74 -58.31 10.53
CA LYS A 1697 -34.48 -58.18 11.97
C LYS A 1697 -33.25 -57.31 12.18
N HIS A 1698 -33.34 -56.40 13.15
CA HIS A 1698 -32.25 -55.48 13.45
C HIS A 1698 -32.16 -55.26 14.95
N ASP A 1699 -30.95 -54.94 15.42
CA ASP A 1699 -30.68 -54.56 16.82
C ASP A 1699 -29.88 -53.27 16.75
N LEU A 1700 -30.58 -52.14 16.77
CA LEU A 1700 -29.99 -50.85 16.45
C LEU A 1700 -29.16 -50.32 17.61
N LYS A 1701 -28.72 -49.07 17.49
CA LYS A 1701 -27.79 -48.46 18.45
C LYS A 1701 -28.05 -46.97 18.49
N LEU A 1702 -28.29 -46.43 19.68
CA LEU A 1702 -28.69 -45.04 19.87
C LEU A 1702 -27.54 -44.24 20.47
N PHE A 1703 -27.42 -42.99 20.05
CA PHE A 1703 -26.35 -42.10 20.51
C PHE A 1703 -26.94 -40.93 21.27
N LEU A 1704 -26.15 -40.38 22.20
CA LEU A 1704 -26.54 -39.21 22.98
C LEU A 1704 -25.28 -38.38 23.22
N MET A 1705 -25.12 -37.32 22.42
CA MET A 1705 -23.93 -36.49 22.45
C MET A 1705 -24.33 -35.03 22.63
N SER A 1706 -23.46 -34.27 23.29
CA SER A 1706 -23.73 -32.88 23.61
C SER A 1706 -23.14 -31.96 22.54
N ASP A 1707 -23.19 -30.65 22.78
CA ASP A 1707 -22.61 -29.67 21.88
C ASP A 1707 -21.61 -28.75 22.57
N SER A 1708 -21.42 -28.91 23.88
CA SER A 1708 -20.57 -28.00 24.65
C SER A 1708 -19.50 -28.69 25.49
N TYR A 1709 -19.61 -29.98 25.79
CA TYR A 1709 -18.62 -30.68 26.60
C TYR A 1709 -18.20 -31.96 25.90
N VAL A 1710 -16.92 -32.31 26.05
CA VAL A 1710 -16.29 -33.43 25.36
C VAL A 1710 -16.07 -34.56 26.36
N GLY A 1711 -16.42 -35.78 25.96
CA GLY A 1711 -16.16 -36.94 26.80
C GLY A 1711 -17.39 -37.77 27.08
N VAL A 1712 -18.53 -37.12 27.30
CA VAL A 1712 -19.78 -37.81 27.63
C VAL A 1712 -20.51 -38.10 26.33
N ASP A 1713 -20.41 -39.34 25.85
CA ASP A 1713 -21.13 -39.77 24.66
C ASP A 1713 -21.54 -41.23 24.89
N GLN A 1714 -22.77 -41.43 25.37
CA GLN A 1714 -23.26 -42.77 25.67
C GLN A 1714 -23.86 -43.40 24.43
N ASP A 1715 -23.50 -44.66 24.17
CA ASP A 1715 -23.96 -45.38 22.98
C ASP A 1715 -24.19 -46.85 23.29
N PRO A 1716 -25.40 -47.22 23.69
CA PRO A 1716 -25.76 -48.64 23.80
C PRO A 1716 -26.40 -49.17 22.53
N SER A 1717 -26.32 -50.49 22.37
CA SER A 1717 -26.90 -51.15 21.20
C SER A 1717 -28.16 -51.93 21.58
#